data_5AED
#
_entry.id   5AED
#
_cell.length_a   78.710
_cell.length_b   113.177
_cell.length_c   111.720
_cell.angle_alpha   90.00
_cell.angle_beta   109.23
_cell.angle_gamma   90.00
#
_symmetry.space_group_name_H-M   'P 1 21 1'
#
loop_
_entity.id
_entity.type
_entity.pdbx_description
1 polymer 'ALPHA-GLUCOSIDASE YIHQ'
2 non-polymer (4S)-2-METHYL-2,4-PENTANEDIOL
3 non-polymer 'CALCIUM ION'
4 water water
#
_entity_poly.entity_id   1
_entity_poly.type   'polypeptide(L)'
_entity_poly.pdbx_seq_one_letter_code
;MDTPRPQLLDFQFHQNNDSFTLHFQQRLILTHSKDNPCLWIGSGIADIDMFRGNFSIKDKLQEKIALTDAIVSQSPDGWL
IHFSRGSDISATLNISADDQGRLLLELQNDNLNHNRIWLRLAAQPEDHIYGCGEQFSYFDLRGKPFPLWTSEQGVGRNKQ
TYVTWQADCKENAGGDYYWTFFPQPTFVSTQKYYCHVDNSCYMNFDFSAPEYHELALWEDKATLRFECADTYISLLEKLT
ALLGRQPELPDWIYDGVTLGIQGGTEVCQKKLDTMRNAGVKVNGIWAQDWSGIRMTSFGKRVMWNWKWNSENYPQLDSRI
KQWNQEGVQFLAYINPYVASDKDLCEEAAQHGYLAKDASGGDYLVEFGEFYGGVVDLTNPEAYAWFKEVIKKNMIELGCG
GWMADFGEYLPTDTYLHNGVSAEIMHNAWPALWAKCNYEALEETGKLGEILFFMRAGSTGSQKYSTMMWAGDQNVDWSLD
DGLASVVPAALSLAMTGHGLHHSDIGGYTTLFEMKRSKELLLRWCDFSAFTPMMRTHEGNRPGDNWQFDGDAETIAHFAR
MTTVFTTLKPYLKEAVALNAKSGLPVMRPLFLHYEDDAHTYTLKYQYLLGRDILVAPVHEEGRSDWTLYLPEDNWVHAWT
GEAFRGGEVTVNAPIGKPPVFYRADSEWAALFASLKSILEHHHHHH
;
_entity_poly.pdbx_strand_id   A,B
#
# COMPACT_ATOMS: atom_id res chain seq x y z
N LEU A 8 2.45 -12.30 43.81
CA LEU A 8 1.39 -11.26 43.89
C LEU A 8 0.58 -11.18 42.59
N LEU A 9 -0.66 -10.79 42.79
CA LEU A 9 -1.49 -10.32 41.76
C LEU A 9 -1.90 -8.99 42.34
N ASP A 10 -1.23 -7.92 41.94
CA ASP A 10 -1.33 -6.64 42.64
C ASP A 10 -2.20 -5.53 41.94
N PHE A 11 -3.46 -5.45 42.35
CA PHE A 11 -4.45 -4.60 41.72
C PHE A 11 -4.85 -3.46 42.63
N GLN A 12 -4.62 -2.23 42.20
CA GLN A 12 -4.96 -1.05 42.99
C GLN A 12 -5.87 -0.07 42.22
N PHE A 13 -7.15 0.00 42.62
CA PHE A 13 -8.11 0.99 42.08
C PHE A 13 -8.16 2.24 42.94
N HIS A 14 -8.52 3.36 42.32
CA HIS A 14 -8.85 4.63 42.99
C HIS A 14 -10.22 5.12 42.46
N GLN A 15 -11.30 4.75 43.18
CA GLN A 15 -12.70 5.00 42.78
C GLN A 15 -13.06 6.46 42.55
N ASN A 16 -12.41 7.34 43.33
CA ASN A 16 -12.55 8.79 43.22
C ASN A 16 -12.45 9.31 41.77
N ASN A 17 -11.45 8.85 41.01
CA ASN A 17 -11.26 9.27 39.61
C ASN A 17 -11.22 8.12 38.55
N ASP A 18 -11.77 6.96 38.92
CA ASP A 18 -11.94 5.84 37.97
C ASP A 18 -10.61 5.52 37.31
N SER A 19 -9.59 5.32 38.12
CA SER A 19 -8.23 5.06 37.64
C SER A 19 -7.62 3.81 38.33
N PHE A 20 -6.70 3.08 37.67
CA PHE A 20 -6.07 1.91 38.30
C PHE A 20 -4.76 1.43 37.66
N THR A 21 -4.10 0.51 38.38
CA THR A 21 -2.94 -0.23 37.89
C THR A 21 -3.08 -1.71 38.25
N LEU A 22 -2.46 -2.55 37.42
CA LEU A 22 -2.36 -3.99 37.69
C LEU A 22 -0.91 -4.42 37.50
N HIS A 23 -0.30 -4.98 38.53
CA HIS A 23 1.01 -5.60 38.44
C HIS A 23 0.72 -7.05 38.54
N PHE A 24 1.55 -7.87 37.90
CA PHE A 24 1.45 -9.31 38.02
C PHE A 24 2.88 -9.77 38.14
N GLN A 25 3.20 -10.31 39.31
CA GLN A 25 4.56 -10.70 39.70
C GLN A 25 5.58 -9.63 39.46
N GLN A 26 5.20 -8.40 39.78
CA GLN A 26 6.01 -7.19 39.64
C GLN A 26 5.97 -6.59 38.26
N ARG A 27 5.43 -7.29 37.24
CA ARG A 27 5.35 -6.70 35.92
C ARG A 27 4.14 -5.75 35.89
N LEU A 28 4.33 -4.52 35.41
CA LEU A 28 3.18 -3.65 35.18
C LEU A 28 2.47 -4.09 33.87
N ILE A 29 1.24 -4.59 34.00
CA ILE A 29 0.43 -5.08 32.89
C ILE A 29 -0.64 -4.06 32.37
N LEU A 30 -1.44 -3.51 33.29
CA LEU A 30 -2.43 -2.46 32.96
C LEU A 30 -2.22 -1.12 33.71
N THR A 31 -2.41 0.00 33.03
CA THR A 31 -2.68 1.30 33.69
C THR A 31 -3.83 1.96 32.99
N HIS A 32 -4.72 2.55 33.76
CA HIS A 32 -5.92 3.17 33.23
C HIS A 32 -6.28 4.43 34.01
N SER A 33 -6.43 5.55 33.32
CA SER A 33 -7.01 6.75 33.90
C SER A 33 -7.93 7.39 32.86
N LYS A 34 -8.63 8.45 33.25
CA LYS A 34 -9.54 9.18 32.36
C LYS A 34 -8.85 9.80 31.19
N ASP A 35 -7.62 10.26 31.38
CA ASP A 35 -6.81 10.85 30.30
C ASP A 35 -6.00 9.85 29.52
N ASN A 36 -5.80 8.66 30.10
CA ASN A 36 -5.08 7.58 29.46
C ASN A 36 -5.76 6.26 29.67
N PRO A 37 -6.88 6.01 28.95
CA PRO A 37 -7.57 4.75 29.13
C PRO A 37 -6.77 3.57 28.56
N CYS A 38 -7.08 2.37 29.02
CA CYS A 38 -6.52 1.16 28.51
C CYS A 38 -7.51 0.41 27.55
N LEU A 39 -8.75 0.85 27.49
CA LEU A 39 -9.81 0.16 26.78
C LEU A 39 -10.70 1.12 25.91
N TRP A 40 -10.77 0.81 24.60
CA TRP A 40 -11.71 1.36 23.65
C TRP A 40 -12.60 0.23 23.11
N ILE A 41 -13.88 0.50 22.85
CA ILE A 41 -14.68 -0.46 22.11
C ILE A 41 -15.37 0.22 20.98
N GLY A 42 -15.93 -0.56 20.08
CA GLY A 42 -16.63 0.04 18.94
C GLY A 42 -17.15 -0.98 17.99
N SER A 43 -17.19 -0.66 16.70
CA SER A 43 -17.69 -1.60 15.74
C SER A 43 -17.15 -1.29 14.38
N GLY A 44 -17.13 -2.31 13.54
CA GLY A 44 -16.70 -2.15 12.15
C GLY A 44 -17.28 -3.27 11.33
N ILE A 45 -17.06 -3.16 10.05
CA ILE A 45 -17.48 -4.18 9.07
C ILE A 45 -16.21 -4.63 8.33
N ALA A 46 -15.83 -5.91 8.49
CA ALA A 46 -14.76 -6.56 7.72
C ALA A 46 -14.98 -6.43 6.20
N ASP A 47 -14.01 -5.85 5.52
CA ASP A 47 -14.04 -5.69 4.06
C ASP A 47 -12.96 -6.64 3.47
N ILE A 48 -13.43 -7.79 3.02
CA ILE A 48 -12.63 -8.96 2.67
C ILE A 48 -12.71 -9.20 1.16
N ASP A 49 -11.54 -9.27 0.53
CA ASP A 49 -11.40 -9.85 -0.84
C ASP A 49 -10.37 -11.01 -0.77
N MET A 50 -10.83 -12.23 -1.05
CA MET A 50 -10.03 -13.44 -0.77
C MET A 50 -8.78 -13.63 -1.66
N PHE A 51 -8.91 -13.29 -2.95
CA PHE A 51 -7.82 -13.46 -3.93
C PHE A 51 -7.18 -14.88 -3.83
N ARG A 52 -8.03 -15.90 -3.75
CA ARG A 52 -7.63 -17.32 -3.68
C ARG A 52 -6.63 -17.57 -2.54
N GLY A 53 -6.94 -16.99 -1.38
CA GLY A 53 -6.09 -17.10 -0.20
C GLY A 53 -5.12 -15.95 0.06
N ASN A 54 -4.85 -15.11 -0.95
CA ASN A 54 -4.00 -13.93 -0.80
C ASN A 54 -4.78 -12.75 -0.26
N PHE A 55 -5.34 -12.97 0.95
CA PHE A 55 -6.43 -12.13 1.45
C PHE A 55 -6.04 -10.67 1.53
N SER A 56 -6.95 -9.81 1.07
CA SER A 56 -6.96 -8.37 1.38
C SER A 56 -8.11 -8.17 2.39
N ILE A 57 -7.77 -7.78 3.63
CA ILE A 57 -8.70 -7.71 4.76
C ILE A 57 -8.44 -6.34 5.45
N LYS A 58 -9.37 -5.38 5.20
CA LYS A 58 -9.42 -3.95 5.67
C LYS A 58 -10.73 -3.78 6.52
N ASP A 59 -10.69 -2.91 7.54
CA ASP A 59 -11.90 -2.62 8.33
C ASP A 59 -12.63 -1.45 7.67
N LYS A 60 -13.95 -1.50 7.55
CA LYS A 60 -14.78 -0.27 7.47
C LYS A 60 -15.13 0.09 8.90
N LEU A 61 -14.33 0.93 9.52
CA LEU A 61 -14.55 1.28 10.92
C LEU A 61 -15.79 2.22 11.10
N GLN A 62 -16.69 1.84 12.02
CA GLN A 62 -17.88 2.67 12.33
C GLN A 62 -17.70 3.54 13.59
N GLU A 63 -17.24 2.92 14.66
CA GLU A 63 -16.95 3.69 15.88
C GLU A 63 -15.82 3.11 16.60
N LYS A 64 -15.16 3.99 17.33
CA LYS A 64 -14.08 3.65 18.24
C LYS A 64 -14.20 4.57 19.42
N ILE A 65 -14.45 4.04 20.61
CA ILE A 65 -14.85 4.85 21.78
C ILE A 65 -14.00 4.53 23.02
N ALA A 66 -13.36 5.52 23.61
CA ALA A 66 -12.60 5.33 24.81
C ALA A 66 -13.59 5.17 26.00
N LEU A 67 -13.46 4.09 26.76
CA LEU A 67 -14.31 3.86 27.97
C LEU A 67 -13.60 4.49 29.18
N THR A 68 -13.89 5.76 29.44
CA THR A 68 -13.12 6.56 30.39
C THR A 68 -13.63 6.37 31.88
N ASP A 69 -14.89 5.95 32.02
CA ASP A 69 -15.52 5.60 33.32
C ASP A 69 -15.33 4.15 33.68
N ALA A 70 -15.00 3.94 34.95
CA ALA A 70 -14.63 2.63 35.52
C ALA A 70 -15.08 2.52 37.03
N ILE A 71 -15.88 1.52 37.33
CA ILE A 71 -16.28 1.14 38.70
C ILE A 71 -15.83 -0.31 39.04
N VAL A 72 -15.20 -0.50 40.19
CA VAL A 72 -14.83 -1.84 40.67
C VAL A 72 -15.83 -2.48 41.61
N SER A 73 -15.83 -3.81 41.61
CA SER A 73 -16.48 -4.62 42.63
C SER A 73 -15.70 -5.90 42.71
N GLN A 74 -15.87 -6.66 43.78
CA GLN A 74 -15.11 -7.90 43.97
C GLN A 74 -15.95 -9.16 43.78
N SER A 75 -15.57 -9.96 42.78
CA SER A 75 -16.15 -11.30 42.56
C SER A 75 -15.42 -12.35 43.44
N PRO A 76 -15.86 -13.63 43.40
CA PRO A 76 -15.16 -14.72 44.13
C PRO A 76 -13.65 -14.89 43.81
N ASP A 77 -13.28 -15.09 42.53
CA ASP A 77 -11.87 -15.29 42.12
C ASP A 77 -11.04 -13.96 42.09
N GLY A 78 -11.68 -12.80 42.16
CA GLY A 78 -10.95 -11.53 42.10
C GLY A 78 -11.81 -10.35 41.67
N TRP A 79 -11.24 -9.43 40.87
CA TRP A 79 -11.86 -8.12 40.61
C TRP A 79 -12.67 -8.00 39.31
N LEU A 80 -13.78 -7.26 39.37
CA LEU A 80 -14.67 -7.02 38.23
C LEU A 80 -14.80 -5.51 38.00
N ILE A 81 -14.34 -5.06 36.84
CA ILE A 81 -14.41 -3.64 36.46
C ILE A 81 -15.50 -3.46 35.41
N HIS A 82 -16.38 -2.47 35.63
CA HIS A 82 -17.48 -2.15 34.78
C HIS A 82 -17.06 -0.85 34.12
N PHE A 83 -16.66 -0.94 32.85
CA PHE A 83 -16.14 0.22 32.12
C PHE A 83 -17.30 0.74 31.35
N SER A 84 -17.38 2.06 31.23
CA SER A 84 -18.41 2.64 30.40
C SER A 84 -18.10 4.06 29.88
N ARG A 85 -18.94 4.51 28.96
CA ARG A 85 -18.89 5.86 28.42
C ARG A 85 -20.34 6.30 28.08
N GLY A 86 -20.99 7.02 28.98
CA GLY A 86 -22.47 7.25 28.86
C GLY A 86 -23.16 5.90 29.05
N SER A 87 -24.45 5.82 28.76
CA SER A 87 -25.24 4.68 29.21
C SER A 87 -25.44 3.59 28.13
N ASP A 88 -25.33 3.94 26.83
CA ASP A 88 -25.46 2.93 25.75
C ASP A 88 -24.09 2.32 25.31
N ILE A 89 -23.00 2.59 26.08
CA ILE A 89 -21.65 2.08 25.74
C ILE A 89 -20.94 1.54 26.99
N SER A 90 -20.83 0.23 27.07
CA SER A 90 -20.12 -0.34 28.21
C SER A 90 -19.51 -1.73 27.93
N ALA A 91 -18.58 -2.09 28.82
CA ALA A 91 -17.97 -3.44 28.84
C ALA A 91 -17.50 -3.76 30.22
N THR A 92 -17.31 -5.06 30.49
CA THR A 92 -16.69 -5.49 31.75
C THR A 92 -15.36 -6.20 31.59
N LEU A 93 -14.49 -6.05 32.58
CA LEU A 93 -13.25 -6.76 32.65
C LEU A 93 -13.21 -7.54 33.97
N ASN A 94 -13.14 -8.87 33.89
CA ASN A 94 -12.85 -9.65 35.07
C ASN A 94 -11.36 -10.01 35.15
N ILE A 95 -10.76 -9.67 36.29
CA ILE A 95 -9.36 -9.94 36.59
C ILE A 95 -9.34 -11.04 37.61
N SER A 96 -8.60 -12.10 37.33
CA SER A 96 -8.53 -13.24 38.26
C SER A 96 -7.31 -14.08 37.98
N ALA A 97 -7.17 -15.18 38.72
CA ALA A 97 -6.09 -16.15 38.49
C ALA A 97 -6.72 -17.52 38.23
N ASP A 98 -6.22 -18.22 37.19
CA ASP A 98 -6.75 -19.52 36.79
C ASP A 98 -6.17 -20.66 37.66
N ASP A 99 -6.56 -21.90 37.36
CA ASP A 99 -6.19 -23.03 38.21
C ASP A 99 -4.68 -23.19 38.47
N GLN A 100 -3.81 -22.75 37.56
CA GLN A 100 -2.34 -22.85 37.73
C GLN A 100 -1.63 -21.54 38.12
N GLY A 101 -2.39 -20.51 38.48
CA GLY A 101 -1.76 -19.26 38.89
C GLY A 101 -1.42 -18.31 37.77
N ARG A 102 -2.06 -18.48 36.61
CA ARG A 102 -1.86 -17.54 35.47
C ARG A 102 -2.82 -16.36 35.63
N LEU A 103 -2.36 -15.15 35.38
CA LEU A 103 -3.27 -13.99 35.28
C LEU A 103 -4.26 -14.19 34.11
N LEU A 104 -5.55 -14.14 34.41
CA LEU A 104 -6.63 -14.34 33.46
C LEU A 104 -7.45 -13.05 33.37
N LEU A 105 -7.61 -12.53 32.14
CA LEU A 105 -8.35 -11.29 31.83
C LEU A 105 -9.50 -11.69 30.95
N GLU A 106 -10.73 -11.42 31.38
CA GLU A 106 -11.91 -11.70 30.59
C GLU A 106 -12.67 -10.43 30.34
N LEU A 107 -12.71 -10.05 29.07
CA LEU A 107 -13.38 -8.84 28.60
C LEU A 107 -14.70 -9.26 27.96
N GLN A 108 -15.77 -8.56 28.28
CA GLN A 108 -17.05 -8.80 27.61
C GLN A 108 -17.76 -7.46 27.35
N ASN A 109 -17.99 -7.15 26.08
CA ASN A 109 -18.67 -5.91 25.75
C ASN A 109 -20.18 -6.03 26.03
N ASP A 110 -20.85 -4.90 26.25
CA ASP A 110 -22.30 -4.82 26.37
C ASP A 110 -23.06 -5.71 25.41
N ASN A 111 -22.81 -5.62 24.11
CA ASN A 111 -23.58 -6.38 23.16
C ASN A 111 -22.79 -6.76 21.92
N LEU A 112 -23.39 -7.66 21.13
CA LEU A 112 -22.79 -8.18 19.94
C LEU A 112 -22.45 -7.14 18.94
N ASN A 113 -23.24 -6.09 18.86
CA ASN A 113 -22.98 -5.04 17.88
C ASN A 113 -21.70 -4.27 18.09
N HIS A 114 -21.21 -4.27 19.32
CA HIS A 114 -19.88 -3.82 19.59
C HIS A 114 -18.82 -4.90 19.37
N ASN A 115 -18.39 -5.02 18.11
CA ASN A 115 -17.57 -6.12 17.65
C ASN A 115 -16.11 -5.66 17.43
N ARG A 116 -15.68 -4.60 18.10
CA ARG A 116 -14.29 -4.20 18.11
C ARG A 116 -13.84 -3.91 19.52
N ILE A 117 -12.63 -4.36 19.84
CA ILE A 117 -11.99 -4.11 21.07
C ILE A 117 -10.55 -3.65 20.79
N TRP A 118 -10.07 -2.66 21.55
CA TRP A 118 -8.68 -2.25 21.59
C TRP A 118 -8.26 -2.21 23.06
N LEU A 119 -7.31 -3.07 23.46
CA LEU A 119 -6.74 -3.10 24.79
C LEU A 119 -5.25 -2.73 24.75
N ARG A 120 -4.85 -1.79 25.61
CA ARG A 120 -3.45 -1.46 25.79
C ARG A 120 -2.87 -2.12 27.01
N LEU A 121 -1.65 -2.60 26.82
CA LEU A 121 -0.82 -3.15 27.86
C LEU A 121 0.38 -2.22 28.00
N ALA A 122 0.74 -1.92 29.27
CA ALA A 122 1.97 -1.15 29.58
C ALA A 122 3.20 -1.87 29.08
N ALA A 123 4.13 -1.07 28.61
CA ALA A 123 5.37 -1.57 28.09
C ALA A 123 6.45 -0.58 28.45
N GLN A 124 7.70 -1.00 28.36
CA GLN A 124 8.80 -0.08 28.40
C GLN A 124 9.46 0.05 27.04
N PRO A 125 10.06 1.21 26.75
CA PRO A 125 10.80 1.44 25.49
C PRO A 125 11.84 0.39 25.11
N GLU A 126 12.53 -0.20 26.10
CA GLU A 126 13.61 -1.13 25.81
C GLU A 126 13.13 -2.60 25.56
N ASP A 127 11.86 -2.91 25.81
CA ASP A 127 11.40 -4.29 25.66
C ASP A 127 11.47 -4.82 24.20
N HIS A 128 11.84 -6.10 24.04
CA HIS A 128 11.77 -6.83 22.76
C HIS A 128 10.62 -7.80 22.88
N ILE A 129 10.12 -8.25 21.72
CA ILE A 129 8.85 -8.99 21.65
C ILE A 129 9.05 -10.08 20.61
N TYR A 130 8.72 -11.31 20.95
CA TYR A 130 8.97 -12.41 20.05
C TYR A 130 7.75 -13.25 19.98
N GLY A 131 7.69 -13.95 18.87
CA GLY A 131 6.57 -14.89 18.64
C GLY A 131 5.52 -14.51 17.62
N CYS A 132 4.25 -14.56 18.04
CA CYS A 132 3.12 -14.38 17.13
C CYS A 132 3.11 -15.40 16.00
N GLY A 133 3.46 -16.67 16.33
CA GLY A 133 3.45 -17.81 15.40
C GLY A 133 4.73 -17.86 14.56
N GLU A 134 4.58 -18.09 13.25
CA GLU A 134 5.69 -18.18 12.33
C GLU A 134 5.86 -16.91 11.49
N GLN A 135 6.91 -16.16 11.78
CA GLN A 135 7.12 -14.81 11.18
C GLN A 135 8.40 -14.88 10.33
N PHE A 136 8.30 -14.41 9.10
CA PHE A 136 9.35 -14.60 8.13
C PHE A 136 10.19 -13.36 7.87
N SER A 137 9.67 -12.18 8.14
CA SER A 137 10.49 -10.95 7.98
C SER A 137 11.10 -10.41 9.27
N TYR A 138 10.48 -10.58 10.41
CA TYR A 138 10.99 -10.11 11.65
C TYR A 138 10.95 -11.23 12.68
N PHE A 139 11.93 -11.22 13.59
CA PHE A 139 11.93 -12.12 14.75
C PHE A 139 11.53 -11.28 15.97
N ASP A 140 12.42 -10.39 16.44
CA ASP A 140 11.96 -9.24 17.29
C ASP A 140 10.87 -8.48 16.51
N LEU A 141 9.69 -8.41 17.11
CA LEU A 141 8.55 -7.71 16.56
C LEU A 141 8.45 -6.22 16.91
N ARG A 142 9.23 -5.77 17.93
CA ARG A 142 9.10 -4.42 18.46
C ARG A 142 9.34 -3.41 17.38
N GLY A 143 8.47 -2.41 17.32
CA GLY A 143 8.52 -1.35 16.31
C GLY A 143 7.47 -1.45 15.21
N LYS A 144 6.75 -2.59 15.10
CA LYS A 144 5.78 -2.75 13.99
C LYS A 144 4.47 -3.31 14.44
N PRO A 145 3.43 -3.12 13.63
CA PRO A 145 2.21 -3.83 13.89
C PRO A 145 2.13 -5.14 13.08
N PHE A 146 1.42 -6.10 13.65
CA PHE A 146 1.24 -7.46 13.08
C PHE A 146 -0.21 -7.91 13.05
N PRO A 147 -0.87 -7.73 11.90
CA PRO A 147 -2.14 -8.40 11.69
C PRO A 147 -1.94 -9.91 11.78
N LEU A 148 -2.92 -10.61 12.33
CA LEU A 148 -2.87 -12.02 12.62
C LEU A 148 -4.10 -12.70 11.94
N TRP A 149 -3.90 -13.08 10.69
CA TRP A 149 -4.96 -13.62 9.85
C TRP A 149 -4.27 -14.64 8.97
N THR A 150 -4.56 -15.95 9.18
CA THR A 150 -3.84 -16.95 8.36
C THR A 150 -4.15 -16.76 6.86
N SER A 151 -3.10 -16.84 6.05
CA SER A 151 -3.29 -16.61 4.63
C SER A 151 -2.20 -17.25 3.85
N GLU A 152 -2.27 -17.16 2.51
CA GLU A 152 -1.03 -17.33 1.77
C GLU A 152 0.05 -16.41 2.28
N GLN A 153 1.30 -16.91 2.17
CA GLN A 153 2.46 -16.36 2.82
C GLN A 153 3.08 -15.23 1.95
N GLY A 154 2.80 -15.24 0.64
CA GLY A 154 3.32 -14.20 -0.26
C GLY A 154 4.44 -14.73 -1.13
N VAL A 155 4.62 -14.10 -2.25
CA VAL A 155 5.69 -14.42 -3.20
C VAL A 155 6.47 -13.12 -3.34
N GLY A 156 7.65 -13.06 -2.73
CA GLY A 156 8.51 -11.85 -2.68
C GLY A 156 8.38 -11.18 -1.29
N ARG A 157 7.12 -10.92 -0.90
CA ARG A 157 6.77 -10.41 0.45
C ARG A 157 7.33 -8.98 0.76
N ASN A 158 7.77 -8.20 -0.23
CA ASN A 158 8.36 -6.91 0.09
C ASN A 158 8.01 -5.98 -1.05
N LYS A 159 7.30 -4.87 -0.81
CA LYS A 159 6.78 -4.04 -1.92
C LYS A 159 7.88 -3.37 -2.75
N GLN A 160 9.06 -3.35 -2.21
CA GLN A 160 10.23 -2.83 -2.88
C GLN A 160 11.09 -3.87 -3.64
N THR A 161 10.59 -5.09 -3.85
CA THR A 161 11.29 -6.06 -4.72
C THR A 161 10.40 -6.44 -5.89
N TYR A 162 11.08 -6.72 -6.99
CA TYR A 162 10.43 -6.86 -8.29
C TYR A 162 9.40 -8.02 -8.37
N VAL A 163 9.78 -9.16 -7.78
CA VAL A 163 8.94 -10.34 -7.88
C VAL A 163 7.65 -10.08 -7.12
N THR A 164 7.73 -9.36 -6.01
CA THR A 164 6.53 -9.02 -5.21
C THR A 164 5.56 -8.16 -6.04
N TRP A 165 6.12 -7.20 -6.77
CA TRP A 165 5.33 -6.35 -7.65
C TRP A 165 4.67 -7.18 -8.75
N GLN A 166 5.43 -8.05 -9.39
CA GLN A 166 4.80 -8.99 -10.37
C GLN A 166 3.72 -9.86 -9.78
N ALA A 167 3.95 -10.42 -8.60
CA ALA A 167 2.97 -11.31 -8.03
C ALA A 167 1.70 -10.53 -7.64
N ASP A 168 1.88 -9.30 -7.15
CA ASP A 168 0.74 -8.39 -6.86
C ASP A 168 -0.12 -8.07 -8.08
N CYS A 169 0.52 -7.75 -9.19
CA CYS A 169 -0.15 -7.57 -10.51
C CYS A 169 -1.00 -8.76 -10.94
N LYS A 170 -0.58 -9.98 -10.59
CA LYS A 170 -1.29 -11.20 -10.96
C LYS A 170 -2.44 -11.59 -10.06
N GLU A 171 -2.26 -11.67 -8.72
CA GLU A 171 -3.41 -11.97 -7.83
C GLU A 171 -3.24 -11.49 -6.40
N ASN A 172 -2.78 -10.26 -6.28
CA ASN A 172 -2.49 -9.71 -4.95
C ASN A 172 -1.61 -10.68 -4.20
N ALA A 173 -0.74 -11.40 -4.92
CA ALA A 173 -0.04 -12.58 -4.35
C ALA A 173 1.36 -12.28 -3.78
N GLY A 174 1.80 -11.03 -3.94
CA GLY A 174 3.08 -10.57 -3.49
C GLY A 174 3.22 -10.61 -1.97
N GLY A 175 2.20 -10.23 -1.28
CA GLY A 175 2.18 -10.15 0.16
C GLY A 175 3.02 -9.03 0.78
N ASP A 176 3.30 -9.19 2.07
CA ASP A 176 4.02 -8.21 2.87
C ASP A 176 4.65 -8.87 4.10
N TYR A 177 5.32 -8.05 4.92
CA TYR A 177 6.24 -8.48 5.92
C TYR A 177 5.58 -9.35 6.93
N TYR A 178 4.29 -9.14 7.16
CA TYR A 178 3.52 -9.87 8.20
C TYR A 178 2.72 -11.06 7.68
N TRP A 179 2.74 -11.30 6.37
CA TRP A 179 1.89 -12.35 5.84
C TRP A 179 2.44 -13.72 6.35
N THR A 180 1.54 -14.62 6.73
CA THR A 180 1.90 -15.96 7.16
C THR A 180 0.70 -16.90 7.15
N PHE A 181 0.97 -18.19 6.94
CA PHE A 181 0.03 -19.28 7.15
C PHE A 181 -0.09 -19.82 8.57
N PHE A 182 0.72 -19.30 9.47
CA PHE A 182 0.71 -19.65 10.90
C PHE A 182 0.95 -18.41 11.82
N PRO A 183 0.03 -17.45 11.79
CA PRO A 183 0.11 -16.39 12.76
C PRO A 183 -0.52 -16.99 14.03
N GLN A 184 -0.25 -16.37 15.17
CA GLN A 184 -0.86 -16.83 16.41
C GLN A 184 -0.91 -15.70 17.46
N PRO A 185 -2.02 -15.58 18.22
CA PRO A 185 -2.10 -14.47 19.16
C PRO A 185 -1.40 -14.76 20.49
N THR A 186 -0.09 -14.93 20.42
CA THR A 186 0.68 -15.38 21.53
C THR A 186 2.03 -14.72 21.36
N PHE A 187 2.52 -14.02 22.37
CA PHE A 187 3.86 -13.51 22.33
C PHE A 187 4.57 -13.56 23.67
N VAL A 188 5.89 -13.39 23.57
CA VAL A 188 6.82 -13.34 24.68
C VAL A 188 7.50 -11.97 24.73
N SER A 189 7.54 -11.39 25.94
CA SER A 189 8.24 -10.12 26.25
C SER A 189 9.54 -10.36 26.97
N THR A 190 10.46 -9.41 26.84
CA THR A 190 11.70 -9.45 27.60
C THR A 190 11.56 -8.97 29.05
N GLN A 191 10.35 -8.68 29.51
CA GLN A 191 10.00 -8.64 30.92
C GLN A 191 9.71 -10.09 31.41
N LYS A 192 9.99 -11.05 30.54
CA LYS A 192 9.89 -12.45 30.88
C LYS A 192 8.53 -12.82 31.33
N TYR A 193 7.57 -12.52 30.44
CA TYR A 193 6.23 -13.11 30.47
C TYR A 193 5.80 -13.55 29.05
N TYR A 194 4.78 -14.40 28.98
CA TYR A 194 4.06 -14.59 27.74
C TYR A 194 2.64 -14.11 27.92
N CYS A 195 2.04 -13.74 26.78
CA CYS A 195 0.61 -13.38 26.70
C CYS A 195 -0.05 -14.26 25.65
N HIS A 196 -1.13 -14.91 26.02
CA HIS A 196 -1.84 -15.76 25.08
C HIS A 196 -3.28 -15.39 25.03
N VAL A 197 -3.81 -15.18 23.83
CA VAL A 197 -5.20 -14.85 23.68
C VAL A 197 -5.95 -16.05 23.11
N ASP A 198 -7.08 -16.43 23.75
CA ASP A 198 -7.89 -17.61 23.30
C ASP A 198 -8.61 -17.48 22.00
N ASN A 199 -8.99 -16.27 21.67
CA ASN A 199 -9.84 -15.97 20.56
C ASN A 199 -9.21 -16.40 19.21
N SER A 200 -10.06 -16.61 18.22
CA SER A 200 -9.60 -16.89 16.84
C SER A 200 -10.10 -15.89 15.80
N CYS A 201 -10.64 -14.76 16.23
CA CYS A 201 -11.11 -13.71 15.30
C CYS A 201 -9.88 -13.02 14.66
N TYR A 202 -10.09 -12.19 13.62
CA TYR A 202 -9.04 -11.26 13.18
C TYR A 202 -8.54 -10.44 14.39
N MET A 203 -7.22 -10.37 14.54
CA MET A 203 -6.51 -9.53 15.50
C MET A 203 -5.40 -8.74 14.84
N ASN A 204 -5.02 -7.64 15.48
CA ASN A 204 -3.84 -6.85 15.11
C ASN A 204 -3.07 -6.50 16.40
N PHE A 205 -1.86 -7.04 16.51
CA PHE A 205 -0.99 -6.84 17.70
C PHE A 205 0.04 -5.79 17.27
N ASP A 206 -0.12 -4.61 17.84
CA ASP A 206 0.73 -3.46 17.52
C ASP A 206 1.80 -3.23 18.60
N PHE A 207 3.06 -3.57 18.26
CA PHE A 207 4.18 -3.36 19.13
C PHE A 207 5.01 -2.12 18.74
N SER A 208 4.39 -1.09 18.18
CA SER A 208 5.14 0.07 17.66
C SER A 208 5.34 1.23 18.66
N ALA A 209 4.47 1.36 19.66
CA ALA A 209 4.61 2.47 20.62
C ALA A 209 5.59 2.11 21.73
N PRO A 210 6.46 3.04 22.09
CA PRO A 210 7.40 2.82 23.20
C PRO A 210 6.79 2.46 24.56
N GLU A 211 5.61 2.98 24.89
CA GLU A 211 5.06 2.80 26.25
C GLU A 211 3.91 1.81 26.40
N TYR A 212 3.42 1.22 25.31
CA TYR A 212 2.34 0.25 25.41
C TYR A 212 2.31 -0.60 24.13
N HIS A 213 1.81 -1.82 24.32
CA HIS A 213 1.38 -2.67 23.25
C HIS A 213 -0.11 -2.53 23.08
N GLU A 214 -0.57 -2.45 21.82
CA GLU A 214 -2.02 -2.35 21.58
C GLU A 214 -2.55 -3.59 20.86
N LEU A 215 -3.50 -4.25 21.48
CA LEU A 215 -4.11 -5.45 20.95
C LEU A 215 -5.52 -5.15 20.43
N ALA A 216 -5.69 -5.21 19.11
CA ALA A 216 -7.03 -5.01 18.50
C ALA A 216 -7.66 -6.37 18.16
N LEU A 217 -8.90 -6.59 18.58
CA LEU A 217 -9.65 -7.79 18.26
C LEU A 217 -10.92 -7.41 17.57
N TRP A 218 -11.27 -8.18 16.54
CA TRP A 218 -12.51 -8.01 15.88
C TRP A 218 -13.52 -8.95 16.49
N GLU A 219 -13.88 -8.69 17.73
CA GLU A 219 -14.94 -9.48 18.40
C GLU A 219 -15.44 -8.70 19.61
N ASP A 220 -16.59 -9.10 20.13
CA ASP A 220 -17.21 -8.44 21.28
C ASP A 220 -16.73 -8.95 22.63
N LYS A 221 -15.75 -9.85 22.64
CA LYS A 221 -15.26 -10.41 23.87
C LYS A 221 -13.84 -10.83 23.66
N ALA A 222 -13.11 -10.93 24.75
CA ALA A 222 -11.75 -11.41 24.73
C ALA A 222 -11.33 -12.13 26.05
N THR A 223 -10.50 -13.15 25.90
CA THR A 223 -9.81 -13.79 27.02
C THR A 223 -8.34 -13.80 26.80
N LEU A 224 -7.57 -13.22 27.71
CA LEU A 224 -6.12 -13.26 27.69
C LEU A 224 -5.56 -13.91 28.94
N ARG A 225 -4.42 -14.60 28.80
CA ARG A 225 -3.71 -15.26 29.92
C ARG A 225 -2.25 -14.90 29.86
N PHE A 226 -1.67 -14.65 31.03
CA PHE A 226 -0.24 -14.38 31.17
C PHE A 226 0.45 -15.25 32.22
N GLU A 227 1.73 -15.50 32.00
CA GLU A 227 2.50 -16.23 32.98
C GLU A 227 3.88 -15.71 32.87
N CYS A 228 4.55 -15.63 34.04
CA CYS A 228 5.92 -15.20 34.15
C CYS A 228 6.86 -16.30 34.45
N ALA A 229 8.14 -16.02 34.25
CA ALA A 229 9.19 -16.95 34.63
C ALA A 229 10.49 -16.24 34.79
N ASP A 230 11.47 -16.94 35.38
CA ASP A 230 12.79 -16.37 35.74
C ASP A 230 13.78 -16.45 34.62
N THR A 231 13.59 -17.44 33.73
CA THR A 231 14.36 -17.61 32.49
C THR A 231 13.40 -17.82 31.26
N TYR A 232 13.93 -17.63 30.05
CA TYR A 232 13.19 -17.97 28.82
C TYR A 232 12.94 -19.47 28.72
N ILE A 233 13.94 -20.28 29.06
CA ILE A 233 13.79 -21.73 29.01
C ILE A 233 12.61 -22.12 29.86
N SER A 234 12.54 -21.58 31.08
CA SER A 234 11.42 -21.93 31.99
C SER A 234 10.09 -21.37 31.46
N LEU A 235 10.16 -20.18 30.88
CA LEU A 235 8.97 -19.55 30.24
C LEU A 235 8.41 -20.47 29.13
N LEU A 236 9.29 -21.05 28.31
CA LEU A 236 8.84 -22.02 27.25
C LEU A 236 8.33 -23.31 27.80
N GLU A 237 8.92 -23.76 28.91
CA GLU A 237 8.33 -24.93 29.60
C GLU A 237 6.87 -24.66 29.97
N LYS A 238 6.61 -23.50 30.54
CA LYS A 238 5.28 -23.13 30.95
C LYS A 238 4.28 -22.85 29.77
N LEU A 239 4.79 -22.24 28.69
CA LEU A 239 3.95 -21.98 27.50
C LEU A 239 3.51 -23.29 26.88
N THR A 240 4.44 -24.23 26.73
CA THR A 240 4.14 -25.53 26.17
C THR A 240 3.27 -26.38 27.08
N ALA A 241 3.27 -26.11 28.38
CA ALA A 241 2.35 -26.77 29.28
C ALA A 241 0.99 -26.31 29.00
N LEU A 242 0.83 -25.06 28.55
CA LEU A 242 -0.52 -24.55 28.23
C LEU A 242 -0.95 -24.98 26.84
N LEU A 243 -0.10 -24.81 25.86
CA LEU A 243 -0.43 -25.06 24.45
C LEU A 243 -0.26 -26.48 23.95
N GLY A 244 0.69 -27.22 24.52
CA GLY A 244 1.04 -28.57 23.98
C GLY A 244 2.54 -28.76 23.69
N ARG A 245 2.96 -30.02 23.74
CA ARG A 245 4.32 -30.44 23.39
C ARG A 245 4.22 -31.42 22.27
N GLN A 246 5.18 -31.35 21.35
CA GLN A 246 5.18 -32.25 20.19
C GLN A 246 5.73 -33.67 20.64
N PRO A 247 5.45 -34.72 19.87
CA PRO A 247 6.05 -36.01 20.18
C PRO A 247 7.48 -36.02 19.82
N GLU A 248 8.18 -37.07 20.28
CA GLU A 248 9.51 -37.37 19.73
C GLU A 248 9.41 -37.78 18.26
N LEU A 249 10.38 -37.39 17.44
CA LEU A 249 10.43 -37.81 16.04
C LEU A 249 10.81 -39.32 15.88
N PRO A 250 10.25 -40.00 14.85
CA PRO A 250 10.67 -41.36 14.57
C PRO A 250 12.14 -41.40 14.34
N ASP A 251 12.74 -42.53 14.75
CA ASP A 251 14.18 -42.70 14.72
C ASP A 251 14.79 -42.59 13.31
N TRP A 252 14.02 -42.93 12.29
CA TRP A 252 14.51 -42.92 10.93
C TRP A 252 14.71 -41.53 10.29
N ILE A 253 14.05 -40.50 10.85
CA ILE A 253 14.27 -39.06 10.39
C ILE A 253 15.74 -38.67 10.37
N TYR A 254 16.49 -39.22 11.32
CA TYR A 254 17.90 -38.85 11.49
C TYR A 254 18.83 -39.60 10.54
N ASP A 255 18.29 -40.52 9.73
CA ASP A 255 19.13 -41.44 8.95
C ASP A 255 19.46 -40.99 7.55
N GLY A 256 19.08 -39.77 7.19
CA GLY A 256 19.50 -39.24 5.90
C GLY A 256 18.48 -38.29 5.34
N VAL A 257 18.61 -37.98 4.05
CA VAL A 257 17.71 -37.07 3.33
C VAL A 257 16.52 -37.83 2.69
N THR A 258 15.33 -37.23 2.81
CA THR A 258 14.14 -37.62 2.06
C THR A 258 14.08 -36.90 0.71
N LEU A 259 14.08 -37.68 -0.37
CA LEU A 259 14.19 -37.13 -1.72
C LEU A 259 12.81 -36.81 -2.18
N GLY A 260 12.63 -35.56 -2.64
CA GLY A 260 11.40 -35.13 -3.26
C GLY A 260 11.45 -35.46 -4.75
N ILE A 261 10.48 -36.26 -5.19
CA ILE A 261 10.52 -36.85 -6.53
C ILE A 261 9.10 -36.98 -7.05
N GLN A 262 8.91 -36.66 -8.31
CA GLN A 262 7.64 -36.86 -8.99
C GLN A 262 7.92 -37.63 -10.29
N GLY A 263 6.89 -38.30 -10.79
CA GLY A 263 7.04 -39.07 -12.05
C GLY A 263 6.94 -40.60 -12.01
N GLY A 264 6.49 -41.18 -10.91
CA GLY A 264 6.24 -42.59 -10.78
C GLY A 264 7.34 -43.44 -10.16
N THR A 265 6.99 -44.72 -10.03
CA THR A 265 7.78 -45.71 -9.32
C THR A 265 9.18 -45.87 -9.90
N GLU A 266 9.26 -45.92 -11.23
CA GLU A 266 10.54 -46.19 -11.91
C GLU A 266 11.45 -45.04 -11.60
N VAL A 267 10.92 -43.84 -11.85
CA VAL A 267 11.68 -42.60 -11.69
C VAL A 267 12.18 -42.47 -10.25
N CYS A 268 11.33 -42.78 -9.29
CA CYS A 268 11.77 -42.84 -7.88
C CYS A 268 12.91 -43.85 -7.65
N GLN A 269 12.73 -45.07 -8.17
CA GLN A 269 13.74 -46.13 -7.95
C GLN A 269 15.10 -45.72 -8.50
N LYS A 270 15.09 -45.23 -9.73
CA LYS A 270 16.32 -44.79 -10.41
C LYS A 270 17.09 -43.76 -9.61
N LYS A 271 16.39 -42.71 -9.19
CA LYS A 271 17.06 -41.60 -8.49
C LYS A 271 17.51 -42.02 -7.10
N LEU A 272 16.68 -42.80 -6.41
CA LEU A 272 17.12 -43.47 -5.17
C LEU A 272 18.48 -44.20 -5.34
N ASP A 273 18.56 -45.06 -6.35
CA ASP A 273 19.78 -45.81 -6.67
C ASP A 273 20.97 -44.95 -7.05
N THR A 274 20.74 -43.94 -7.86
CA THR A 274 21.79 -42.99 -8.24
C THR A 274 22.40 -42.34 -6.98
N MET A 275 21.53 -41.94 -6.05
CA MET A 275 22.04 -41.23 -4.87
C MET A 275 22.73 -42.21 -3.88
N ARG A 276 22.02 -43.29 -3.54
CA ARG A 276 22.58 -44.31 -2.65
C ARG A 276 23.91 -44.84 -3.17
N ASN A 277 23.98 -45.19 -4.44
CA ASN A 277 25.26 -45.66 -5.03
C ASN A 277 26.39 -44.68 -4.98
N ALA A 278 26.11 -43.38 -4.92
CA ALA A 278 27.18 -42.41 -4.75
C ALA A 278 27.44 -42.08 -3.32
N GLY A 279 26.94 -42.87 -2.38
CA GLY A 279 27.18 -42.67 -0.98
C GLY A 279 26.30 -41.64 -0.27
N VAL A 280 25.17 -41.24 -0.85
CA VAL A 280 24.27 -40.33 -0.15
C VAL A 280 23.49 -41.13 0.88
N LYS A 281 23.34 -40.61 2.09
CA LYS A 281 22.50 -41.24 3.10
C LYS A 281 21.06 -40.80 2.83
N VAL A 282 20.20 -41.77 2.49
CA VAL A 282 18.82 -41.50 2.04
C VAL A 282 17.90 -42.29 2.94
N ASN A 283 16.98 -41.62 3.63
CA ASN A 283 16.00 -42.29 4.51
C ASN A 283 14.63 -42.38 3.94
N GLY A 284 14.44 -41.86 2.71
CA GLY A 284 13.06 -41.78 2.25
C GLY A 284 12.87 -41.19 0.88
N ILE A 285 11.65 -41.38 0.38
CA ILE A 285 11.18 -40.85 -0.91
C ILE A 285 9.87 -40.12 -0.59
N TRP A 286 9.78 -38.83 -1.00
CA TRP A 286 8.55 -38.06 -0.87
C TRP A 286 8.00 -37.73 -2.25
N ALA A 287 6.79 -38.23 -2.53
CA ALA A 287 6.23 -38.23 -3.89
C ALA A 287 4.82 -37.72 -3.83
N GLN A 288 4.68 -36.41 -4.07
CA GLN A 288 3.41 -35.76 -3.84
C GLN A 288 2.37 -36.11 -4.93
N ASP A 289 2.85 -36.58 -6.09
CA ASP A 289 1.99 -37.10 -7.20
C ASP A 289 1.59 -38.58 -7.07
N TRP A 290 1.62 -39.12 -5.85
CA TRP A 290 1.24 -40.48 -5.55
C TRP A 290 -0.19 -40.72 -5.98
N SER A 291 -0.99 -39.65 -6.05
CA SER A 291 -2.41 -39.71 -6.36
C SER A 291 -2.77 -39.31 -7.81
N GLY A 292 -1.78 -39.06 -8.66
CA GLY A 292 -1.99 -38.60 -10.02
C GLY A 292 -1.60 -37.15 -10.29
N ILE A 293 -1.66 -36.81 -11.57
CA ILE A 293 -1.31 -35.54 -12.12
C ILE A 293 -2.49 -34.98 -12.90
N ARG A 294 -2.76 -33.70 -12.69
CA ARG A 294 -3.74 -32.95 -13.47
C ARG A 294 -3.02 -31.92 -14.34
N MET A 295 -3.38 -31.89 -15.63
CA MET A 295 -2.88 -30.87 -16.54
C MET A 295 -3.78 -29.65 -16.50
N THR A 296 -3.19 -28.47 -16.24
CA THR A 296 -3.92 -27.19 -16.42
C THR A 296 -3.12 -26.26 -17.35
N SER A 297 -3.80 -25.23 -17.84
CA SER A 297 -3.17 -24.11 -18.60
C SER A 297 -2.12 -23.40 -17.77
N PHE A 298 -2.38 -23.34 -16.46
CA PHE A 298 -1.42 -22.85 -15.47
C PHE A 298 -0.26 -23.83 -15.15
N GLY A 299 -0.19 -25.01 -15.80
CA GLY A 299 0.86 -26.04 -15.55
C GLY A 299 0.36 -27.32 -14.85
N LYS A 300 1.28 -28.26 -14.62
CA LYS A 300 0.92 -29.52 -13.92
C LYS A 300 0.54 -29.34 -12.47
N ARG A 301 -0.36 -30.20 -11.98
CA ARG A 301 -0.71 -30.21 -10.58
C ARG A 301 -0.85 -31.62 -10.06
N VAL A 302 -0.91 -31.72 -8.75
CA VAL A 302 -1.23 -32.94 -8.08
C VAL A 302 -2.73 -33.11 -8.24
N MET A 303 -3.14 -34.37 -8.40
CA MET A 303 -4.54 -34.71 -8.39
C MET A 303 -5.07 -34.82 -6.97
N TRP A 304 -6.07 -33.99 -6.63
CA TRP A 304 -6.56 -33.84 -5.25
C TRP A 304 -7.60 -34.90 -4.86
N ASN A 305 -7.14 -36.17 -4.86
CA ASN A 305 -8.00 -37.30 -4.44
C ASN A 305 -7.10 -38.34 -3.78
N TRP A 306 -7.32 -38.56 -2.50
CA TRP A 306 -6.25 -39.06 -1.65
C TRP A 306 -6.31 -40.61 -1.63
N LYS A 307 -5.83 -41.17 -2.73
CA LYS A 307 -5.91 -42.61 -3.03
C LYS A 307 -4.78 -42.88 -3.99
N TRP A 308 -4.04 -43.95 -3.76
CA TRP A 308 -2.86 -44.27 -4.59
C TRP A 308 -3.30 -44.45 -6.03
N ASN A 309 -2.52 -43.97 -6.99
CA ASN A 309 -2.82 -44.08 -8.43
C ASN A 309 -1.80 -45.06 -9.00
N SER A 310 -2.27 -46.29 -9.21
CA SER A 310 -1.40 -47.41 -9.68
C SER A 310 -0.99 -47.26 -11.15
N GLU A 311 -1.79 -46.50 -11.90
CA GLU A 311 -1.43 -46.15 -13.26
C GLU A 311 -0.20 -45.23 -13.26
N ASN A 312 -0.06 -44.29 -12.32
CA ASN A 312 1.22 -43.52 -12.14
C ASN A 312 2.34 -44.23 -11.39
N TYR A 313 1.94 -44.95 -10.33
CA TYR A 313 2.84 -45.54 -9.35
C TYR A 313 2.57 -47.05 -9.30
N PRO A 314 2.81 -47.74 -10.42
CA PRO A 314 2.60 -49.19 -10.44
C PRO A 314 3.42 -49.92 -9.39
N GLN A 315 2.78 -50.84 -8.69
CA GLN A 315 3.41 -51.73 -7.72
C GLN A 315 3.97 -51.02 -6.50
N LEU A 316 3.38 -49.87 -6.21
CA LEU A 316 3.83 -49.04 -5.11
C LEU A 316 3.61 -49.76 -3.79
N ASP A 317 2.46 -50.41 -3.64
CA ASP A 317 2.17 -51.27 -2.48
C ASP A 317 3.32 -52.24 -2.13
N SER A 318 3.84 -52.94 -3.14
CA SER A 318 4.86 -53.95 -2.90
C SER A 318 6.24 -53.29 -2.84
N ARG A 319 6.47 -52.28 -3.67
CA ARG A 319 7.74 -51.51 -3.65
C ARG A 319 8.09 -50.77 -2.31
N ILE A 320 7.04 -50.29 -1.64
CA ILE A 320 7.15 -49.70 -0.29
C ILE A 320 7.79 -50.69 0.69
N LYS A 321 7.28 -51.94 0.66
CA LYS A 321 7.80 -53.01 1.51
C LYS A 321 9.27 -53.24 1.24
N GLN A 322 9.63 -53.27 -0.03
CA GLN A 322 11.03 -53.43 -0.40
C GLN A 322 11.94 -52.26 0.00
N TRP A 323 11.48 -51.05 -0.28
CA TRP A 323 12.14 -49.82 0.22
C TRP A 323 12.28 -49.85 1.75
N ASN A 324 11.18 -50.16 2.44
CA ASN A 324 11.23 -50.30 3.90
C ASN A 324 12.27 -51.32 4.31
N GLN A 325 12.33 -52.46 3.63
CA GLN A 325 13.36 -53.48 3.96
C GLN A 325 14.74 -52.98 3.67
N GLU A 326 14.91 -52.01 2.77
CA GLU A 326 16.22 -51.37 2.66
C GLU A 326 16.46 -49.99 3.42
N GLY A 327 15.63 -49.69 4.44
CA GLY A 327 15.79 -48.47 5.28
C GLY A 327 15.31 -47.17 4.61
N VAL A 328 14.29 -47.29 3.78
CA VAL A 328 13.79 -46.18 3.00
C VAL A 328 12.29 -46.15 3.19
N GLN A 329 11.82 -45.05 3.82
CA GLN A 329 10.39 -44.78 3.91
C GLN A 329 9.83 -44.14 2.67
N PHE A 330 8.51 -44.24 2.57
CA PHE A 330 7.73 -43.61 1.52
C PHE A 330 6.76 -42.67 2.16
N LEU A 331 6.75 -41.45 1.62
CA LEU A 331 5.90 -40.38 2.13
C LEU A 331 5.08 -39.77 1.00
N ALA A 332 3.86 -39.39 1.35
CA ALA A 332 2.82 -38.97 0.38
C ALA A 332 2.36 -37.49 0.65
N TYR A 333 1.11 -37.16 0.36
CA TYR A 333 0.59 -35.80 0.27
C TYR A 333 -0.91 -35.84 0.44
N ILE A 334 -1.45 -34.99 1.29
CA ILE A 334 -2.90 -34.81 1.43
C ILE A 334 -3.17 -33.35 1.84
N ASN A 335 -4.36 -32.86 1.53
CA ASN A 335 -4.77 -31.55 1.99
C ASN A 335 -6.28 -31.67 2.26
N PRO A 336 -6.89 -30.68 2.91
CA PRO A 336 -8.24 -30.87 3.43
C PRO A 336 -9.33 -30.42 2.47
N TYR A 337 -8.99 -30.32 1.18
CA TYR A 337 -10.00 -30.21 0.13
C TYR A 337 -10.10 -31.54 -0.65
N VAL A 338 -11.19 -31.73 -1.39
CA VAL A 338 -11.35 -32.92 -2.27
C VAL A 338 -11.84 -32.44 -3.64
N ALA A 339 -11.09 -32.79 -4.68
CA ALA A 339 -11.42 -32.39 -6.06
C ALA A 339 -12.86 -32.81 -6.44
N SER A 340 -13.60 -31.85 -6.97
CA SER A 340 -15.01 -31.99 -7.25
C SER A 340 -15.30 -32.98 -8.37
N ASP A 341 -14.32 -33.22 -9.25
CA ASP A 341 -14.49 -34.16 -10.36
C ASP A 341 -14.04 -35.60 -10.00
N LYS A 342 -14.00 -35.99 -8.72
CA LYS A 342 -13.35 -37.26 -8.32
C LYS A 342 -14.06 -37.88 -7.14
N ASP A 343 -13.74 -39.15 -6.86
CA ASP A 343 -14.48 -40.00 -5.88
C ASP A 343 -14.81 -39.38 -4.56
N LEU A 344 -13.79 -38.94 -3.85
CA LEU A 344 -13.99 -38.60 -2.45
C LEU A 344 -14.98 -37.47 -2.26
N CYS A 345 -14.92 -36.47 -3.15
CA CYS A 345 -15.82 -35.32 -3.08
C CYS A 345 -17.24 -35.75 -3.38
N GLU A 346 -17.39 -36.67 -4.35
CA GLU A 346 -18.67 -37.32 -4.58
C GLU A 346 -19.21 -37.99 -3.28
N GLU A 347 -18.45 -38.88 -2.63
CA GLU A 347 -18.91 -39.55 -1.38
C GLU A 347 -19.28 -38.57 -0.28
N ALA A 348 -18.52 -37.47 -0.20
CA ALA A 348 -18.70 -36.40 0.81
C ALA A 348 -19.97 -35.58 0.60
N ALA A 349 -20.27 -35.22 -0.64
CA ALA A 349 -21.54 -34.54 -0.95
C ALA A 349 -22.72 -35.43 -0.54
N GLN A 350 -22.62 -36.71 -0.88
CA GLN A 350 -23.67 -37.69 -0.55
C GLN A 350 -23.91 -37.84 0.94
N HIS A 351 -22.91 -37.62 1.78
CA HIS A 351 -23.13 -37.67 3.25
C HIS A 351 -23.24 -36.31 3.98
N GLY A 352 -23.31 -35.22 3.20
CA GLY A 352 -23.27 -33.84 3.76
C GLY A 352 -21.98 -33.56 4.54
N TYR A 353 -20.86 -34.01 3.97
CA TYR A 353 -19.56 -33.82 4.61
C TYR A 353 -18.89 -32.52 4.20
N LEU A 354 -19.48 -31.78 3.28
CA LEU A 354 -18.85 -30.58 2.78
C LEU A 354 -19.39 -29.34 3.47
N ALA A 355 -18.53 -28.33 3.59
CA ALA A 355 -19.04 -26.99 3.95
C ALA A 355 -20.05 -26.47 2.90
N LYS A 356 -20.96 -25.60 3.33
CA LYS A 356 -21.96 -25.02 2.45
C LYS A 356 -21.71 -23.55 2.07
N ASP A 357 -22.38 -23.12 1.01
CA ASP A 357 -22.43 -21.72 0.66
C ASP A 357 -23.75 -21.16 1.16
N ALA A 358 -23.98 -19.86 0.91
CA ALA A 358 -25.21 -19.12 1.30
C ALA A 358 -26.52 -19.70 0.69
N SER A 359 -26.48 -19.99 -0.61
CA SER A 359 -27.55 -20.73 -1.30
C SER A 359 -27.89 -22.14 -0.74
N GLY A 360 -27.13 -22.69 0.20
CA GLY A 360 -27.41 -24.03 0.78
C GLY A 360 -26.73 -25.18 0.04
N GLY A 361 -26.07 -24.90 -1.08
CA GLY A 361 -25.29 -25.91 -1.81
C GLY A 361 -23.95 -26.24 -1.14
N ASP A 362 -23.24 -27.20 -1.69
CA ASP A 362 -21.90 -27.58 -1.25
C ASP A 362 -20.94 -26.56 -1.81
N TYR A 363 -20.06 -26.03 -0.97
CA TYR A 363 -19.16 -24.92 -1.33
C TYR A 363 -18.07 -25.48 -2.25
N LEU A 364 -17.80 -24.81 -3.36
CA LEU A 364 -16.77 -25.24 -4.26
C LEU A 364 -15.75 -24.12 -4.42
N VAL A 365 -14.49 -24.41 -4.06
CA VAL A 365 -13.44 -23.43 -4.16
C VAL A 365 -12.80 -23.51 -5.54
N GLU A 366 -12.70 -22.39 -6.24
CA GLU A 366 -11.98 -22.33 -7.51
C GLU A 366 -10.46 -22.35 -7.28
N PHE A 367 -9.76 -23.30 -7.90
CA PHE A 367 -8.29 -23.37 -7.79
C PHE A 367 -7.50 -23.16 -9.07
N GLY A 368 -8.14 -22.74 -10.16
CA GLY A 368 -7.42 -22.60 -11.42
C GLY A 368 -7.67 -23.87 -12.22
N GLU A 369 -8.84 -23.89 -12.86
CA GLU A 369 -9.30 -24.96 -13.76
C GLU A 369 -9.70 -26.28 -13.11
N PHE A 370 -9.90 -26.25 -11.78
CA PHE A 370 -10.64 -27.32 -11.13
C PHE A 370 -11.23 -26.77 -9.88
N TYR A 371 -12.23 -27.44 -9.33
CA TYR A 371 -12.78 -27.08 -8.04
C TYR A 371 -12.42 -28.07 -6.96
N GLY A 372 -12.40 -27.57 -5.73
CA GLY A 372 -12.28 -28.40 -4.55
C GLY A 372 -13.38 -28.09 -3.57
N GLY A 373 -13.96 -29.18 -3.06
CA GLY A 373 -14.89 -29.14 -1.99
C GLY A 373 -14.12 -28.99 -0.70
N VAL A 374 -14.76 -28.40 0.30
CA VAL A 374 -14.13 -28.14 1.59
C VAL A 374 -14.62 -29.15 2.58
N VAL A 375 -13.75 -30.03 2.99
CA VAL A 375 -14.17 -31.00 3.96
C VAL A 375 -14.50 -30.24 5.26
N ASP A 376 -15.72 -30.43 5.79
CA ASP A 376 -16.19 -29.72 7.01
C ASP A 376 -15.70 -30.45 8.25
N LEU A 377 -14.50 -30.08 8.66
CA LEU A 377 -13.90 -30.63 9.87
C LEU A 377 -14.67 -30.31 11.17
N THR A 378 -15.60 -29.34 11.15
CA THR A 378 -16.48 -29.14 12.34
C THR A 378 -17.65 -30.14 12.40
N ASN A 379 -17.90 -30.88 11.32
CA ASN A 379 -18.93 -31.92 11.29
C ASN A 379 -18.31 -33.16 11.90
N PRO A 380 -18.79 -33.60 13.08
CA PRO A 380 -18.17 -34.75 13.78
C PRO A 380 -17.92 -35.98 12.89
N GLU A 381 -18.89 -36.29 12.04
CA GLU A 381 -18.79 -37.47 11.22
C GLU A 381 -18.03 -37.23 9.92
N ALA A 382 -17.98 -36.00 9.39
CA ALA A 382 -17.01 -35.70 8.30
C ALA A 382 -15.51 -35.82 8.77
N TYR A 383 -15.26 -35.29 9.96
CA TYR A 383 -13.99 -35.37 10.64
C TYR A 383 -13.53 -36.82 10.79
N ALA A 384 -14.36 -37.66 11.40
CA ALA A 384 -14.07 -39.12 11.48
C ALA A 384 -13.93 -39.81 10.11
N TRP A 385 -14.77 -39.44 9.15
CA TRP A 385 -14.60 -39.99 7.78
C TRP A 385 -13.26 -39.62 7.14
N PHE A 386 -12.81 -38.37 7.28
CA PHE A 386 -11.56 -37.96 6.63
C PHE A 386 -10.34 -38.59 7.31
N LYS A 387 -10.40 -38.63 8.63
CA LYS A 387 -9.45 -39.41 9.42
C LYS A 387 -9.35 -40.90 8.93
N GLU A 388 -10.50 -41.50 8.64
CA GLU A 388 -10.52 -42.87 8.04
C GLU A 388 -9.86 -42.93 6.66
N VAL A 389 -10.09 -41.93 5.82
CA VAL A 389 -9.33 -41.80 4.56
C VAL A 389 -7.82 -41.86 4.79
N ILE A 390 -7.31 -41.12 5.79
CA ILE A 390 -5.88 -41.12 6.07
C ILE A 390 -5.45 -42.53 6.55
N LYS A 391 -6.20 -43.09 7.48
CA LYS A 391 -5.88 -44.45 7.97
C LYS A 391 -5.76 -45.47 6.84
N LYS A 392 -6.83 -45.54 6.04
CA LYS A 392 -7.01 -46.61 5.03
C LYS A 392 -6.21 -46.41 3.77
N ASN A 393 -6.09 -45.16 3.31
CA ASN A 393 -5.40 -44.88 2.02
C ASN A 393 -3.95 -44.48 2.10
N MET A 394 -3.49 -44.13 3.30
CA MET A 394 -2.09 -43.75 3.53
C MET A 394 -1.38 -44.64 4.54
N ILE A 395 -1.88 -44.71 5.77
CA ILE A 395 -1.27 -45.53 6.83
C ILE A 395 -1.26 -47.03 6.42
N GLU A 396 -2.44 -47.59 6.17
CA GLU A 396 -2.52 -49.00 5.70
C GLU A 396 -1.81 -49.30 4.39
N LEU A 397 -1.54 -48.31 3.55
CA LEU A 397 -0.72 -48.52 2.36
C LEU A 397 0.79 -48.64 2.69
N GLY A 398 1.19 -48.30 3.90
CA GLY A 398 2.59 -48.41 4.32
C GLY A 398 3.33 -47.06 4.27
N CYS A 399 2.62 -45.95 4.06
CA CYS A 399 3.28 -44.61 4.13
C CYS A 399 3.94 -44.33 5.48
N GLY A 400 5.22 -44.02 5.47
CA GLY A 400 5.88 -43.56 6.68
C GLY A 400 5.59 -42.12 7.11
N GLY A 401 4.88 -41.37 6.26
CA GLY A 401 4.56 -39.98 6.50
C GLY A 401 4.01 -39.32 5.26
N TRP A 402 3.79 -38.01 5.37
CA TRP A 402 3.24 -37.21 4.27
C TRP A 402 3.31 -35.72 4.62
N MET A 403 3.33 -34.89 3.60
CA MET A 403 2.92 -33.49 3.73
C MET A 403 1.41 -33.39 3.91
N ALA A 404 1.00 -32.83 5.03
CA ALA A 404 -0.37 -32.48 5.28
C ALA A 404 -0.42 -30.95 5.03
N ASP A 405 -0.82 -30.62 3.82
CA ASP A 405 -0.80 -29.24 3.31
C ASP A 405 -2.09 -28.48 3.58
N PHE A 406 -2.01 -27.17 3.35
CA PHE A 406 -3.13 -26.22 3.46
C PHE A 406 -3.60 -26.12 4.91
N GLY A 407 -4.80 -25.55 5.12
CA GLY A 407 -5.26 -25.13 6.44
C GLY A 407 -5.51 -23.62 6.50
N GLU A 408 -4.83 -22.84 5.63
CA GLU A 408 -4.81 -21.38 5.74
C GLU A 408 -5.84 -20.66 4.87
N TYR A 409 -6.61 -21.44 4.09
CA TYR A 409 -7.59 -20.88 3.19
C TYR A 409 -8.94 -21.59 3.32
N LEU A 410 -9.50 -21.53 4.52
CA LEU A 410 -10.95 -21.64 4.71
C LEU A 410 -11.61 -20.31 4.23
N PRO A 411 -12.42 -20.38 3.15
CA PRO A 411 -13.10 -19.18 2.70
C PRO A 411 -14.03 -18.60 3.76
N THR A 412 -14.03 -17.28 3.82
CA THR A 412 -14.76 -16.54 4.83
C THR A 412 -16.28 -16.39 4.56
N ASP A 413 -16.78 -16.91 3.42
CA ASP A 413 -18.21 -17.05 3.16
C ASP A 413 -18.64 -18.54 3.06
N THR A 414 -17.95 -19.46 3.70
CA THR A 414 -18.47 -20.80 3.95
C THR A 414 -19.45 -20.78 5.13
N TYR A 415 -20.28 -21.82 5.24
CA TYR A 415 -21.22 -22.06 6.35
C TYR A 415 -20.94 -23.47 6.88
N LEU A 416 -20.64 -23.57 8.17
CA LEU A 416 -20.10 -24.77 8.78
C LEU A 416 -21.11 -25.43 9.72
N HIS A 417 -20.94 -26.73 9.90
CA HIS A 417 -21.86 -27.59 10.64
C HIS A 417 -22.03 -27.19 12.10
N ASN A 418 -21.01 -26.60 12.71
CA ASN A 418 -21.07 -26.20 14.11
C ASN A 418 -21.72 -24.84 14.29
N GLY A 419 -22.03 -24.17 13.20
CA GLY A 419 -22.73 -22.91 13.28
C GLY A 419 -21.92 -21.68 13.64
N VAL A 420 -20.60 -21.82 13.73
CA VAL A 420 -19.74 -20.72 14.10
C VAL A 420 -19.35 -19.99 12.83
N SER A 421 -19.40 -18.65 12.85
CA SER A 421 -19.00 -17.87 11.68
C SER A 421 -17.66 -18.36 11.08
N ALA A 422 -17.60 -18.45 9.76
CA ALA A 422 -16.35 -18.68 9.09
C ALA A 422 -15.30 -17.57 9.33
N GLU A 423 -15.75 -16.35 9.68
CA GLU A 423 -14.82 -15.28 10.08
C GLU A 423 -14.09 -15.60 11.42
N ILE A 424 -14.65 -16.55 12.19
CA ILE A 424 -14.05 -17.05 13.42
C ILE A 424 -13.35 -18.40 13.18
N MET A 425 -13.94 -19.31 12.39
CA MET A 425 -13.33 -20.62 12.15
C MET A 425 -12.10 -20.56 11.27
N HIS A 426 -11.99 -19.52 10.45
CA HIS A 426 -10.89 -19.42 9.48
C HIS A 426 -9.51 -19.57 10.15
N ASN A 427 -9.24 -18.78 11.18
CA ASN A 427 -7.97 -18.92 11.91
C ASN A 427 -7.78 -20.21 12.72
N ALA A 428 -8.89 -20.81 13.13
CA ALA A 428 -8.86 -22.07 13.89
C ALA A 428 -8.70 -23.33 12.99
N TRP A 429 -8.80 -23.16 11.67
CA TRP A 429 -8.82 -24.31 10.76
C TRP A 429 -7.53 -25.11 10.80
N PRO A 430 -6.37 -24.43 10.82
CA PRO A 430 -5.18 -25.25 10.74
C PRO A 430 -4.96 -26.27 11.84
N ALA A 431 -5.16 -25.93 13.11
CA ALA A 431 -4.91 -26.89 14.16
C ALA A 431 -5.96 -27.99 14.17
N LEU A 432 -7.17 -27.66 13.73
CA LEU A 432 -8.22 -28.66 13.56
C LEU A 432 -7.79 -29.72 12.53
N TRP A 433 -7.19 -29.25 11.42
CA TRP A 433 -6.62 -30.10 10.39
C TRP A 433 -5.46 -30.88 10.95
N ALA A 434 -4.62 -30.24 11.77
CA ALA A 434 -3.56 -30.97 12.45
C ALA A 434 -4.10 -32.17 13.35
N LYS A 435 -5.15 -31.92 14.10
CA LYS A 435 -5.67 -32.86 15.07
C LYS A 435 -6.14 -34.14 14.33
N CYS A 436 -6.79 -33.96 13.18
CA CYS A 436 -7.26 -35.03 12.28
C CYS A 436 -6.13 -35.96 11.94
N ASN A 437 -5.03 -35.39 11.45
CA ASN A 437 -3.82 -36.16 11.23
C ASN A 437 -3.25 -36.81 12.48
N TYR A 438 -3.09 -36.00 13.54
CA TYR A 438 -2.57 -36.49 14.78
C TYR A 438 -3.37 -37.74 15.27
N GLU A 439 -4.69 -37.66 15.21
CA GLU A 439 -5.54 -38.75 15.72
C GLU A 439 -5.58 -40.00 14.82
N ALA A 440 -5.43 -39.83 13.50
CA ALA A 440 -5.16 -40.96 12.61
C ALA A 440 -3.97 -41.76 13.12
N LEU A 441 -2.91 -41.06 13.51
CA LEU A 441 -1.71 -41.72 14.04
C LEU A 441 -2.03 -42.31 15.40
N GLU A 442 -2.74 -41.56 16.21
CA GLU A 442 -3.00 -42.00 17.56
C GLU A 442 -3.75 -43.33 17.52
N GLU A 443 -4.83 -43.36 16.75
CA GLU A 443 -5.73 -44.49 16.63
C GLU A 443 -5.15 -45.73 15.97
N THR A 444 -4.04 -45.62 15.27
CA THR A 444 -3.35 -46.75 14.68
C THR A 444 -2.05 -47.12 15.40
N GLY A 445 -1.78 -46.55 16.56
CA GLY A 445 -0.47 -46.79 17.23
C GLY A 445 0.80 -46.29 16.57
N LYS A 446 0.71 -45.20 15.81
CA LYS A 446 1.80 -44.81 14.93
C LYS A 446 2.56 -43.53 15.33
N LEU A 447 2.25 -42.98 16.49
CA LEU A 447 2.99 -41.83 17.04
C LEU A 447 4.39 -42.28 17.41
N GLY A 448 5.38 -41.51 16.98
CA GLY A 448 6.76 -41.94 17.08
C GLY A 448 7.25 -42.76 15.92
N GLU A 449 6.36 -43.17 15.02
CA GLU A 449 6.75 -44.00 13.87
C GLU A 449 6.46 -43.37 12.55
N ILE A 450 5.29 -42.78 12.41
CA ILE A 450 4.94 -42.00 11.22
C ILE A 450 5.14 -40.50 11.48
N LEU A 451 5.69 -39.81 10.49
CA LEU A 451 5.88 -38.36 10.55
C LEU A 451 5.13 -37.55 9.48
N PHE A 452 4.15 -36.73 9.87
CA PHE A 452 3.58 -35.76 8.93
C PHE A 452 4.13 -34.35 9.20
N PHE A 453 4.12 -33.51 8.16
CA PHE A 453 4.60 -32.15 8.29
C PHE A 453 3.63 -31.14 7.62
N MET A 454 3.55 -29.95 8.23
CA MET A 454 2.50 -28.96 7.86
C MET A 454 3.12 -27.60 7.62
N ARG A 455 2.45 -26.77 6.82
CA ARG A 455 2.80 -25.35 6.74
C ARG A 455 1.90 -24.43 7.53
N ALA A 456 0.58 -24.57 7.37
CA ALA A 456 -0.41 -23.81 8.15
C ALA A 456 -0.43 -24.28 9.60
N GLY A 457 -0.64 -23.33 10.50
CA GLY A 457 -0.81 -23.64 11.91
C GLY A 457 -1.70 -22.70 12.61
N SER A 458 -2.11 -23.12 13.81
CA SER A 458 -2.85 -22.26 14.74
C SER A 458 -2.72 -22.78 16.19
N THR A 459 -3.28 -22.05 17.14
CA THR A 459 -3.20 -22.44 18.58
C THR A 459 -3.59 -23.92 18.70
N GLY A 460 -2.73 -24.76 19.25
CA GLY A 460 -2.99 -26.20 19.27
C GLY A 460 -2.06 -27.01 18.41
N SER A 461 -1.50 -26.36 17.37
CA SER A 461 -0.50 -27.01 16.53
C SER A 461 0.72 -27.46 17.32
N GLN A 462 0.93 -26.83 18.46
CA GLN A 462 2.01 -27.18 19.33
C GLN A 462 1.82 -28.63 19.84
N LYS A 463 0.57 -29.08 19.95
CA LYS A 463 0.32 -30.48 20.35
C LYS A 463 0.19 -31.40 19.15
N TYR A 464 -0.57 -30.96 18.16
CA TYR A 464 -1.08 -31.85 17.12
C TYR A 464 -0.27 -31.97 15.85
N SER A 465 0.69 -31.05 15.59
CA SER A 465 1.51 -31.13 14.39
C SER A 465 2.88 -31.65 14.74
N THR A 466 3.22 -32.77 14.12
CA THR A 466 4.46 -33.48 14.48
C THR A 466 5.68 -32.81 13.92
N MET A 467 5.51 -31.97 12.89
CA MET A 467 6.64 -31.23 12.37
C MET A 467 6.12 -30.02 11.57
N MET A 468 6.79 -28.86 11.69
CA MET A 468 6.47 -27.72 10.84
C MET A 468 7.48 -27.63 9.69
N TRP A 469 6.95 -27.23 8.54
CA TRP A 469 7.76 -26.93 7.32
C TRP A 469 7.54 -25.45 6.97
N ALA A 470 8.58 -24.72 6.54
CA ALA A 470 8.46 -23.27 6.32
C ALA A 470 7.72 -22.87 5.07
N GLY A 471 7.05 -23.81 4.40
CA GLY A 471 6.23 -23.49 3.27
C GLY A 471 7.06 -23.03 2.11
N ASP A 472 6.42 -22.19 1.31
CA ASP A 472 6.93 -21.83 0.00
C ASP A 472 7.96 -20.69 0.11
N GLN A 473 9.27 -20.95 -0.02
CA GLN A 473 10.21 -19.91 -0.30
C GLN A 473 10.37 -19.82 -1.77
N ASN A 474 10.71 -18.62 -2.22
CA ASN A 474 11.25 -18.44 -3.58
C ASN A 474 12.59 -19.13 -3.72
N VAL A 475 12.90 -19.48 -4.97
CA VAL A 475 14.20 -20.00 -5.35
C VAL A 475 15.16 -18.81 -5.55
N ASP A 476 15.31 -18.01 -4.50
CA ASP A 476 16.13 -16.82 -4.58
C ASP A 476 16.83 -16.55 -3.27
N TRP A 477 17.63 -15.50 -3.29
CA TRP A 477 18.46 -15.11 -2.15
C TRP A 477 17.90 -13.89 -1.37
N SER A 478 16.59 -13.62 -1.48
CA SER A 478 16.00 -12.43 -0.90
C SER A 478 15.90 -12.66 0.61
N LEU A 479 15.89 -11.57 1.36
CA LEU A 479 15.70 -11.65 2.80
C LEU A 479 14.28 -12.07 3.19
N ASP A 480 13.29 -11.56 2.43
CA ASP A 480 11.94 -11.70 2.88
C ASP A 480 11.28 -12.97 2.38
N ASP A 481 11.80 -13.56 1.32
CA ASP A 481 11.24 -14.85 0.86
C ASP A 481 12.23 -15.88 0.36
N GLY A 482 13.49 -15.68 0.66
CA GLY A 482 14.59 -16.57 0.26
C GLY A 482 15.00 -17.49 1.36
N LEU A 483 16.19 -18.04 1.18
CA LEU A 483 16.83 -18.91 2.20
C LEU A 483 16.81 -18.25 3.61
N ALA A 484 17.23 -17.00 3.65
CA ALA A 484 17.32 -16.26 4.93
C ALA A 484 16.04 -16.29 5.75
N SER A 485 14.89 -16.19 5.09
CA SER A 485 13.59 -16.04 5.76
C SER A 485 13.20 -17.24 6.62
N VAL A 486 13.82 -18.38 6.33
CA VAL A 486 13.55 -19.56 7.15
C VAL A 486 14.01 -19.37 8.62
N VAL A 487 15.08 -18.60 8.87
CA VAL A 487 15.61 -18.53 10.25
C VAL A 487 14.69 -17.85 11.22
N PRO A 488 14.21 -16.60 10.90
CA PRO A 488 13.19 -16.02 11.74
C PRO A 488 11.94 -16.86 11.86
N ALA A 489 11.54 -17.56 10.79
CA ALA A 489 10.39 -18.49 10.88
C ALA A 489 10.58 -19.55 11.95
N ALA A 490 11.79 -20.11 12.02
CA ALA A 490 12.05 -21.16 13.02
C ALA A 490 12.11 -20.57 14.42
N LEU A 491 12.76 -19.41 14.54
CA LEU A 491 12.94 -18.77 15.89
C LEU A 491 11.66 -18.19 16.47
N SER A 492 10.86 -17.53 15.65
CA SER A 492 9.49 -17.11 16.05
C SER A 492 8.60 -18.27 16.54
N LEU A 493 8.57 -19.33 15.76
CA LEU A 493 7.84 -20.55 16.19
C LEU A 493 8.40 -21.15 17.47
N ALA A 494 9.70 -21.17 17.61
CA ALA A 494 10.33 -21.64 18.84
C ALA A 494 9.76 -20.90 20.03
N MET A 495 9.72 -19.56 19.91
CA MET A 495 9.14 -18.69 20.94
C MET A 495 7.62 -18.77 21.13
N THR A 496 6.89 -19.48 20.22
CA THR A 496 5.45 -19.70 20.29
C THR A 496 5.20 -21.20 20.60
N GLY A 497 6.24 -21.96 21.00
CA GLY A 497 6.04 -23.30 21.55
C GLY A 497 6.05 -24.44 20.52
N HIS A 498 6.56 -24.18 19.31
CA HIS A 498 6.80 -25.28 18.37
C HIS A 498 8.28 -25.34 18.04
N GLY A 499 8.90 -26.48 18.40
CA GLY A 499 10.35 -26.64 18.26
C GLY A 499 10.93 -27.62 17.24
N LEU A 500 10.11 -28.02 16.26
CA LEU A 500 10.47 -28.91 15.17
C LEU A 500 10.17 -28.26 13.82
N HIS A 501 11.21 -27.95 13.04
CA HIS A 501 11.07 -27.04 11.92
C HIS A 501 12.06 -27.38 10.86
N HIS A 502 11.59 -27.54 9.62
CA HIS A 502 12.49 -27.64 8.48
C HIS A 502 11.96 -26.90 7.26
N SER A 503 12.80 -26.84 6.25
CA SER A 503 12.47 -26.19 5.02
C SER A 503 12.82 -27.06 3.82
N ASP A 504 12.20 -26.74 2.71
CA ASP A 504 12.57 -27.33 1.42
C ASP A 504 13.97 -27.04 0.98
N ILE A 505 14.77 -28.08 0.79
CA ILE A 505 16.12 -27.87 0.38
C ILE A 505 16.09 -27.33 -1.03
N GLY A 506 16.53 -26.09 -1.20
CA GLY A 506 16.57 -25.40 -2.51
C GLY A 506 15.43 -24.38 -2.74
N GLY A 507 14.50 -24.35 -1.79
CA GLY A 507 13.27 -23.61 -1.90
C GLY A 507 12.31 -24.16 -2.92
N TYR A 508 11.25 -23.41 -3.21
CA TYR A 508 10.09 -23.95 -3.94
C TYR A 508 9.59 -23.10 -5.12
N THR A 509 9.18 -21.88 -4.82
CA THR A 509 8.48 -21.04 -5.79
C THR A 509 9.39 -20.60 -6.97
N THR A 510 8.99 -21.03 -8.16
CA THR A 510 9.69 -20.85 -9.42
C THR A 510 8.70 -20.15 -10.33
N LEU A 511 8.72 -18.84 -10.31
CA LEU A 511 7.78 -18.00 -11.11
C LEU A 511 8.55 -16.87 -11.64
N PHE A 512 7.98 -16.24 -12.66
CA PHE A 512 8.51 -15.00 -13.19
C PHE A 512 10.00 -15.08 -13.44
N GLU A 513 10.47 -16.09 -14.14
CA GLU A 513 11.92 -16.14 -14.41
C GLU A 513 12.84 -16.41 -13.22
N MET A 514 12.29 -16.73 -12.05
CA MET A 514 13.12 -17.22 -10.96
C MET A 514 13.43 -18.72 -11.27
N LYS A 515 14.71 -19.09 -11.19
CA LYS A 515 15.19 -20.46 -11.41
C LYS A 515 16.22 -20.82 -10.32
N ARG A 516 16.09 -22.00 -9.73
CA ARG A 516 17.02 -22.44 -8.69
C ARG A 516 18.35 -22.79 -9.31
N SER A 517 19.40 -22.12 -8.87
CA SER A 517 20.77 -22.39 -9.30
C SER A 517 21.37 -23.55 -8.51
N LYS A 518 22.46 -24.11 -9.04
CA LYS A 518 23.26 -25.10 -8.30
C LYS A 518 23.77 -24.52 -7.00
N GLU A 519 24.34 -23.32 -7.07
CA GLU A 519 24.83 -22.69 -5.85
C GLU A 519 23.78 -22.61 -4.72
N LEU A 520 22.57 -22.16 -5.08
CA LEU A 520 21.50 -22.05 -4.09
C LEU A 520 21.16 -23.42 -3.49
N LEU A 521 21.00 -24.45 -4.33
CA LEU A 521 20.70 -25.80 -3.80
C LEU A 521 21.74 -26.23 -2.78
N LEU A 522 22.99 -26.00 -3.14
CA LEU A 522 24.09 -26.47 -2.30
C LEU A 522 24.14 -25.68 -1.00
N ARG A 523 23.99 -24.36 -1.06
CA ARG A 523 23.94 -23.55 0.20
C ARG A 523 22.78 -23.95 1.08
N TRP A 524 21.65 -24.26 0.46
CA TRP A 524 20.50 -24.61 1.27
C TRP A 524 20.73 -26.02 1.88
N CYS A 525 21.38 -26.88 1.12
CA CYS A 525 21.77 -28.20 1.65
C CYS A 525 22.61 -28.04 2.92
N ASP A 526 23.53 -27.06 2.88
CA ASP A 526 24.44 -26.81 3.98
C ASP A 526 23.70 -26.38 5.24
N PHE A 527 22.61 -25.64 5.04
CA PHE A 527 21.75 -25.12 6.12
C PHE A 527 20.96 -26.26 6.74
N SER A 528 20.28 -27.02 5.91
CA SER A 528 19.34 -28.04 6.40
C SER A 528 20.01 -29.25 7.09
N ALA A 529 21.26 -29.49 6.73
CA ALA A 529 22.13 -30.45 7.46
C ALA A 529 22.27 -30.09 8.94
N PHE A 530 22.03 -28.81 9.28
CA PHE A 530 21.96 -28.36 10.67
C PHE A 530 20.55 -27.95 11.16
N THR A 531 19.57 -28.79 10.84
CA THR A 531 18.20 -28.68 11.35
C THR A 531 17.77 -30.11 11.60
N PRO A 532 16.59 -30.34 12.24
CA PRO A 532 16.18 -31.75 12.54
C PRO A 532 15.64 -32.58 11.36
N MET A 533 15.61 -32.07 10.12
CA MET A 533 15.13 -32.87 9.01
C MET A 533 15.67 -32.34 7.69
N MET A 534 16.13 -33.25 6.83
CA MET A 534 16.56 -32.95 5.46
C MET A 534 15.58 -33.53 4.46
N ARG A 535 14.96 -32.67 3.65
CA ARG A 535 13.98 -33.08 2.63
C ARG A 535 14.07 -32.13 1.44
N THR A 536 14.11 -32.67 0.24
CA THR A 536 14.13 -31.84 -0.97
C THR A 536 12.72 -31.65 -1.52
N HIS A 537 12.62 -30.78 -2.51
CA HIS A 537 11.40 -30.48 -3.23
C HIS A 537 11.83 -30.13 -4.66
N GLU A 538 11.15 -30.70 -5.63
CA GLU A 538 11.50 -30.38 -7.04
C GLU A 538 11.23 -28.90 -7.50
N GLY A 539 10.36 -28.23 -6.71
CA GLY A 539 9.68 -26.95 -7.06
C GLY A 539 8.40 -27.10 -7.90
N ASN A 540 7.63 -26.02 -8.07
CA ASN A 540 6.39 -26.06 -8.90
C ASN A 540 6.69 -26.22 -10.38
N ARG A 541 7.84 -25.72 -10.86
CA ARG A 541 8.34 -26.02 -12.22
C ARG A 541 9.66 -26.86 -12.18
N PRO A 542 9.53 -28.19 -12.16
CA PRO A 542 10.74 -29.03 -11.95
C PRO A 542 11.90 -28.85 -12.94
N GLY A 543 11.61 -28.75 -14.23
CA GLY A 543 12.70 -28.67 -15.22
C GLY A 543 13.37 -27.30 -15.27
N ASP A 544 12.87 -26.31 -14.51
CA ASP A 544 13.52 -24.97 -14.53
C ASP A 544 14.59 -24.82 -13.47
N ASN A 545 14.63 -25.80 -12.55
CA ASN A 545 15.48 -25.78 -11.37
C ASN A 545 16.62 -26.85 -11.32
N TRP A 546 17.79 -26.46 -10.85
CA TRP A 546 18.83 -27.42 -10.51
C TRP A 546 18.36 -28.39 -9.43
N GLN A 547 18.56 -29.68 -9.67
CA GLN A 547 18.07 -30.72 -8.73
C GLN A 547 19.19 -31.48 -8.05
N PHE A 548 18.80 -32.23 -7.05
CA PHE A 548 19.82 -32.95 -6.27
C PHE A 548 20.79 -33.91 -7.00
N ASP A 549 20.48 -34.29 -8.24
CA ASP A 549 21.26 -35.22 -9.04
C ASP A 549 21.70 -34.55 -10.32
N GLY A 550 21.82 -33.24 -10.30
CA GLY A 550 22.03 -32.51 -11.53
C GLY A 550 23.39 -32.77 -12.13
N ASP A 551 24.37 -33.06 -11.28
CA ASP A 551 25.72 -33.43 -11.74
C ASP A 551 26.47 -34.08 -10.59
N ALA A 552 27.70 -34.55 -10.86
CA ALA A 552 28.35 -35.45 -9.90
C ALA A 552 28.77 -34.68 -8.67
N GLU A 553 29.20 -33.44 -8.91
CA GLU A 553 29.57 -32.54 -7.82
C GLU A 553 28.39 -32.29 -6.88
N THR A 554 27.19 -32.17 -7.45
CA THR A 554 26.01 -31.94 -6.65
C THR A 554 25.75 -33.17 -5.83
N ILE A 555 25.77 -34.33 -6.47
CA ILE A 555 25.55 -35.61 -5.74
C ILE A 555 26.55 -35.77 -4.61
N ALA A 556 27.83 -35.45 -4.89
CA ALA A 556 28.88 -35.58 -3.88
C ALA A 556 28.68 -34.63 -2.70
N HIS A 557 28.11 -33.45 -3.01
CA HIS A 557 27.80 -32.49 -1.95
C HIS A 557 26.74 -33.07 -1.00
N PHE A 558 25.71 -33.66 -1.57
CA PHE A 558 24.69 -34.32 -0.74
C PHE A 558 25.27 -35.46 0.08
N ALA A 559 26.23 -36.17 -0.50
CA ALA A 559 26.96 -37.23 0.23
C ALA A 559 27.72 -36.62 1.40
N ARG A 560 28.45 -35.56 1.17
CA ARG A 560 29.13 -34.88 2.25
C ARG A 560 28.18 -34.47 3.38
N MET A 561 27.21 -33.63 3.02
CA MET A 561 26.26 -33.07 4.01
C MET A 561 25.27 -34.04 4.67
N THR A 562 24.80 -35.08 3.98
CA THR A 562 24.02 -36.10 4.69
C THR A 562 24.92 -36.94 5.67
N THR A 563 26.20 -37.08 5.34
CA THR A 563 27.17 -37.65 6.34
C THR A 563 27.31 -36.78 7.56
N VAL A 564 27.46 -35.46 7.32
CA VAL A 564 27.40 -34.53 8.45
C VAL A 564 26.14 -34.70 9.27
N PHE A 565 24.97 -34.69 8.63
CA PHE A 565 23.68 -34.76 9.32
C PHE A 565 23.51 -36.08 10.11
N THR A 566 23.82 -37.21 9.47
CA THR A 566 23.70 -38.53 10.18
C THR A 566 24.67 -38.71 11.31
N THR A 567 25.88 -38.15 11.21
CA THR A 567 26.81 -38.14 12.35
C THR A 567 26.25 -37.43 13.61
N LEU A 568 25.51 -36.34 13.39
CA LEU A 568 24.84 -35.59 14.46
C LEU A 568 23.66 -36.32 15.12
N LYS A 569 23.19 -37.41 14.54
CA LYS A 569 22.01 -38.12 15.05
C LYS A 569 21.80 -38.22 16.57
N PRO A 570 22.78 -38.75 17.30
CA PRO A 570 22.44 -38.89 18.73
C PRO A 570 22.30 -37.55 19.48
N TYR A 571 23.03 -36.52 19.05
CA TYR A 571 22.90 -35.16 19.60
C TYR A 571 21.53 -34.58 19.23
N LEU A 572 21.12 -34.73 17.97
CA LEU A 572 19.76 -34.27 17.55
C LEU A 572 18.66 -35.00 18.31
N LYS A 573 18.88 -36.28 18.54
CA LYS A 573 17.87 -37.11 19.20
C LYS A 573 17.63 -36.68 20.66
N GLU A 574 18.71 -36.38 21.40
CA GLU A 574 18.60 -35.79 22.76
C GLU A 574 17.85 -34.41 22.75
N ALA A 575 18.23 -33.50 21.85
CA ALA A 575 17.50 -32.21 21.65
C ALA A 575 16.02 -32.39 21.43
N VAL A 576 15.68 -33.30 20.51
CA VAL A 576 14.28 -33.63 20.21
C VAL A 576 13.57 -34.24 21.47
N ALA A 577 14.25 -35.08 22.23
CA ALA A 577 13.69 -35.58 23.52
C ALA A 577 13.45 -34.45 24.48
N LEU A 578 14.44 -33.58 24.64
CA LEU A 578 14.22 -32.36 25.46
C LEU A 578 13.01 -31.47 24.97
N ASN A 579 12.83 -31.34 23.65
CA ASN A 579 11.68 -30.60 23.11
C ASN A 579 10.37 -31.18 23.53
N ALA A 580 10.31 -32.51 23.48
CA ALA A 580 9.09 -33.23 23.79
C ALA A 580 8.78 -33.21 25.27
N LYS A 581 9.84 -33.24 26.06
CA LYS A 581 9.69 -33.31 27.51
C LYS A 581 9.35 -31.95 28.11
N SER A 582 9.98 -30.88 27.63
CA SER A 582 9.76 -29.60 28.29
C SER A 582 9.67 -28.35 27.39
N GLY A 583 9.44 -28.52 26.09
CA GLY A 583 9.29 -27.35 25.20
C GLY A 583 10.55 -26.57 24.91
N LEU A 584 11.71 -27.20 25.14
CA LEU A 584 12.94 -26.59 24.83
C LEU A 584 13.22 -26.85 23.33
N PRO A 585 13.06 -25.84 22.48
CA PRO A 585 13.07 -26.10 21.03
C PRO A 585 14.45 -26.49 20.48
N VAL A 586 14.46 -27.10 19.29
CA VAL A 586 15.67 -27.70 18.76
C VAL A 586 16.48 -26.59 18.10
N MET A 587 15.83 -25.64 17.41
CA MET A 587 16.53 -24.43 16.89
C MET A 587 16.23 -23.32 17.84
N ARG A 588 17.26 -22.71 18.40
CA ARG A 588 17.08 -21.92 19.62
C ARG A 588 17.58 -20.50 19.39
N PRO A 589 16.77 -19.48 19.77
CA PRO A 589 17.37 -18.18 19.77
C PRO A 589 18.56 -18.13 20.76
N LEU A 590 19.60 -17.37 20.42
CA LEU A 590 20.82 -17.30 21.24
C LEU A 590 20.58 -16.82 22.66
N PHE A 591 19.59 -15.95 22.84
CA PHE A 591 19.34 -15.45 24.17
C PHE A 591 18.76 -16.49 25.08
N LEU A 592 18.34 -17.67 24.61
CA LEU A 592 17.95 -18.72 25.59
C LEU A 592 19.14 -19.16 26.51
N HIS A 593 20.34 -19.10 25.97
CA HIS A 593 21.54 -19.53 26.70
C HIS A 593 22.52 -18.42 26.97
N TYR A 594 22.30 -17.23 26.41
CA TYR A 594 23.14 -16.09 26.63
C TYR A 594 22.31 -14.87 27.05
N GLU A 595 21.48 -15.05 28.08
CA GLU A 595 20.48 -14.03 28.46
C GLU A 595 21.07 -12.66 28.76
N ASP A 596 22.33 -12.59 29.17
CA ASP A 596 22.93 -11.32 29.56
C ASP A 596 23.61 -10.65 28.40
N ASP A 597 23.58 -11.25 27.22
CA ASP A 597 24.25 -10.65 26.06
C ASP A 597 23.20 -9.92 25.26
N ALA A 598 23.20 -8.60 25.39
CA ALA A 598 22.22 -7.72 24.73
C ALA A 598 22.12 -7.87 23.22
N HIS A 599 23.26 -8.04 22.53
N HIS A 599 23.27 -8.04 22.56
CA HIS A 599 23.31 -8.15 21.07
CA HIS A 599 23.34 -8.14 21.11
C HIS A 599 22.55 -9.37 20.57
C HIS A 599 22.57 -9.36 20.58
N THR A 600 22.40 -10.40 21.40
CA THR A 600 21.69 -11.62 20.99
C THR A 600 20.18 -11.42 20.80
N TYR A 601 19.60 -10.39 21.41
CA TYR A 601 18.16 -10.17 21.34
C TYR A 601 17.68 -9.63 19.99
N THR A 602 18.57 -9.12 19.16
CA THR A 602 18.24 -8.53 17.88
C THR A 602 18.74 -9.34 16.72
N LEU A 603 19.36 -10.49 16.96
CA LEU A 603 19.74 -11.39 15.86
C LEU A 603 18.51 -12.02 15.26
N LYS A 604 18.58 -12.22 13.94
CA LYS A 604 17.49 -12.79 13.12
C LYS A 604 17.90 -14.04 12.31
N TYR A 605 19.18 -14.11 11.93
CA TYR A 605 19.67 -15.03 10.89
C TYR A 605 20.73 -16.02 11.36
N GLN A 606 20.80 -16.20 12.68
CA GLN A 606 21.63 -17.24 13.27
C GLN A 606 20.90 -17.82 14.44
N TYR A 607 21.28 -19.06 14.81
CA TYR A 607 20.58 -19.79 15.85
C TYR A 607 21.53 -20.81 16.51
N LEU A 608 21.10 -21.39 17.60
CA LEU A 608 21.82 -22.47 18.31
C LEU A 608 21.08 -23.71 17.93
N LEU A 609 21.81 -24.73 17.52
CA LEU A 609 21.19 -26.07 17.28
C LEU A 609 21.50 -26.92 18.49
N GLY A 610 20.49 -27.22 19.28
CA GLY A 610 20.73 -27.64 20.65
C GLY A 610 21.41 -26.55 21.44
N ARG A 611 22.07 -26.96 22.52
CA ARG A 611 22.84 -26.06 23.39
C ARG A 611 24.16 -25.64 22.79
N ASP A 612 24.79 -26.51 22.01
CA ASP A 612 26.27 -26.43 21.79
C ASP A 612 26.74 -26.03 20.38
N ILE A 613 25.85 -25.96 19.40
CA ILE A 613 26.23 -25.65 18.04
C ILE A 613 25.66 -24.28 17.68
N LEU A 614 26.49 -23.36 17.18
CA LEU A 614 26.02 -22.10 16.64
C LEU A 614 26.07 -22.15 15.12
N VAL A 615 24.97 -21.74 14.47
CA VAL A 615 24.82 -21.79 12.99
C VAL A 615 24.43 -20.39 12.45
N ALA A 616 25.14 -19.94 11.43
CA ALA A 616 24.83 -18.69 10.75
C ALA A 616 24.89 -18.95 9.26
N PRO A 617 23.79 -19.46 8.69
CA PRO A 617 23.81 -19.93 7.33
C PRO A 617 24.12 -18.83 6.32
N VAL A 618 24.93 -19.14 5.31
CA VAL A 618 25.16 -18.19 4.23
C VAL A 618 23.83 -18.05 3.45
N HIS A 619 23.34 -16.81 3.38
CA HIS A 619 22.08 -16.51 2.73
C HIS A 619 22.14 -15.51 1.55
N GLU A 620 23.36 -15.20 1.09
CA GLU A 620 23.62 -14.37 -0.08
C GLU A 620 24.35 -15.15 -1.15
N GLU A 621 24.06 -14.80 -2.41
CA GLU A 621 24.73 -15.31 -3.62
C GLU A 621 26.20 -14.84 -3.64
N GLY A 622 27.13 -15.70 -4.06
CA GLY A 622 28.48 -15.24 -4.44
C GLY A 622 29.43 -14.93 -3.30
N ARG A 623 29.18 -15.48 -2.13
CA ARG A 623 29.98 -15.24 -0.94
C ARG A 623 31.16 -16.26 -0.84
N SER A 624 32.33 -15.81 -0.46
CA SER A 624 33.45 -16.70 -0.11
C SER A 624 33.74 -16.69 1.39
N ASP A 625 33.08 -15.79 2.12
CA ASP A 625 33.19 -15.68 3.58
C ASP A 625 31.84 -15.18 4.14
N TRP A 626 31.75 -15.04 5.45
CA TRP A 626 30.49 -14.69 6.09
C TRP A 626 30.80 -14.03 7.40
N THR A 627 30.04 -12.98 7.75
CA THR A 627 30.18 -12.29 9.02
C THR A 627 29.05 -12.66 9.98
N LEU A 628 29.33 -12.88 11.25
CA LEU A 628 28.31 -13.29 12.19
C LEU A 628 28.74 -12.90 13.57
N TYR A 629 27.93 -13.23 14.57
CA TYR A 629 28.20 -12.90 15.94
C TYR A 629 28.39 -14.13 16.78
N LEU A 630 29.45 -14.14 17.60
CA LEU A 630 29.62 -15.19 18.64
C LEU A 630 29.52 -14.57 20.02
N PRO A 631 28.65 -15.11 20.87
CA PRO A 631 28.62 -14.70 22.28
C PRO A 631 29.88 -15.18 22.99
N GLU A 632 30.12 -14.72 24.23
CA GLU A 632 31.37 -15.04 24.95
C GLU A 632 31.30 -16.48 25.36
N ASP A 633 32.13 -17.31 24.74
CA ASP A 633 32.24 -18.75 25.06
C ASP A 633 33.48 -19.27 24.34
N ASN A 634 33.84 -20.52 24.59
CA ASN A 634 34.98 -21.12 23.90
C ASN A 634 34.42 -21.89 22.73
N TRP A 635 34.59 -21.28 21.56
CA TRP A 635 34.02 -21.73 20.31
C TRP A 635 35.08 -22.40 19.47
N VAL A 636 34.69 -23.47 18.80
CA VAL A 636 35.51 -24.19 17.85
C VAL A 636 34.78 -24.26 16.48
N HIS A 637 35.42 -23.72 15.45
CA HIS A 637 34.94 -23.79 14.09
C HIS A 637 34.99 -25.23 13.62
N ALA A 638 33.87 -25.71 13.09
CA ALA A 638 33.66 -27.12 12.82
C ALA A 638 34.55 -27.72 11.77
N TRP A 639 34.94 -26.92 10.78
CA TRP A 639 35.71 -27.44 9.63
C TRP A 639 37.24 -27.28 9.74
N THR A 640 37.71 -26.40 10.61
CA THR A 640 39.13 -26.17 10.82
C THR A 640 39.63 -26.46 12.25
N GLY A 641 38.73 -26.61 13.21
CA GLY A 641 39.09 -26.71 14.63
C GLY A 641 39.59 -25.40 15.24
N GLU A 642 39.53 -24.28 14.50
CA GLU A 642 40.07 -23.00 14.99
C GLU A 642 39.28 -22.52 16.18
N ALA A 643 40.02 -22.05 17.19
CA ALA A 643 39.46 -21.53 18.42
C ALA A 643 39.01 -20.07 18.24
N PHE A 644 37.88 -19.73 18.84
CA PHE A 644 37.28 -18.41 18.73
C PHE A 644 36.70 -18.00 20.07
N ARG A 645 36.78 -16.71 20.35
CA ARG A 645 36.23 -16.06 21.54
C ARG A 645 34.97 -15.27 21.09
N GLY A 646 34.26 -14.63 22.03
CA GLY A 646 33.11 -13.76 21.72
C GLY A 646 33.42 -12.61 20.79
N GLY A 647 32.40 -12.09 20.12
CA GLY A 647 32.54 -10.92 19.26
C GLY A 647 32.08 -11.21 17.84
N GLU A 648 31.99 -10.16 17.06
CA GLU A 648 31.67 -10.22 15.66
C GLU A 648 32.92 -10.70 14.93
N VAL A 649 32.72 -11.65 14.02
CA VAL A 649 33.78 -12.37 13.31
C VAL A 649 33.37 -12.61 11.85
N THR A 650 34.37 -12.67 10.96
CA THR A 650 34.19 -12.99 9.57
C THR A 650 35.04 -14.21 9.29
N VAL A 651 34.48 -15.23 8.65
CA VAL A 651 35.17 -16.51 8.45
C VAL A 651 35.06 -16.92 6.99
N ASN A 652 36.06 -17.66 6.46
CA ASN A 652 35.91 -18.32 5.15
C ASN A 652 34.73 -19.32 5.19
N ALA A 653 34.00 -19.37 4.10
CA ALA A 653 32.74 -20.09 4.07
C ALA A 653 32.45 -20.52 2.65
N PRO A 654 33.32 -21.41 2.13
CA PRO A 654 32.98 -21.99 0.84
C PRO A 654 31.86 -22.97 1.09
N ILE A 655 31.26 -23.39 0.00
CA ILE A 655 30.19 -24.33 0.01
C ILE A 655 30.72 -25.64 0.57
N GLY A 656 29.92 -26.25 1.45
CA GLY A 656 30.33 -27.45 2.18
C GLY A 656 30.93 -27.21 3.54
N LYS A 657 31.30 -25.95 3.80
CA LYS A 657 31.89 -25.51 5.08
C LYS A 657 31.16 -24.28 5.63
N PRO A 658 29.88 -24.49 5.96
CA PRO A 658 29.02 -23.45 6.48
C PRO A 658 29.54 -22.87 7.80
N PRO A 659 29.18 -21.59 8.12
CA PRO A 659 29.60 -20.98 9.39
C PRO A 659 28.93 -21.68 10.56
N VAL A 660 29.65 -22.68 11.03
CA VAL A 660 29.24 -23.48 12.14
C VAL A 660 30.38 -23.58 13.16
N PHE A 661 30.02 -23.43 14.44
CA PHE A 661 30.90 -23.37 15.59
C PHE A 661 30.32 -24.25 16.71
N TYR A 662 31.18 -24.94 17.44
CA TYR A 662 30.75 -25.69 18.62
C TYR A 662 31.47 -25.30 19.92
N ARG A 663 30.79 -25.57 21.03
CA ARG A 663 31.31 -25.27 22.35
C ARG A 663 32.38 -26.31 22.73
N ALA A 664 33.62 -25.83 22.94
CA ALA A 664 34.75 -26.68 23.34
C ALA A 664 34.46 -27.47 24.64
N ASP A 665 33.67 -26.92 25.55
CA ASP A 665 33.31 -27.60 26.82
C ASP A 665 32.11 -28.54 26.74
N SER A 666 31.62 -28.81 25.53
CA SER A 666 30.44 -29.60 25.36
C SER A 666 30.76 -31.01 25.70
N GLU A 667 29.83 -31.70 26.33
CA GLU A 667 29.98 -33.14 26.47
C GLU A 667 29.94 -33.88 25.12
N TRP A 668 29.54 -33.21 24.03
CA TRP A 668 29.47 -33.82 22.69
C TRP A 668 30.65 -33.44 21.84
N ALA A 669 31.65 -32.82 22.46
CA ALA A 669 32.71 -32.21 21.71
C ALA A 669 33.45 -33.18 20.83
N ALA A 670 33.61 -34.42 21.29
CA ALA A 670 34.30 -35.45 20.52
C ALA A 670 33.48 -35.84 19.27
N LEU A 671 32.17 -35.92 19.38
CA LEU A 671 31.33 -36.10 18.17
C LEU A 671 31.53 -34.95 17.13
N PHE A 672 31.60 -33.71 17.61
CA PHE A 672 31.74 -32.52 16.72
C PHE A 672 33.11 -32.46 16.05
N ALA A 673 34.17 -32.83 16.80
CA ALA A 673 35.53 -32.97 16.22
C ALA A 673 35.59 -34.08 15.16
N SER A 674 34.76 -35.12 15.28
CA SER A 674 34.69 -36.16 14.25
C SER A 674 34.16 -35.73 12.87
N LEU A 675 33.51 -34.58 12.75
CA LEU A 675 33.07 -34.07 11.42
C LEU A 675 34.27 -33.78 10.51
N LYS A 676 35.20 -32.98 11.03
CA LYS A 676 36.47 -32.71 10.33
C LYS A 676 37.26 -34.04 10.07
N SER A 677 37.42 -34.83 11.13
CA SER A 677 38.13 -36.11 11.04
C SER A 677 37.55 -37.08 10.00
N ILE A 678 36.22 -37.27 10.00
CA ILE A 678 35.52 -38.13 9.02
C ILE A 678 35.68 -37.58 7.61
N LEU A 679 35.39 -36.29 7.42
CA LEU A 679 35.42 -35.75 6.05
C LEU A 679 36.84 -35.65 5.48
N GLU A 680 37.87 -35.44 6.33
CA GLU A 680 39.28 -35.44 5.86
C GLU A 680 39.95 -36.85 5.80
N HIS A 681 39.20 -37.94 6.04
CA HIS A 681 39.59 -39.29 5.54
C HIS A 681 38.41 -39.95 4.74
N LEU B 8 -36.96 27.27 -0.82
CA LEU B 8 -35.48 27.44 -0.57
C LEU B 8 -34.98 26.33 0.39
N LEU B 9 -35.26 26.45 1.70
CA LEU B 9 -34.96 25.38 2.70
C LEU B 9 -36.19 24.67 3.25
N ASP B 10 -36.19 23.35 3.25
CA ASP B 10 -37.30 22.58 3.72
C ASP B 10 -36.76 21.56 4.75
N PHE B 11 -36.81 22.00 5.98
CA PHE B 11 -36.30 21.24 7.12
C PHE B 11 -37.47 20.57 7.79
N GLN B 12 -37.50 19.25 7.84
CA GLN B 12 -38.54 18.47 8.52
C GLN B 12 -37.96 17.60 9.65
N PHE B 13 -38.43 17.79 10.91
CA PHE B 13 -38.05 16.95 12.10
C PHE B 13 -39.23 16.14 12.64
N HIS B 14 -39.09 14.82 12.69
CA HIS B 14 -40.19 13.91 13.05
C HIS B 14 -39.84 13.28 14.39
N GLN B 15 -40.29 13.90 15.49
CA GLN B 15 -40.04 13.41 16.88
C GLN B 15 -40.36 11.91 17.19
N ASN B 16 -41.19 11.26 16.38
CA ASN B 16 -41.31 9.79 16.39
C ASN B 16 -39.97 9.08 16.74
N ASN B 17 -38.95 9.39 15.94
CA ASN B 17 -37.53 9.21 16.26
C ASN B 17 -37.00 10.68 16.36
N ASP B 18 -35.81 10.98 16.94
CA ASP B 18 -35.14 12.28 16.56
C ASP B 18 -34.56 12.06 15.12
N SER B 19 -35.46 12.02 14.12
CA SER B 19 -35.06 12.01 12.71
C SER B 19 -35.42 13.33 12.07
N PHE B 20 -34.62 13.72 11.08
CA PHE B 20 -34.84 14.93 10.31
C PHE B 20 -34.37 14.79 8.85
N THR B 21 -34.79 15.74 8.00
CA THR B 21 -34.35 15.80 6.60
C THR B 21 -34.22 17.27 6.29
N LEU B 22 -33.27 17.60 5.42
CA LEU B 22 -33.10 18.95 4.94
C LEU B 22 -33.06 18.84 3.41
N HIS B 23 -33.95 19.60 2.72
CA HIS B 23 -33.98 19.68 1.29
C HIS B 23 -33.60 21.11 1.05
N PHE B 24 -32.95 21.38 -0.11
CA PHE B 24 -32.47 22.70 -0.49
C PHE B 24 -32.79 22.72 -2.00
N GLN B 25 -33.79 23.53 -2.37
CA GLN B 25 -34.38 23.57 -3.71
C GLN B 25 -34.64 22.24 -4.23
N GLN B 26 -35.20 21.41 -3.35
CA GLN B 26 -35.69 20.06 -3.62
C GLN B 26 -34.68 18.96 -3.67
N ARG B 27 -33.39 19.29 -3.60
CA ARG B 27 -32.33 18.29 -3.32
C ARG B 27 -32.30 17.89 -1.84
N LEU B 28 -32.32 16.60 -1.59
CA LEU B 28 -32.14 16.06 -0.30
C LEU B 28 -30.59 16.09 -0.01
N ILE B 29 -30.18 16.90 0.97
CA ILE B 29 -28.81 17.19 1.39
C ILE B 29 -28.44 16.38 2.64
N LEU B 30 -29.30 16.43 3.70
CA LEU B 30 -29.08 15.70 4.96
C LEU B 30 -30.26 14.88 5.38
N THR B 31 -30.00 13.67 5.87
CA THR B 31 -31.02 12.91 6.61
C THR B 31 -30.32 12.29 7.81
N HIS B 32 -31.03 12.19 8.92
CA HIS B 32 -30.41 11.74 10.15
C HIS B 32 -31.48 11.06 10.98
N SER B 33 -31.16 9.89 11.47
CA SER B 33 -31.91 9.33 12.58
C SER B 33 -30.92 8.72 13.57
N LYS B 34 -31.47 8.37 14.72
CA LYS B 34 -30.76 7.71 15.75
C LYS B 34 -30.11 6.50 15.19
N ASP B 35 -30.78 5.77 14.31
CA ASP B 35 -30.21 4.53 13.70
C ASP B 35 -29.30 4.82 12.52
N ASN B 36 -29.51 5.93 11.81
CA ASN B 36 -28.62 6.26 10.69
C ASN B 36 -28.16 7.68 10.80
N PRO B 37 -27.15 7.91 11.64
CA PRO B 37 -26.76 9.28 11.88
C PRO B 37 -26.02 9.89 10.64
N CYS B 38 -25.97 11.20 10.57
CA CYS B 38 -25.33 11.92 9.57
C CYS B 38 -23.91 12.39 10.01
N LEU B 39 -23.65 12.38 11.33
CA LEU B 39 -22.49 13.01 11.95
C LEU B 39 -21.80 12.14 12.94
N TRP B 40 -20.50 12.00 12.71
CA TRP B 40 -19.55 11.47 13.68
C TRP B 40 -18.47 12.48 14.00
N ILE B 41 -18.06 12.48 15.25
CA ILE B 41 -16.91 13.21 15.69
C ILE B 41 -15.91 12.38 16.48
N GLY B 42 -14.73 12.94 16.63
CA GLY B 42 -13.67 12.28 17.33
C GLY B 42 -12.35 12.91 17.32
N SER B 43 -11.30 12.12 17.38
CA SER B 43 -9.95 12.71 17.33
C SER B 43 -8.91 11.80 16.78
N GLY B 44 -7.82 12.42 16.31
CA GLY B 44 -6.66 11.64 15.91
C GLY B 44 -5.41 12.45 15.87
N ILE B 45 -4.32 11.74 15.56
CA ILE B 45 -3.05 12.40 15.32
C ILE B 45 -2.55 12.10 13.91
N ALA B 46 -2.22 13.14 13.19
CA ALA B 46 -1.67 13.00 11.84
C ALA B 46 -0.28 12.32 11.92
N ASP B 47 -0.10 11.29 11.12
CA ASP B 47 1.11 10.49 11.05
C ASP B 47 1.71 10.71 9.65
N ILE B 48 2.60 11.70 9.56
CA ILE B 48 3.07 12.24 8.26
C ILE B 48 4.54 11.78 8.01
N ASP B 49 4.81 11.16 6.86
CA ASP B 49 6.20 11.06 6.35
C ASP B 49 6.23 11.88 5.01
N MET B 50 7.03 12.93 4.96
CA MET B 50 6.96 13.90 3.89
C MET B 50 7.55 13.37 2.56
N PHE B 51 8.62 12.53 2.69
CA PHE B 51 9.34 12.00 1.55
C PHE B 51 9.57 13.09 0.49
N ARG B 52 10.11 14.24 0.89
CA ARG B 52 10.47 15.34 -0.04
C ARG B 52 9.28 15.78 -0.94
N GLY B 53 8.07 15.72 -0.38
CA GLY B 53 6.88 16.21 -1.03
C GLY B 53 6.00 15.12 -1.59
N ASN B 54 6.53 13.87 -1.61
CA ASN B 54 5.76 12.68 -1.92
C ASN B 54 5.04 12.09 -0.65
N PHE B 55 4.12 12.91 -0.13
CA PHE B 55 3.56 12.65 1.22
C PHE B 55 2.90 11.29 1.43
N SER B 56 3.32 10.58 2.49
CA SER B 56 2.52 9.53 3.15
C SER B 56 1.86 10.17 4.39
N ILE B 57 0.54 10.26 4.33
CA ILE B 57 -0.24 10.88 5.38
C ILE B 57 -1.34 9.86 5.78
N LYS B 58 -1.16 9.26 6.98
CA LYS B 58 -2.06 8.27 7.65
C LYS B 58 -2.65 8.93 8.93
N ASP B 59 -3.78 8.44 9.39
CA ASP B 59 -4.30 8.83 10.73
C ASP B 59 -3.86 7.83 11.82
N LYS B 60 -3.41 8.30 13.00
CA LYS B 60 -3.56 7.50 14.21
C LYS B 60 -4.88 7.85 14.87
N LEU B 61 -5.94 7.14 14.54
CA LEU B 61 -7.28 7.42 15.00
C LEU B 61 -7.42 7.10 16.51
N GLN B 62 -7.84 8.05 17.29
CA GLN B 62 -8.03 7.80 18.73
C GLN B 62 -9.50 7.47 19.06
N GLU B 63 -10.39 8.30 18.51
CA GLU B 63 -11.83 8.08 18.65
C GLU B 63 -12.62 8.48 17.44
N LYS B 64 -13.71 7.76 17.20
CA LYS B 64 -14.72 8.10 16.22
C LYS B 64 -16.09 7.76 16.81
N ILE B 65 -16.96 8.76 16.97
CA ILE B 65 -18.18 8.55 17.79
C ILE B 65 -19.36 9.07 17.09
N ALA B 66 -20.33 8.21 16.88
CA ALA B 66 -21.60 8.64 16.22
C ALA B 66 -22.43 9.49 17.14
N LEU B 67 -22.78 10.69 16.65
CA LEU B 67 -23.64 11.64 17.36
C LEU B 67 -25.10 11.37 16.98
N THR B 68 -25.65 10.34 17.67
CA THR B 68 -26.95 9.82 17.34
C THR B 68 -28.14 10.77 17.74
N ASP B 69 -27.95 11.59 18.77
CA ASP B 69 -29.05 12.36 19.31
C ASP B 69 -28.99 13.76 18.77
N ALA B 70 -30.16 14.33 18.52
CA ALA B 70 -30.24 15.66 17.93
C ALA B 70 -31.43 16.40 18.52
N ILE B 71 -31.17 17.65 18.92
CA ILE B 71 -32.21 18.55 19.34
C ILE B 71 -32.14 19.74 18.44
N VAL B 72 -33.28 20.14 17.95
CA VAL B 72 -33.40 21.27 17.01
C VAL B 72 -33.95 22.49 17.67
N SER B 73 -33.42 23.65 17.34
CA SER B 73 -33.92 24.94 17.80
C SER B 73 -34.07 25.78 16.52
N GLN B 74 -35.17 26.50 16.36
CA GLN B 74 -35.29 27.44 15.24
C GLN B 74 -34.50 28.69 15.65
N SER B 75 -33.92 29.40 14.68
CA SER B 75 -32.94 30.46 14.97
C SER B 75 -33.19 31.67 14.02
N PRO B 76 -32.39 32.78 14.17
CA PRO B 76 -32.54 33.95 13.29
C PRO B 76 -32.54 33.61 11.78
N ASP B 77 -31.38 33.28 11.22
CA ASP B 77 -31.27 32.99 9.78
C ASP B 77 -31.87 31.58 9.40
N GLY B 78 -32.20 30.69 10.37
CA GLY B 78 -32.66 29.33 10.03
C GLY B 78 -32.80 28.37 11.20
N TRP B 79 -31.92 27.35 11.27
CA TRP B 79 -31.94 26.25 12.28
C TRP B 79 -30.60 25.96 12.98
N LEU B 80 -30.66 25.66 14.27
CA LEU B 80 -29.50 25.25 15.04
C LEU B 80 -29.77 23.85 15.51
N ILE B 81 -28.89 22.90 15.18
CA ILE B 81 -29.05 21.50 15.62
C ILE B 81 -27.95 21.18 16.59
N HIS B 82 -28.37 20.69 17.76
CA HIS B 82 -27.44 20.22 18.80
C HIS B 82 -27.32 18.73 18.72
N PHE B 83 -26.14 18.24 18.34
CA PHE B 83 -25.95 16.79 18.14
C PHE B 83 -25.19 16.33 19.38
N SER B 84 -25.41 15.10 19.86
CA SER B 84 -24.74 14.68 21.02
C SER B 84 -24.74 13.18 21.14
N ARG B 85 -23.89 12.67 22.04
CA ARG B 85 -23.92 11.26 22.42
C ARG B 85 -23.65 11.20 23.94
N GLY B 86 -24.48 10.44 24.65
CA GLY B 86 -24.40 10.38 26.15
C GLY B 86 -24.45 11.73 26.73
N SER B 87 -23.66 12.01 27.79
CA SER B 87 -23.70 13.32 28.51
C SER B 87 -22.67 14.32 28.14
N ASP B 88 -21.57 13.87 27.54
CA ASP B 88 -20.30 14.60 27.54
C ASP B 88 -19.76 14.89 26.12
N ILE B 89 -20.44 14.56 25.03
CA ILE B 89 -19.87 14.75 23.65
C ILE B 89 -20.95 15.36 22.78
N SER B 90 -20.60 16.47 22.12
CA SER B 90 -21.51 17.23 21.34
C SER B 90 -20.85 18.11 20.24
N ALA B 91 -21.69 18.52 19.32
CA ALA B 91 -21.32 19.45 18.25
C ALA B 91 -22.61 20.20 17.89
N THR B 92 -22.46 21.44 17.42
CA THR B 92 -23.53 22.17 16.87
C THR B 92 -23.44 22.33 15.32
N LEU B 93 -24.56 22.25 14.65
CA LEU B 93 -24.66 22.57 13.22
C LEU B 93 -25.66 23.70 13.01
N ASN B 94 -25.19 24.83 12.53
CA ASN B 94 -26.06 25.92 12.19
C ASN B 94 -26.38 25.87 10.70
N ILE B 95 -27.67 25.86 10.40
CA ILE B 95 -28.18 25.84 9.04
C ILE B 95 -28.81 27.18 8.73
N SER B 96 -28.32 27.79 7.67
CA SER B 96 -28.85 29.07 7.23
C SER B 96 -28.70 29.25 5.72
N ALA B 97 -29.33 30.28 5.17
CA ALA B 97 -28.96 30.89 3.87
C ALA B 97 -27.97 32.09 4.05
N ASP B 98 -27.04 32.32 3.12
CA ASP B 98 -26.15 33.50 3.19
C ASP B 98 -26.73 34.73 2.42
N ASP B 99 -25.99 35.87 2.41
CA ASP B 99 -26.43 37.09 1.69
C ASP B 99 -26.96 36.77 0.26
N GLN B 100 -26.30 35.83 -0.44
CA GLN B 100 -26.64 35.47 -1.84
C GLN B 100 -27.70 34.40 -2.03
N GLY B 101 -28.17 33.76 -0.94
CA GLY B 101 -29.07 32.58 -1.05
C GLY B 101 -28.41 31.21 -1.17
N ARG B 102 -27.14 31.16 -0.78
CA ARG B 102 -26.44 29.89 -0.71
C ARG B 102 -26.84 29.21 0.58
N LEU B 103 -27.04 27.93 0.55
CA LEU B 103 -27.09 27.15 1.79
C LEU B 103 -25.70 27.19 2.51
N LEU B 104 -25.68 27.55 3.81
CA LEU B 104 -24.51 27.68 4.65
C LEU B 104 -24.69 26.68 5.81
N LEU B 105 -23.82 25.66 5.89
CA LEU B 105 -23.72 24.77 7.05
C LEU B 105 -22.46 25.09 7.87
N GLU B 106 -22.60 25.33 9.19
CA GLU B 106 -21.48 25.74 10.06
C GLU B 106 -21.47 24.77 11.20
N LEU B 107 -20.44 23.92 11.22
CA LEU B 107 -20.34 22.83 12.21
C LEU B 107 -19.24 23.21 13.21
N GLN B 108 -19.53 23.08 14.50
CA GLN B 108 -18.52 23.34 15.57
C GLN B 108 -18.58 22.25 16.61
N ASN B 109 -17.48 21.51 16.79
CA ASN B 109 -17.44 20.49 17.81
C ASN B 109 -17.36 21.17 19.21
N ASP B 110 -17.83 20.43 20.21
CA ASP B 110 -17.76 20.86 21.62
C ASP B 110 -16.45 21.42 22.03
N ASN B 111 -15.34 20.78 21.74
CA ASN B 111 -14.01 21.39 22.03
C ASN B 111 -12.95 21.06 20.96
N LEU B 112 -11.85 21.79 21.03
CA LEU B 112 -10.72 21.67 20.10
C LEU B 112 -10.04 20.34 20.13
N ASN B 113 -10.21 19.55 21.17
CA ASN B 113 -9.59 18.24 21.19
C ASN B 113 -10.25 17.27 20.25
N HIS B 114 -11.52 17.51 19.88
CA HIS B 114 -12.21 16.62 18.93
C HIS B 114 -11.92 17.22 17.55
N ASN B 115 -10.76 16.83 17.01
CA ASN B 115 -10.18 17.43 15.76
C ASN B 115 -10.47 16.58 14.52
N ARG B 116 -11.50 15.74 14.65
CA ARG B 116 -12.02 14.85 13.58
C ARG B 116 -13.56 15.04 13.44
N ILE B 117 -14.00 15.24 12.20
CA ILE B 117 -15.38 15.24 11.80
C ILE B 117 -15.63 14.31 10.59
N TRP B 118 -16.70 13.52 10.64
CA TRP B 118 -17.21 12.77 9.45
C TRP B 118 -18.65 13.20 9.26
N LEU B 119 -18.97 13.79 8.11
CA LEU B 119 -20.33 14.21 7.78
C LEU B 119 -20.84 13.51 6.55
N ARG B 120 -22.00 12.88 6.65
CA ARG B 120 -22.61 12.27 5.47
C ARG B 120 -23.66 13.19 4.86
N LEU B 121 -23.59 13.34 3.53
CA LEU B 121 -24.56 13.95 2.68
C LEU B 121 -25.33 12.89 1.94
N ALA B 122 -26.66 13.07 1.88
CA ALA B 122 -27.52 12.14 1.13
C ALA B 122 -27.11 12.19 -0.37
N ALA B 123 -27.21 11.05 -0.99
CA ALA B 123 -27.10 10.96 -2.44
C ALA B 123 -27.94 9.85 -3.05
N GLN B 124 -27.97 9.83 -4.39
CA GLN B 124 -28.62 8.75 -5.15
C GLN B 124 -27.60 7.96 -5.88
N PRO B 125 -27.83 6.64 -6.01
CA PRO B 125 -26.91 5.70 -6.64
C PRO B 125 -26.52 6.08 -8.09
N GLU B 126 -27.37 6.81 -8.78
CA GLU B 126 -27.07 7.19 -10.16
C GLU B 126 -26.26 8.47 -10.30
N ASP B 127 -26.00 9.20 -9.22
CA ASP B 127 -25.35 10.51 -9.33
C ASP B 127 -23.85 10.34 -9.75
N HIS B 128 -23.39 11.24 -10.60
CA HIS B 128 -21.98 11.43 -10.90
C HIS B 128 -21.52 12.67 -10.13
N ILE B 129 -20.19 12.79 -9.95
CA ILE B 129 -19.52 13.78 -9.12
C ILE B 129 -18.26 14.24 -9.90
N TYR B 130 -18.06 15.56 -10.00
CA TYR B 130 -16.95 16.10 -10.75
C TYR B 130 -16.29 17.17 -9.90
N GLY B 131 -15.02 17.45 -10.19
CA GLY B 131 -14.26 18.49 -9.56
C GLY B 131 -13.21 17.98 -8.63
N CYS B 132 -13.21 18.51 -7.38
CA CYS B 132 -12.15 18.27 -6.37
C CYS B 132 -10.81 18.71 -6.89
N GLY B 133 -10.81 19.77 -7.66
CA GLY B 133 -9.60 20.29 -8.18
C GLY B 133 -9.14 19.76 -9.50
N GLU B 134 -7.80 19.49 -9.60
CA GLU B 134 -7.23 18.92 -10.79
C GLU B 134 -6.96 17.43 -10.51
N GLN B 135 -7.72 16.58 -11.14
CA GLN B 135 -7.67 15.14 -10.99
C GLN B 135 -7.22 14.49 -12.27
N PHE B 136 -6.29 13.53 -12.18
CA PHE B 136 -5.60 13.08 -13.37
C PHE B 136 -5.97 11.67 -13.77
N SER B 137 -6.54 10.88 -12.83
CA SER B 137 -6.92 9.54 -13.15
C SER B 137 -8.39 9.35 -13.35
N TYR B 138 -9.20 10.16 -12.69
CA TYR B 138 -10.68 10.11 -12.81
C TYR B 138 -11.19 11.52 -13.10
N PHE B 139 -12.25 11.57 -13.90
CA PHE B 139 -13.01 12.82 -14.06
C PHE B 139 -14.27 12.64 -13.19
N ASP B 140 -15.17 11.80 -13.64
CA ASP B 140 -16.23 11.30 -12.72
C ASP B 140 -15.55 10.64 -11.53
N LEU B 141 -15.81 11.15 -10.33
CA LEU B 141 -15.23 10.64 -9.09
C LEU B 141 -16.01 9.60 -8.36
N ARG B 142 -17.24 9.37 -8.84
CA ARG B 142 -18.18 8.52 -8.10
C ARG B 142 -17.66 7.10 -8.07
N GLY B 143 -17.79 6.44 -6.93
CA GLY B 143 -17.25 5.07 -6.73
C GLY B 143 -15.91 5.00 -5.94
N LYS B 144 -15.26 6.13 -5.64
CA LYS B 144 -13.93 6.14 -5.00
C LYS B 144 -13.78 7.20 -3.94
N PRO B 145 -12.85 7.01 -3.02
CA PRO B 145 -12.45 8.11 -2.11
C PRO B 145 -11.26 8.93 -2.62
N PHE B 146 -11.28 10.23 -2.33
CA PHE B 146 -10.24 11.18 -2.64
C PHE B 146 -9.75 11.96 -1.42
N PRO B 147 -8.56 11.56 -0.91
CA PRO B 147 -7.78 12.43 -0.06
C PRO B 147 -7.45 13.71 -0.77
N LEU B 148 -7.55 14.78 -0.03
CA LEU B 148 -7.36 16.13 -0.53
C LEU B 148 -6.17 16.75 0.24
N TRP B 149 -4.95 16.54 -0.30
CA TRP B 149 -3.74 17.00 0.36
C TRP B 149 -2.75 17.34 -0.77
N THR B 150 -2.44 18.60 -1.00
CA THR B 150 -1.58 18.95 -2.09
C THR B 150 -0.17 18.34 -1.90
N SER B 151 0.37 17.72 -2.94
CA SER B 151 1.65 17.00 -2.87
C SER B 151 2.22 17.01 -4.30
N GLU B 152 3.40 16.43 -4.44
CA GLU B 152 3.84 15.98 -5.78
C GLU B 152 2.77 15.04 -6.35
N GLN B 153 2.70 15.01 -7.66
CA GLN B 153 1.66 14.35 -8.40
C GLN B 153 1.85 12.84 -8.68
N GLY B 154 3.09 12.33 -8.57
CA GLY B 154 3.41 10.96 -8.77
C GLY B 154 4.14 10.82 -10.10
N VAL B 155 4.97 9.78 -10.21
CA VAL B 155 5.61 9.37 -11.43
C VAL B 155 5.07 7.95 -11.62
N GLY B 156 4.20 7.79 -12.62
CA GLY B 156 3.50 6.52 -12.96
C GLY B 156 2.07 6.52 -12.38
N ARG B 157 1.91 6.85 -11.10
CA ARG B 157 0.60 7.03 -10.49
C ARG B 157 -0.31 5.81 -10.47
N ASN B 158 0.22 4.62 -10.64
CA ASN B 158 -0.61 3.42 -10.70
C ASN B 158 0.21 2.28 -10.19
N LYS B 159 -0.21 1.71 -9.06
CA LYS B 159 0.56 0.62 -8.48
C LYS B 159 0.78 -0.66 -9.35
N GLN B 160 -0.02 -0.87 -10.37
CA GLN B 160 0.15 -1.98 -11.26
C GLN B 160 1.00 -1.68 -12.48
N THR B 161 1.64 -0.52 -12.54
CA THR B 161 2.56 -0.22 -13.68
C THR B 161 3.99 -0.17 -13.17
N TYR B 162 4.91 -0.53 -14.07
CA TYR B 162 6.33 -0.70 -13.74
C TYR B 162 7.01 0.54 -13.30
N VAL B 163 6.72 1.65 -13.99
CA VAL B 163 7.37 2.90 -13.63
C VAL B 163 6.96 3.37 -12.22
N THR B 164 5.68 3.19 -11.91
CA THR B 164 5.25 3.53 -10.55
C THR B 164 6.03 2.74 -9.50
N TRP B 165 6.20 1.45 -9.73
CA TRP B 165 6.94 0.58 -8.81
C TRP B 165 8.36 1.07 -8.68
N GLN B 166 9.00 1.40 -9.80
CA GLN B 166 10.36 1.91 -9.73
C GLN B 166 10.46 3.19 -8.94
N ALA B 167 9.49 4.10 -9.15
CA ALA B 167 9.58 5.40 -8.51
C ALA B 167 9.26 5.25 -7.00
N ASP B 168 8.46 4.26 -6.67
CA ASP B 168 8.16 4.02 -5.24
C ASP B 168 9.40 3.36 -4.47
N CYS B 169 10.32 2.76 -5.18
CA CYS B 169 11.53 2.27 -4.55
C CYS B 169 12.39 3.48 -4.21
N LYS B 170 12.28 4.57 -4.94
CA LYS B 170 13.17 5.73 -4.77
C LYS B 170 12.82 6.57 -3.60
N GLU B 171 11.69 7.29 -3.61
CA GLU B 171 11.34 8.15 -2.44
C GLU B 171 9.79 8.25 -2.30
N ASN B 172 9.15 7.09 -2.27
CA ASN B 172 7.72 6.98 -2.27
C ASN B 172 7.13 7.82 -3.41
N ALA B 173 7.82 7.88 -4.55
CA ALA B 173 7.52 8.89 -5.59
C ALA B 173 6.52 8.43 -6.68
N GLY B 174 6.12 7.18 -6.67
CA GLY B 174 5.24 6.63 -7.69
C GLY B 174 3.79 7.21 -7.61
N GLY B 175 3.26 7.33 -6.39
CA GLY B 175 1.97 7.97 -6.17
C GLY B 175 0.86 7.06 -6.47
N ASP B 176 -0.34 7.64 -6.59
CA ASP B 176 -1.54 6.87 -6.75
C ASP B 176 -2.59 7.77 -7.40
N TYR B 177 -3.74 7.20 -7.69
CA TYR B 177 -4.81 7.82 -8.54
C TYR B 177 -5.27 9.20 -8.14
N TYR B 178 -5.19 9.49 -6.85
CA TYR B 178 -5.68 10.73 -6.28
C TYR B 178 -4.57 11.73 -6.02
N TRP B 179 -3.30 11.37 -6.25
CA TRP B 179 -2.27 12.36 -5.98
C TRP B 179 -2.42 13.55 -6.86
N THR B 180 -2.23 14.75 -6.32
CA THR B 180 -2.26 15.91 -7.16
C THR B 180 -1.67 17.13 -6.41
N PHE B 181 -1.22 18.09 -7.19
CA PHE B 181 -0.73 19.36 -6.67
C PHE B 181 -1.80 20.43 -6.63
N PHE B 182 -3.02 20.09 -7.02
CA PHE B 182 -4.18 21.01 -6.97
C PHE B 182 -5.43 20.24 -6.55
N PRO B 183 -5.39 19.58 -5.38
CA PRO B 183 -6.72 19.15 -4.85
C PRO B 183 -7.52 20.37 -4.38
N GLN B 184 -8.82 20.26 -4.31
CA GLN B 184 -9.65 21.30 -3.78
C GLN B 184 -10.95 20.73 -3.19
N PRO B 185 -11.38 21.20 -2.00
CA PRO B 185 -12.56 20.59 -1.34
C PRO B 185 -13.86 21.23 -1.90
N THR B 186 -14.10 21.00 -3.20
CA THR B 186 -15.19 21.65 -3.99
C THR B 186 -15.60 20.61 -5.02
N PHE B 187 -16.88 20.27 -5.10
CA PHE B 187 -17.37 19.32 -6.09
C PHE B 187 -18.74 19.74 -6.63
N VAL B 188 -19.07 19.18 -7.80
CA VAL B 188 -20.31 19.30 -8.49
C VAL B 188 -20.97 17.94 -8.55
N SER B 189 -22.30 17.93 -8.25
CA SER B 189 -23.14 16.75 -8.37
C SER B 189 -24.08 16.84 -9.58
N THR B 190 -24.42 15.68 -10.15
CA THR B 190 -25.43 15.68 -11.22
C THR B 190 -26.87 15.94 -10.72
N GLN B 191 -27.09 16.11 -9.38
CA GLN B 191 -28.29 16.77 -8.88
C GLN B 191 -28.19 18.28 -9.07
N LYS B 192 -27.16 18.76 -9.79
CA LYS B 192 -27.03 20.18 -10.20
C LYS B 192 -26.87 21.10 -9.01
N TYR B 193 -25.94 20.74 -8.14
CA TYR B 193 -25.41 21.65 -7.12
C TYR B 193 -23.92 21.56 -7.04
N TYR B 194 -23.31 22.55 -6.39
CA TYR B 194 -21.91 22.51 -5.96
C TYR B 194 -21.87 22.58 -4.46
N CYS B 195 -20.91 21.83 -3.87
CA CYS B 195 -20.53 21.91 -2.48
C CYS B 195 -19.11 22.44 -2.33
N HIS B 196 -18.92 23.59 -1.65
CA HIS B 196 -17.61 24.20 -1.45
C HIS B 196 -17.33 24.24 0.09
N VAL B 197 -16.19 23.74 0.52
CA VAL B 197 -15.84 23.69 1.91
C VAL B 197 -14.75 24.69 2.17
N ASP B 198 -14.91 25.49 3.22
CA ASP B 198 -13.91 26.53 3.49
C ASP B 198 -12.63 26.06 4.06
N ASN B 199 -12.59 24.93 4.69
CA ASN B 199 -11.41 24.62 5.47
C ASN B 199 -10.12 24.40 4.55
N SER B 200 -8.91 24.46 5.11
CA SER B 200 -7.66 24.03 4.40
C SER B 200 -6.96 22.89 5.11
N CYS B 201 -7.60 22.23 6.08
CA CYS B 201 -7.02 21.07 6.71
C CYS B 201 -7.01 19.87 5.81
N TYR B 202 -6.33 18.77 6.20
CA TYR B 202 -6.54 17.47 5.52
C TYR B 202 -8.07 17.16 5.49
N MET B 203 -8.53 16.68 4.32
CA MET B 203 -9.84 16.08 4.15
C MET B 203 -9.75 14.89 3.24
N ASN B 204 -10.80 14.11 3.29
CA ASN B 204 -11.01 12.96 2.44
C ASN B 204 -12.47 12.96 2.05
N PHE B 205 -12.70 13.09 0.77
CA PHE B 205 -14.11 13.07 0.24
C PHE B 205 -14.37 11.71 -0.39
N ASP B 206 -15.26 10.95 0.24
CA ASP B 206 -15.49 9.60 -0.15
C ASP B 206 -16.82 9.56 -0.95
N PHE B 207 -16.73 9.29 -2.26
CA PHE B 207 -17.90 9.13 -3.11
C PHE B 207 -18.19 7.70 -3.46
N SER B 208 -17.82 6.78 -2.60
CA SER B 208 -17.98 5.40 -2.92
C SER B 208 -19.38 4.79 -2.59
N ALA B 209 -20.09 5.29 -1.60
CA ALA B 209 -21.33 4.64 -1.16
C ALA B 209 -22.51 5.12 -1.99
N PRO B 210 -23.37 4.16 -2.45
CA PRO B 210 -24.51 4.56 -3.28
C PRO B 210 -25.45 5.54 -2.70
N GLU B 211 -25.71 5.50 -1.36
CA GLU B 211 -26.69 6.44 -0.75
C GLU B 211 -26.14 7.72 -0.06
N TYR B 212 -24.83 7.91 0.00
CA TYR B 212 -24.27 9.03 0.69
C TYR B 212 -22.84 9.30 0.25
N HIS B 213 -22.50 10.57 0.25
CA HIS B 213 -21.10 11.04 0.22
C HIS B 213 -20.65 11.18 1.71
N GLU B 214 -19.46 10.73 2.04
CA GLU B 214 -18.84 10.99 3.39
C GLU B 214 -17.63 11.93 3.26
N LEU B 215 -17.71 13.06 3.96
CA LEU B 215 -16.71 14.06 3.94
C LEU B 215 -16.03 14.02 5.31
N ALA B 216 -14.79 13.60 5.32
CA ALA B 216 -14.00 13.57 6.53
C ALA B 216 -13.10 14.76 6.57
N LEU B 217 -13.13 15.44 7.70
CA LEU B 217 -12.30 16.58 7.94
C LEU B 217 -11.44 16.42 9.17
N TRP B 218 -10.17 16.81 9.03
CA TRP B 218 -9.24 16.80 10.16
C TRP B 218 -9.21 18.17 10.88
N GLU B 219 -10.36 18.55 11.44
CA GLU B 219 -10.50 19.79 12.14
C GLU B 219 -11.73 19.67 13.09
N ASP B 220 -11.85 20.60 14.02
CA ASP B 220 -12.91 20.59 15.05
C ASP B 220 -14.09 21.48 14.59
N LYS B 221 -13.95 22.16 13.47
CA LYS B 221 -15.05 22.95 12.89
C LYS B 221 -15.03 22.87 11.37
N ALA B 222 -16.18 23.10 10.73
CA ALA B 222 -16.30 23.12 9.25
C ALA B 222 -17.36 24.06 8.74
N THR B 223 -17.11 24.63 7.58
CA THR B 223 -18.06 25.52 6.96
C THR B 223 -18.24 25.08 5.50
N LEU B 224 -19.47 24.70 5.13
CA LEU B 224 -19.78 24.22 3.82
C LEU B 224 -20.84 25.09 3.20
N ARG B 225 -20.68 25.37 1.91
CA ARG B 225 -21.63 26.20 1.18
C ARG B 225 -22.12 25.48 -0.05
N PHE B 226 -23.42 25.63 -0.36
CA PHE B 226 -24.01 24.99 -1.55
C PHE B 226 -24.82 25.98 -2.37
N GLU B 227 -24.77 25.86 -3.70
CA GLU B 227 -25.77 26.50 -4.56
C GLU B 227 -26.22 25.50 -5.61
N CYS B 228 -27.47 25.67 -6.03
CA CYS B 228 -28.09 24.92 -7.11
C CYS B 228 -28.19 25.82 -8.37
N ALA B 229 -28.49 25.17 -9.49
CA ALA B 229 -28.78 25.91 -10.73
C ALA B 229 -29.47 24.96 -11.68
N ASP B 230 -30.06 25.53 -12.71
CA ASP B 230 -30.86 24.76 -13.69
C ASP B 230 -29.98 24.10 -14.74
N THR B 231 -28.79 24.66 -14.97
CA THR B 231 -27.87 24.05 -15.94
C THR B 231 -26.45 24.03 -15.35
N TYR B 232 -25.60 23.17 -15.88
CA TYR B 232 -24.15 23.22 -15.50
C TYR B 232 -23.47 24.54 -15.81
N ILE B 233 -23.79 25.13 -16.93
CA ILE B 233 -23.20 26.42 -17.30
C ILE B 233 -23.53 27.50 -16.27
N SER B 234 -24.81 27.59 -15.91
CA SER B 234 -25.21 28.53 -14.87
C SER B 234 -24.54 28.21 -13.51
N LEU B 235 -24.41 26.92 -13.17
CA LEU B 235 -23.79 26.46 -11.96
C LEU B 235 -22.31 26.92 -11.89
N LEU B 236 -21.61 26.90 -13.03
CA LEU B 236 -20.25 27.33 -13.10
C LEU B 236 -20.18 28.83 -13.03
N GLU B 237 -21.18 29.55 -13.58
CA GLU B 237 -21.23 30.97 -13.35
CA GLU B 237 -21.25 31.00 -13.35
C GLU B 237 -21.31 31.28 -11.84
N LYS B 238 -22.13 30.52 -11.12
CA LYS B 238 -22.29 30.77 -9.68
C LYS B 238 -21.04 30.37 -8.90
N LEU B 239 -20.47 29.23 -9.25
CA LEU B 239 -19.28 28.76 -8.57
C LEU B 239 -18.14 29.75 -8.75
N THR B 240 -17.94 30.23 -9.97
CA THR B 240 -16.93 31.25 -10.17
C THR B 240 -17.20 32.63 -9.54
N ALA B 241 -18.48 32.98 -9.33
CA ALA B 241 -18.80 34.21 -8.60
C ALA B 241 -18.39 34.03 -7.14
N LEU B 242 -18.38 32.80 -6.63
CA LEU B 242 -17.89 32.54 -5.29
C LEU B 242 -16.35 32.53 -5.26
N LEU B 243 -15.73 31.79 -6.16
CA LEU B 243 -14.33 31.46 -6.02
C LEU B 243 -13.44 32.43 -6.77
N GLY B 244 -13.91 33.00 -7.86
CA GLY B 244 -13.08 33.91 -8.65
C GLY B 244 -13.11 33.59 -10.12
N ARG B 245 -12.90 34.62 -10.97
CA ARG B 245 -12.76 34.44 -12.43
C ARG B 245 -11.41 34.87 -12.90
N GLN B 246 -10.92 34.24 -13.98
CA GLN B 246 -9.58 34.51 -14.48
C GLN B 246 -9.60 35.72 -15.40
N PRO B 247 -8.47 36.43 -15.56
CA PRO B 247 -8.41 37.52 -16.56
C PRO B 247 -8.40 36.92 -17.95
N GLU B 248 -8.64 37.78 -18.92
CA GLU B 248 -8.42 37.47 -20.29
C GLU B 248 -6.92 37.34 -20.50
N LEU B 249 -6.56 36.40 -21.39
CA LEU B 249 -5.18 36.14 -21.73
C LEU B 249 -4.63 37.28 -22.55
N PRO B 250 -3.33 37.51 -22.50
CA PRO B 250 -2.74 38.49 -23.43
C PRO B 250 -2.93 38.07 -24.85
N ASP B 251 -3.05 39.06 -25.75
CA ASP B 251 -3.29 38.81 -27.13
C ASP B 251 -2.21 37.99 -27.81
N TRP B 252 -0.98 38.09 -27.32
CA TRP B 252 0.13 37.41 -27.96
C TRP B 252 0.20 35.91 -27.63
N ILE B 253 -0.53 35.42 -26.62
CA ILE B 253 -0.59 33.96 -26.39
C ILE B 253 -1.13 33.16 -27.59
N TYR B 254 -2.02 33.78 -28.36
CA TYR B 254 -2.64 33.17 -29.51
C TYR B 254 -1.77 33.16 -30.74
N ASP B 255 -0.59 33.75 -30.72
CA ASP B 255 0.19 34.02 -31.95
C ASP B 255 1.23 32.96 -32.31
N GLY B 256 1.28 31.88 -31.55
CA GLY B 256 2.10 30.71 -31.90
C GLY B 256 2.57 29.93 -30.69
N VAL B 257 3.62 29.17 -30.89
CA VAL B 257 4.19 28.33 -29.81
C VAL B 257 5.27 29.05 -29.06
N THR B 258 5.30 28.81 -27.76
CA THR B 258 6.35 29.31 -26.89
C THR B 258 7.39 28.18 -26.80
N LEU B 259 8.63 28.45 -27.27
CA LEU B 259 9.68 27.41 -27.28
C LEU B 259 10.37 27.30 -25.92
N GLY B 260 10.36 26.10 -25.31
CA GLY B 260 11.07 25.83 -24.08
C GLY B 260 12.51 25.48 -24.44
N ILE B 261 13.40 26.35 -24.04
CA ILE B 261 14.86 26.26 -24.35
C ILE B 261 15.72 26.57 -23.11
N GLN B 262 16.79 25.80 -22.91
CA GLN B 262 17.79 26.08 -21.95
C GLN B 262 19.14 26.19 -22.70
N GLY B 263 20.14 26.72 -21.99
CA GLY B 263 21.54 26.69 -22.47
C GLY B 263 22.08 28.03 -22.94
N GLY B 264 21.33 29.09 -22.75
CA GLY B 264 21.85 30.47 -22.95
C GLY B 264 21.40 31.22 -24.22
N THR B 265 21.80 32.48 -24.27
CA THR B 265 21.26 33.46 -25.20
C THR B 265 21.40 33.00 -26.65
N GLU B 266 22.57 32.47 -26.94
CA GLU B 266 22.91 32.12 -28.30
C GLU B 266 22.17 30.81 -28.72
N VAL B 267 22.03 29.83 -27.81
CA VAL B 267 21.26 28.64 -28.07
C VAL B 267 19.76 29.04 -28.37
N CYS B 268 19.25 29.99 -27.62
CA CYS B 268 17.89 30.42 -27.75
C CYS B 268 17.70 31.05 -29.14
N GLN B 269 18.68 31.87 -29.50
CA GLN B 269 18.69 32.59 -30.79
C GLN B 269 18.68 31.62 -31.98
N LYS B 270 19.55 30.62 -31.93
CA LYS B 270 19.70 29.63 -33.02
C LYS B 270 18.41 28.87 -33.23
N LYS B 271 17.83 28.42 -32.11
CA LYS B 271 16.61 27.66 -32.15
C LYS B 271 15.42 28.46 -32.66
N LEU B 272 15.32 29.70 -32.24
CA LEU B 272 14.27 30.59 -32.67
C LEU B 272 14.31 30.75 -34.19
N ASP B 273 15.50 31.05 -34.69
CA ASP B 273 15.67 31.35 -36.11
C ASP B 273 15.43 30.08 -36.91
N THR B 274 15.92 28.92 -36.45
CA THR B 274 15.58 27.67 -37.12
C THR B 274 14.04 27.47 -37.31
N MET B 275 13.30 27.67 -36.24
CA MET B 275 11.90 27.41 -36.28
C MET B 275 11.15 28.47 -37.13
N ARG B 276 11.45 29.72 -36.88
CA ARG B 276 10.86 30.76 -37.65
C ARG B 276 11.13 30.69 -39.18
N ASN B 277 12.36 30.44 -39.58
CA ASN B 277 12.71 30.42 -40.99
C ASN B 277 12.13 29.21 -41.68
N ALA B 278 11.65 28.24 -40.89
CA ALA B 278 10.97 27.12 -41.45
C ALA B 278 9.48 27.35 -41.44
N GLY B 279 8.96 28.53 -41.17
CA GLY B 279 7.50 28.74 -41.22
C GLY B 279 6.78 28.46 -39.88
N VAL B 280 7.49 28.14 -38.81
CA VAL B 280 6.80 27.91 -37.49
C VAL B 280 6.33 29.21 -36.92
N LYS B 281 5.12 29.27 -36.39
CA LYS B 281 4.66 30.45 -35.71
C LYS B 281 5.14 30.39 -34.29
N VAL B 282 5.91 31.41 -33.92
CA VAL B 282 6.64 31.40 -32.62
C VAL B 282 6.31 32.65 -31.88
N ASN B 283 5.70 32.50 -30.70
CA ASN B 283 5.32 33.71 -29.98
C ASN B 283 6.25 34.08 -28.84
N GLY B 284 7.15 33.14 -28.49
CA GLY B 284 7.91 33.31 -27.30
C GLY B 284 8.99 32.29 -27.13
N ILE B 285 9.88 32.66 -26.23
CA ILE B 285 10.97 31.79 -25.72
C ILE B 285 10.81 31.72 -24.21
N TRP B 286 10.74 30.51 -23.69
CA TRP B 286 10.66 30.29 -22.24
C TRP B 286 11.97 29.57 -21.81
N ALA B 287 12.80 30.27 -21.04
CA ALA B 287 14.15 29.81 -20.68
C ALA B 287 14.23 29.73 -19.16
N GLN B 288 13.98 28.55 -18.62
CA GLN B 288 13.92 28.45 -17.18
C GLN B 288 15.30 28.65 -16.50
N ASP B 289 16.38 28.56 -17.27
CA ASP B 289 17.70 28.65 -16.66
C ASP B 289 18.22 30.09 -16.76
N TRP B 290 17.31 31.05 -16.94
CA TRP B 290 17.64 32.49 -16.95
C TRP B 290 18.49 33.03 -15.78
N SER B 291 18.33 32.36 -14.63
CA SER B 291 18.93 32.66 -13.38
C SER B 291 20.27 31.84 -13.18
N GLY B 292 20.60 30.96 -14.12
CA GLY B 292 21.82 30.18 -14.09
C GLY B 292 21.61 28.71 -13.91
N ILE B 293 22.68 27.95 -14.06
CA ILE B 293 22.65 26.51 -13.97
C ILE B 293 23.54 26.04 -12.83
N ARG B 294 23.01 25.11 -12.07
CA ARG B 294 23.71 24.41 -11.07
C ARG B 294 23.90 22.95 -11.43
N MET B 295 25.15 22.49 -11.46
CA MET B 295 25.43 21.04 -11.52
C MET B 295 25.10 20.34 -10.21
N THR B 296 24.48 19.17 -10.34
CA THR B 296 24.19 18.24 -9.24
C THR B 296 24.67 16.85 -9.62
N SER B 297 24.62 15.94 -8.63
CA SER B 297 24.93 14.52 -8.84
C SER B 297 24.01 13.91 -9.89
N PHE B 298 22.77 14.39 -9.88
CA PHE B 298 21.76 13.83 -10.73
C PHE B 298 21.72 14.54 -12.12
N GLY B 299 22.33 15.72 -12.27
CA GLY B 299 22.51 16.41 -13.62
C GLY B 299 22.27 17.92 -13.47
N LYS B 300 22.15 18.67 -14.58
CA LYS B 300 21.94 20.15 -14.56
C LYS B 300 20.56 20.57 -14.01
N ARG B 301 20.54 21.57 -13.13
CA ARG B 301 19.34 22.11 -12.56
C ARG B 301 19.39 23.60 -12.70
N VAL B 302 18.26 24.22 -12.51
CA VAL B 302 18.14 25.67 -12.52
C VAL B 302 18.68 26.20 -11.17
N MET B 303 19.32 27.37 -11.21
CA MET B 303 19.82 28.00 -9.98
C MET B 303 18.74 28.81 -9.37
N TRP B 304 18.43 28.48 -8.12
CA TRP B 304 17.29 29.08 -7.45
C TRP B 304 17.59 30.44 -6.82
N ASN B 305 17.94 31.40 -7.66
CA ASN B 305 18.11 32.76 -7.21
C ASN B 305 17.60 33.64 -8.33
N TRP B 306 16.52 34.36 -8.02
CA TRP B 306 15.63 34.95 -8.99
C TRP B 306 16.09 36.30 -9.48
N LYS B 307 17.21 36.22 -10.19
CA LYS B 307 17.78 37.38 -10.83
C LYS B 307 18.52 36.94 -12.09
N TRP B 308 18.47 37.77 -13.12
CA TRP B 308 19.04 37.47 -14.46
C TRP B 308 20.50 37.18 -14.27
N ASN B 309 20.95 36.01 -14.73
CA ASN B 309 22.32 35.62 -14.72
C ASN B 309 22.97 35.91 -16.10
N SER B 310 23.68 37.02 -16.14
CA SER B 310 24.42 37.46 -17.33
C SER B 310 25.59 36.64 -17.79
N GLU B 311 26.06 35.71 -16.95
CA GLU B 311 27.00 34.70 -17.41
C GLU B 311 26.32 33.60 -18.23
N ASN B 312 25.23 33.04 -17.72
CA ASN B 312 24.50 32.03 -18.50
C ASN B 312 23.70 32.62 -19.68
N TYR B 313 23.21 33.86 -19.50
CA TYR B 313 22.43 34.64 -20.50
C TYR B 313 23.04 36.02 -20.80
N PRO B 314 24.20 36.01 -21.48
CA PRO B 314 24.78 37.30 -21.82
C PRO B 314 23.87 38.08 -22.74
N GLN B 315 23.80 39.38 -22.45
CA GLN B 315 23.09 40.38 -23.24
C GLN B 315 21.60 40.16 -23.30
N LEU B 316 21.02 39.44 -22.32
CA LEU B 316 19.60 39.17 -22.35
C LEU B 316 18.75 40.40 -22.32
N ASP B 317 19.14 41.39 -21.51
CA ASP B 317 18.40 42.64 -21.38
C ASP B 317 18.17 43.29 -22.72
N SER B 318 19.20 43.40 -23.54
CA SER B 318 18.98 43.97 -24.87
C SER B 318 18.33 42.98 -25.84
N ARG B 319 18.66 41.70 -25.73
CA ARG B 319 18.09 40.71 -26.65
C ARG B 319 16.54 40.63 -26.47
N ILE B 320 16.05 40.79 -25.25
CA ILE B 320 14.62 40.79 -25.03
C ILE B 320 13.95 41.88 -25.87
N LYS B 321 14.57 43.07 -25.93
CA LYS B 321 14.01 44.16 -26.70
C LYS B 321 13.97 43.80 -28.16
N GLN B 322 15.02 43.15 -28.63
CA GLN B 322 15.10 42.80 -30.01
C GLN B 322 14.07 41.73 -30.34
N TRP B 323 13.91 40.76 -29.44
CA TRP B 323 12.91 39.69 -29.67
C TRP B 323 11.49 40.27 -29.67
N ASN B 324 11.25 41.22 -28.77
CA ASN B 324 10.00 41.96 -28.66
C ASN B 324 9.67 42.71 -29.95
N GLN B 325 10.68 43.33 -30.55
CA GLN B 325 10.46 44.02 -31.81
C GLN B 325 10.08 43.11 -32.91
N GLU B 326 10.50 41.85 -32.86
CA GLU B 326 10.09 40.84 -33.85
C GLU B 326 8.82 40.02 -33.44
N GLY B 327 8.09 40.36 -32.40
CA GLY B 327 6.90 39.56 -31.99
C GLY B 327 7.21 38.33 -31.10
N VAL B 328 8.30 38.36 -30.35
CA VAL B 328 8.75 37.22 -29.52
C VAL B 328 8.85 37.71 -28.09
N GLN B 329 8.03 37.13 -27.21
CA GLN B 329 8.18 37.40 -25.78
C GLN B 329 9.22 36.49 -25.13
N PHE B 330 9.78 36.95 -24.02
CA PHE B 330 10.68 36.15 -23.21
C PHE B 330 10.00 35.79 -21.88
N LEU B 331 10.12 34.52 -21.48
CA LEU B 331 9.45 34.01 -20.24
C LEU B 331 10.48 33.29 -19.38
N ALA B 332 10.38 33.46 -18.06
CA ALA B 332 11.37 32.99 -17.12
C ALA B 332 10.71 32.00 -16.12
N TYR B 333 11.27 31.94 -14.93
CA TYR B 333 10.94 30.93 -13.95
C TYR B 333 11.20 31.53 -12.52
N ILE B 334 10.27 31.29 -11.60
CA ILE B 334 10.47 31.55 -10.19
C ILE B 334 9.72 30.50 -9.34
N ASN B 335 10.14 30.32 -8.13
CA ASN B 335 9.39 29.48 -7.17
C ASN B 335 9.57 30.11 -5.77
N PRO B 336 8.83 29.62 -4.78
CA PRO B 336 8.83 30.32 -3.51
C PRO B 336 9.96 29.80 -2.55
N TYR B 337 11.07 29.30 -3.10
CA TYR B 337 12.26 28.95 -2.32
C TYR B 337 13.45 29.78 -2.76
N VAL B 338 14.50 29.91 -1.91
CA VAL B 338 15.71 30.70 -2.33
C VAL B 338 16.99 29.94 -1.93
N ALA B 339 17.91 29.83 -2.90
CA ALA B 339 19.17 29.12 -2.72
C ALA B 339 20.00 29.74 -1.53
N SER B 340 20.35 28.88 -0.60
CA SER B 340 20.93 29.30 0.72
C SER B 340 22.31 29.96 0.59
N ASP B 341 23.03 29.59 -0.47
CA ASP B 341 24.33 30.22 -0.80
C ASP B 341 24.23 31.45 -1.71
N LYS B 342 23.05 32.04 -1.95
CA LYS B 342 22.97 33.23 -2.83
C LYS B 342 22.31 34.37 -2.18
N ASP B 343 22.22 35.50 -2.87
CA ASP B 343 21.81 36.77 -2.29
C ASP B 343 20.41 36.94 -1.74
N LEU B 344 19.41 36.47 -2.47
CA LEU B 344 18.07 36.62 -1.95
C LEU B 344 17.88 35.91 -0.63
N CYS B 345 18.44 34.70 -0.46
CA CYS B 345 18.29 33.96 0.79
C CYS B 345 19.02 34.69 1.94
N GLU B 346 20.25 35.13 1.71
CA GLU B 346 20.98 35.99 2.69
C GLU B 346 20.12 37.17 3.14
N GLU B 347 19.61 37.95 2.19
CA GLU B 347 18.72 39.03 2.52
C GLU B 347 17.45 38.58 3.32
N ALA B 348 16.88 37.44 2.95
CA ALA B 348 15.73 36.93 3.66
C ALA B 348 16.09 36.55 5.11
N ALA B 349 17.25 35.90 5.28
CA ALA B 349 17.70 35.49 6.61
C ALA B 349 17.94 36.76 7.44
N GLN B 350 18.62 37.73 6.85
CA GLN B 350 18.76 39.04 7.51
C GLN B 350 17.49 39.65 8.05
N HIS B 351 16.44 39.72 7.24
CA HIS B 351 15.19 40.41 7.65
C HIS B 351 14.11 39.56 8.29
N GLY B 352 14.42 38.29 8.58
CA GLY B 352 13.45 37.33 9.15
C GLY B 352 12.35 36.84 8.19
N TYR B 353 12.62 36.78 6.87
CA TYR B 353 11.61 36.51 5.84
C TYR B 353 11.38 35.04 5.55
N LEU B 354 12.17 34.19 6.18
CA LEU B 354 12.07 32.75 6.05
C LEU B 354 11.22 32.04 7.11
N ALA B 355 10.57 30.96 6.73
CA ALA B 355 9.83 30.18 7.69
C ALA B 355 10.82 29.69 8.72
N LYS B 356 10.37 29.33 9.94
CA LYS B 356 11.27 28.70 10.95
C LYS B 356 11.05 27.23 11.14
N ASP B 357 12.07 26.58 11.71
CA ASP B 357 11.98 25.18 12.12
C ASP B 357 11.67 25.09 13.62
N ALA B 358 11.61 23.86 14.14
CA ALA B 358 11.22 23.66 15.58
C ALA B 358 12.25 24.27 16.54
N SER B 359 13.53 24.32 16.15
CA SER B 359 14.55 25.05 16.95
C SER B 359 14.49 26.58 16.95
N GLY B 360 13.57 27.18 16.20
CA GLY B 360 13.58 28.66 15.96
C GLY B 360 14.64 29.09 14.93
N GLY B 361 15.36 28.12 14.37
CA GLY B 361 16.26 28.36 13.21
C GLY B 361 15.52 28.46 11.87
N ASP B 362 16.06 29.24 10.93
CA ASP B 362 15.54 29.34 9.55
C ASP B 362 15.41 27.96 8.92
N TYR B 363 14.23 27.69 8.33
CA TYR B 363 13.96 26.38 7.70
C TYR B 363 14.60 26.40 6.32
N LEU B 364 15.40 25.35 6.08
CA LEU B 364 16.03 25.05 4.81
C LEU B 364 15.62 23.68 4.40
N VAL B 365 15.20 23.54 3.14
CA VAL B 365 14.83 22.26 2.57
C VAL B 365 16.01 21.75 1.80
N GLU B 366 16.16 20.44 1.81
CA GLU B 366 17.22 19.78 1.13
C GLU B 366 16.74 19.35 -0.22
N PHE B 367 17.41 19.86 -1.23
CA PHE B 367 17.29 19.40 -2.61
C PHE B 367 18.71 18.96 -2.99
N GLY B 368 18.94 17.66 -2.89
CA GLY B 368 20.28 17.09 -3.06
C GLY B 368 21.31 17.52 -2.03
N GLU B 369 22.47 17.92 -2.51
CA GLU B 369 23.54 18.40 -1.65
C GLU B 369 23.37 19.90 -1.36
N PHE B 370 22.39 20.56 -1.99
CA PHE B 370 22.09 22.00 -1.78
C PHE B 370 20.78 22.25 -0.98
N TYR B 371 20.55 23.49 -0.59
CA TYR B 371 19.56 23.89 0.38
C TYR B 371 18.86 25.13 -0.12
N GLY B 372 17.56 25.19 0.14
CA GLY B 372 16.69 26.35 -0.23
C GLY B 372 15.95 26.79 1.00
N GLY B 373 16.05 28.06 1.33
CA GLY B 373 15.17 28.68 2.30
C GLY B 373 13.69 28.77 1.83
N VAL B 374 12.77 28.55 2.78
CA VAL B 374 11.31 28.65 2.55
C VAL B 374 10.89 30.09 2.77
N VAL B 375 10.53 30.81 1.71
CA VAL B 375 10.02 32.19 1.87
C VAL B 375 8.64 32.11 2.64
N ASP B 376 8.54 32.84 3.75
CA ASP B 376 7.31 32.81 4.56
C ASP B 376 6.30 33.84 4.06
N LEU B 377 5.41 33.41 3.15
CA LEU B 377 4.40 34.28 2.54
C LEU B 377 3.29 34.75 3.51
N THR B 378 3.16 34.12 4.70
CA THR B 378 2.28 34.63 5.84
C THR B 378 2.88 35.83 6.59
N ASN B 379 4.18 36.07 6.49
CA ASN B 379 4.79 37.36 6.94
C ASN B 379 4.56 38.47 5.90
N PRO B 380 3.76 39.49 6.22
CA PRO B 380 3.45 40.54 5.23
C PRO B 380 4.64 41.29 4.62
N GLU B 381 5.72 41.43 5.37
CA GLU B 381 6.90 42.10 4.80
C GLU B 381 7.67 41.19 3.87
N ALA B 382 7.80 39.91 4.23
CA ALA B 382 8.39 38.90 3.37
C ALA B 382 7.57 38.83 2.02
N TYR B 383 6.23 38.83 2.14
CA TYR B 383 5.33 38.77 1.00
C TYR B 383 5.54 39.97 0.12
N ALA B 384 5.55 41.17 0.69
CA ALA B 384 5.81 42.40 -0.12
C ALA B 384 7.19 42.41 -0.74
N TRP B 385 8.15 41.87 -0.01
CA TRP B 385 9.52 41.75 -0.52
C TRP B 385 9.62 40.87 -1.78
N PHE B 386 9.14 39.63 -1.63
CA PHE B 386 9.16 38.69 -2.75
C PHE B 386 8.31 39.20 -3.93
N LYS B 387 7.19 39.85 -3.68
CA LYS B 387 6.51 40.58 -4.77
C LYS B 387 7.37 41.63 -5.45
N GLU B 388 8.21 42.30 -4.68
CA GLU B 388 9.17 43.25 -5.29
C GLU B 388 10.22 42.62 -6.15
N VAL B 389 10.70 41.50 -5.69
CA VAL B 389 11.63 40.69 -6.47
C VAL B 389 11.05 40.35 -7.86
N ILE B 390 9.74 40.00 -7.90
CA ILE B 390 9.08 39.68 -9.14
C ILE B 390 9.05 40.93 -9.95
N LYS B 391 8.70 42.07 -9.32
CA LYS B 391 8.54 43.31 -10.10
C LYS B 391 9.83 43.83 -10.68
N LYS B 392 10.83 43.88 -9.85
CA LYS B 392 12.10 44.49 -10.20
C LYS B 392 12.92 43.50 -11.05
N ASN B 393 12.95 42.19 -10.69
CA ASN B 393 13.81 41.24 -11.41
C ASN B 393 13.23 40.57 -12.66
N MET B 394 11.91 40.54 -12.83
CA MET B 394 11.29 39.91 -14.03
C MET B 394 10.53 40.93 -14.85
N ILE B 395 9.60 41.61 -14.21
CA ILE B 395 8.68 42.48 -14.97
C ILE B 395 9.54 43.65 -15.56
N GLU B 396 10.37 44.27 -14.73
CA GLU B 396 11.22 45.39 -15.22
C GLU B 396 12.36 44.97 -16.15
N LEU B 397 12.81 43.73 -16.05
CA LEU B 397 13.68 43.17 -17.08
C LEU B 397 12.98 43.07 -18.44
N GLY B 398 11.65 43.07 -18.48
CA GLY B 398 10.98 42.93 -19.78
C GLY B 398 10.41 41.52 -20.07
N CYS B 399 10.38 40.66 -19.05
CA CYS B 399 9.69 39.35 -19.23
C CYS B 399 8.23 39.53 -19.54
N GLY B 400 7.72 38.82 -20.57
CA GLY B 400 6.31 38.68 -20.85
C GLY B 400 5.51 37.67 -19.98
N GLY B 401 6.25 36.85 -19.22
CA GLY B 401 5.63 35.94 -18.26
C GLY B 401 6.62 34.94 -17.73
N TRP B 402 6.13 33.87 -17.06
CA TRP B 402 7.08 32.95 -16.38
C TRP B 402 6.31 31.79 -15.86
N MET B 403 7.02 30.68 -15.60
CA MET B 403 6.44 29.61 -14.83
C MET B 403 6.62 30.06 -13.37
N ALA B 404 5.53 30.05 -12.60
CA ALA B 404 5.52 30.24 -11.15
C ALA B 404 5.32 28.87 -10.59
N ASP B 405 6.44 28.20 -10.34
CA ASP B 405 6.45 26.81 -10.01
C ASP B 405 6.24 26.58 -8.49
N PHE B 406 6.01 25.36 -8.14
CA PHE B 406 5.88 24.97 -6.73
C PHE B 406 4.66 25.54 -6.05
N GLY B 407 4.58 25.43 -4.71
CA GLY B 407 3.31 25.66 -4.02
C GLY B 407 2.85 24.46 -3.23
N GLU B 408 3.13 23.28 -3.76
CA GLU B 408 2.69 22.01 -3.18
C GLU B 408 3.48 21.38 -2.06
N TYR B 409 4.62 21.99 -1.71
CA TYR B 409 5.55 21.40 -0.74
C TYR B 409 5.98 22.40 0.35
N LEU B 410 5.01 23.01 1.02
CA LEU B 410 5.25 23.64 2.31
C LEU B 410 5.39 22.52 3.32
N PRO B 411 6.61 22.34 3.93
CA PRO B 411 6.80 21.22 4.85
C PRO B 411 5.91 21.41 6.08
N THR B 412 5.44 20.29 6.59
CA THR B 412 4.48 20.31 7.71
C THR B 412 5.13 20.53 9.07
N ASP B 413 6.44 20.72 9.12
CA ASP B 413 7.15 21.06 10.39
C ASP B 413 7.88 22.38 10.25
N THR B 414 7.39 23.28 9.39
CA THR B 414 7.70 24.71 9.45
C THR B 414 6.82 25.39 10.47
N TYR B 415 7.25 26.59 10.89
CA TYR B 415 6.56 27.41 11.84
C TYR B 415 6.53 28.73 11.18
N LEU B 416 5.35 29.32 11.14
CA LEU B 416 5.07 30.44 10.28
C LEU B 416 4.74 31.67 11.04
N HIS B 417 4.96 32.80 10.37
CA HIS B 417 4.72 34.07 10.97
C HIS B 417 3.34 34.22 11.52
N ASN B 418 2.33 33.87 10.76
CA ASN B 418 0.97 34.14 11.20
C ASN B 418 0.54 33.26 12.36
N GLY B 419 1.36 32.33 12.79
CA GLY B 419 1.02 31.45 13.87
C GLY B 419 0.09 30.31 13.58
N VAL B 420 -0.31 30.13 12.30
CA VAL B 420 -1.21 29.01 11.95
C VAL B 420 -0.37 27.75 11.80
N SER B 421 -0.83 26.63 12.29
CA SER B 421 -0.15 25.38 12.05
C SER B 421 0.14 25.19 10.51
N ALA B 422 1.32 24.69 10.20
CA ALA B 422 1.68 24.28 8.87
C ALA B 422 0.80 23.12 8.37
N GLU B 423 0.21 22.34 9.29
CA GLU B 423 -0.82 21.35 8.89
C GLU B 423 -2.11 21.98 8.34
N ILE B 424 -2.31 23.25 8.57
CA ILE B 424 -3.41 23.98 8.02
C ILE B 424 -2.95 24.86 6.89
N MET B 425 -1.75 25.42 6.99
CA MET B 425 -1.27 26.34 5.92
C MET B 425 -0.82 25.62 4.65
N HIS B 426 -0.45 24.36 4.79
CA HIS B 426 0.07 23.53 3.75
C HIS B 426 -0.83 23.54 2.48
N ASN B 427 -2.13 23.22 2.64
CA ASN B 427 -3.09 23.19 1.53
C ASN B 427 -3.42 24.63 1.05
N ALA B 428 -3.20 25.67 1.87
CA ALA B 428 -3.45 27.02 1.38
C ALA B 428 -2.29 27.66 0.71
N TRP B 429 -1.13 26.99 0.73
CA TRP B 429 0.08 27.68 0.20
C TRP B 429 0.02 28.06 -1.28
N PRO B 430 -0.57 27.17 -2.12
CA PRO B 430 -0.60 27.51 -3.57
C PRO B 430 -1.35 28.78 -3.99
N ALA B 431 -2.58 29.02 -3.50
CA ALA B 431 -3.29 30.24 -3.84
C ALA B 431 -2.64 31.52 -3.27
N LEU B 432 -1.97 31.38 -2.11
CA LEU B 432 -1.16 32.47 -1.52
C LEU B 432 0.01 32.80 -2.42
N TRP B 433 0.69 31.76 -2.88
CA TRP B 433 1.74 31.97 -3.90
C TRP B 433 1.20 32.55 -5.18
N ALA B 434 0.04 32.06 -5.65
CA ALA B 434 -0.57 32.67 -6.81
C ALA B 434 -0.81 34.18 -6.65
N LYS B 435 -1.37 34.54 -5.51
CA LYS B 435 -1.73 35.94 -5.19
C LYS B 435 -0.55 36.88 -5.29
N CYS B 436 0.60 36.41 -4.85
CA CYS B 436 1.82 37.19 -4.87
C CYS B 436 2.21 37.54 -6.29
N ASN B 437 2.14 36.53 -7.17
CA ASN B 437 2.28 36.78 -8.63
C ASN B 437 1.22 37.69 -9.22
N TYR B 438 -0.06 37.39 -8.92
CA TYR B 438 -1.16 38.24 -9.42
C TYR B 438 -0.98 39.70 -9.03
N GLU B 439 -0.68 39.92 -7.75
CA GLU B 439 -0.44 41.28 -7.24
C GLU B 439 0.73 41.98 -7.91
N ALA B 440 1.79 41.25 -8.21
CA ALA B 440 2.87 41.92 -8.92
C ALA B 440 2.40 42.52 -10.22
N LEU B 441 1.62 41.75 -10.97
CA LEU B 441 1.04 42.21 -12.23
C LEU B 441 0.07 43.39 -12.01
N GLU B 442 -0.80 43.21 -11.01
CA GLU B 442 -1.82 44.23 -10.71
C GLU B 442 -1.11 45.59 -10.42
N GLU B 443 -0.07 45.56 -9.60
CA GLU B 443 0.61 46.77 -9.15
C GLU B 443 1.46 47.39 -10.22
N THR B 444 1.74 46.70 -11.32
CA THR B 444 2.52 47.28 -12.43
C THR B 444 1.66 47.51 -13.63
N GLY B 445 0.34 47.29 -13.51
CA GLY B 445 -0.55 47.54 -14.63
C GLY B 445 -0.43 46.54 -15.78
N LYS B 446 -0.07 45.28 -15.45
CA LYS B 446 0.21 44.25 -16.47
C LYS B 446 -0.76 43.07 -16.56
N LEU B 447 -1.87 43.07 -15.80
CA LEU B 447 -2.91 42.12 -16.04
C LEU B 447 -3.38 42.21 -17.47
N GLY B 448 -3.50 41.05 -18.13
CA GLY B 448 -3.80 41.06 -19.61
C GLY B 448 -2.69 41.35 -20.60
N GLU B 449 -1.48 41.53 -20.10
CA GLU B 449 -0.31 41.73 -20.93
C GLU B 449 0.81 40.73 -20.58
N ILE B 450 0.94 40.38 -19.31
CA ILE B 450 1.92 39.37 -18.86
C ILE B 450 1.14 38.12 -18.48
N LEU B 451 1.78 36.98 -18.69
CA LEU B 451 1.11 35.71 -18.41
C LEU B 451 2.01 34.78 -17.60
N PHE B 452 1.58 34.42 -16.42
CA PHE B 452 2.31 33.38 -15.63
C PHE B 452 1.45 32.12 -15.55
N PHE B 453 2.12 31.03 -15.26
CA PHE B 453 1.44 29.77 -15.25
C PHE B 453 1.94 28.94 -14.12
N MET B 454 1.03 28.19 -13.50
CA MET B 454 1.32 27.44 -12.28
C MET B 454 0.88 26.00 -12.40
N ARG B 455 1.54 25.08 -11.70
CA ARG B 455 0.99 23.75 -11.51
C ARG B 455 0.17 23.60 -10.25
N ALA B 456 0.72 24.03 -9.12
CA ALA B 456 -0.02 23.87 -7.81
C ALA B 456 -1.16 24.86 -7.74
N GLY B 457 -2.21 24.48 -7.02
CA GLY B 457 -3.36 25.37 -6.82
C GLY B 457 -4.09 25.00 -5.55
N SER B 458 -4.92 25.93 -5.14
CA SER B 458 -5.83 25.74 -3.98
C SER B 458 -6.99 26.73 -4.15
N THR B 459 -7.97 26.68 -3.23
CA THR B 459 -9.10 27.62 -3.31
C THR B 459 -8.64 29.07 -3.45
N GLY B 460 -9.10 29.76 -4.49
CA GLY B 460 -8.67 31.14 -4.80
C GLY B 460 -7.78 31.26 -6.03
N SER B 461 -7.13 30.16 -6.38
CA SER B 461 -6.35 30.11 -7.65
C SER B 461 -7.25 30.46 -8.86
N GLN B 462 -8.56 30.26 -8.72
CA GLN B 462 -9.55 30.63 -9.73
C GLN B 462 -9.52 32.14 -10.01
N LYS B 463 -9.18 32.95 -9.01
CA LYS B 463 -8.97 34.38 -9.27
C LYS B 463 -7.48 34.72 -9.55
N TYR B 464 -6.56 34.11 -8.82
CA TYR B 464 -5.16 34.62 -8.85
C TYR B 464 -4.18 33.98 -9.87
N SER B 465 -4.42 32.73 -10.30
CA SER B 465 -3.54 32.12 -11.33
C SER B 465 -4.03 32.44 -12.72
N THR B 466 -3.20 33.08 -13.54
CA THR B 466 -3.62 33.49 -14.85
C THR B 466 -3.73 32.28 -15.85
N MET B 467 -3.10 31.14 -15.50
CA MET B 467 -3.09 29.96 -16.33
C MET B 467 -2.56 28.80 -15.54
N MET B 468 -3.25 27.68 -15.67
CA MET B 468 -2.82 26.40 -15.08
C MET B 468 -2.08 25.62 -16.14
N TRP B 469 -0.99 24.99 -15.70
CA TRP B 469 -0.27 23.99 -16.44
C TRP B 469 -0.33 22.66 -15.74
N ALA B 470 -0.49 21.62 -16.54
CA ALA B 470 -0.76 20.29 -16.04
C ALA B 470 0.42 19.56 -15.29
N GLY B 471 1.50 20.28 -15.10
CA GLY B 471 2.66 19.78 -14.42
C GLY B 471 3.33 18.66 -15.12
N ASP B 472 3.73 17.66 -14.34
CA ASP B 472 4.71 16.72 -14.80
C ASP B 472 4.03 15.50 -15.28
N GLN B 473 3.95 15.33 -16.61
CA GLN B 473 3.61 14.03 -17.16
C GLN B 473 4.88 13.23 -17.45
N ASN B 474 4.77 11.91 -17.40
CA ASN B 474 5.80 11.09 -17.98
C ASN B 474 5.85 11.37 -19.52
N VAL B 475 7.04 11.08 -20.10
CA VAL B 475 7.17 11.06 -21.55
C VAL B 475 6.70 9.66 -22.05
N ASP B 476 5.44 9.29 -21.77
CA ASP B 476 4.88 7.96 -22.12
C ASP B 476 3.44 8.08 -22.50
N TRP B 477 2.87 6.89 -22.80
CA TRP B 477 1.53 6.80 -23.28
C TRP B 477 0.61 6.28 -22.21
N SER B 478 1.01 6.35 -20.95
CA SER B 478 0.17 5.74 -19.93
C SER B 478 -1.17 6.49 -19.78
N LEU B 479 -2.12 5.78 -19.19
CA LEU B 479 -3.34 6.43 -18.85
C LEU B 479 -3.18 7.39 -17.67
N ASP B 480 -2.48 6.97 -16.63
CA ASP B 480 -2.42 7.70 -15.36
C ASP B 480 -1.39 8.80 -15.27
N ASP B 481 -0.40 8.78 -16.18
CA ASP B 481 0.57 9.81 -16.14
C ASP B 481 1.12 10.18 -17.50
N GLY B 482 0.50 9.78 -18.58
CA GLY B 482 0.99 10.24 -19.90
C GLY B 482 0.06 11.29 -20.52
N LEU B 483 0.10 11.39 -21.85
CA LEU B 483 -0.69 12.40 -22.59
C LEU B 483 -2.20 12.38 -22.18
N ALA B 484 -2.76 11.19 -22.10
CA ALA B 484 -4.18 10.97 -21.76
C ALA B 484 -4.62 11.67 -20.48
N SER B 485 -3.75 11.66 -19.50
CA SER B 485 -4.11 12.10 -18.11
C SER B 485 -4.35 13.61 -18.09
N VAL B 486 -3.84 14.31 -19.10
CA VAL B 486 -4.04 15.80 -19.14
C VAL B 486 -5.56 16.12 -19.34
N VAL B 487 -6.32 15.21 -19.98
CA VAL B 487 -7.70 15.55 -20.27
C VAL B 487 -8.60 15.57 -19.00
N PRO B 488 -8.62 14.51 -18.23
CA PRO B 488 -9.35 14.64 -16.91
C PRO B 488 -8.85 15.83 -16.03
N ALA B 489 -7.56 16.15 -16.16
CA ALA B 489 -6.98 17.27 -15.44
C ALA B 489 -7.64 18.59 -15.86
N ALA B 490 -7.82 18.78 -17.18
CA ALA B 490 -8.44 20.07 -17.67
C ALA B 490 -9.96 20.10 -17.26
N LEU B 491 -10.62 18.98 -17.37
CA LEU B 491 -12.09 18.90 -17.24
C LEU B 491 -12.43 19.01 -15.72
N SER B 492 -11.71 18.28 -14.91
CA SER B 492 -11.84 18.37 -13.40
C SER B 492 -11.69 19.84 -12.95
N LEU B 493 -10.72 20.55 -13.52
CA LEU B 493 -10.47 21.96 -13.16
C LEU B 493 -11.55 22.83 -13.65
N ALA B 494 -12.01 22.63 -14.91
CA ALA B 494 -13.18 23.34 -15.49
C ALA B 494 -14.40 23.31 -14.56
N MET B 495 -14.70 22.15 -14.04
CA MET B 495 -15.73 21.91 -13.03
C MET B 495 -15.41 22.43 -11.64
N THR B 496 -14.18 22.88 -11.41
CA THR B 496 -13.80 23.51 -10.16
C THR B 496 -13.55 24.99 -10.41
N GLY B 497 -13.98 25.55 -11.55
CA GLY B 497 -13.89 27.02 -11.75
C GLY B 497 -12.62 27.56 -12.31
N HIS B 498 -11.74 26.66 -12.81
CA HIS B 498 -10.55 27.18 -13.55
C HIS B 498 -10.63 26.69 -15.02
N GLY B 499 -10.72 27.64 -15.94
CA GLY B 499 -10.97 27.33 -17.34
C GLY B 499 -9.89 27.62 -18.35
N LEU B 500 -8.65 27.84 -17.87
CA LEU B 500 -7.45 28.12 -18.71
C LEU B 500 -6.34 27.12 -18.33
N HIS B 501 -6.02 26.23 -19.22
CA HIS B 501 -5.24 24.95 -18.94
C HIS B 501 -4.41 24.53 -20.18
N HIS B 502 -3.14 24.22 -19.98
CA HIS B 502 -2.31 23.67 -21.04
C HIS B 502 -1.37 22.66 -20.43
N SER B 503 -0.66 21.97 -21.29
CA SER B 503 0.35 20.98 -20.87
C SER B 503 1.66 21.18 -21.64
N ASP B 504 2.74 20.58 -21.09
CA ASP B 504 4.04 20.60 -21.80
C ASP B 504 3.87 19.77 -23.06
N ILE B 505 4.10 20.35 -24.21
CA ILE B 505 4.15 19.56 -25.43
C ILE B 505 5.25 18.56 -25.39
N GLY B 506 4.83 17.30 -25.35
CA GLY B 506 5.72 16.16 -25.24
C GLY B 506 5.91 15.60 -23.88
N GLY B 507 5.26 16.17 -22.88
CA GLY B 507 5.41 15.73 -21.50
C GLY B 507 6.82 16.10 -20.92
N TYR B 508 7.17 15.56 -19.74
CA TYR B 508 8.27 16.15 -18.91
C TYR B 508 9.19 15.06 -18.35
N THR B 509 8.64 14.15 -17.56
CA THR B 509 9.44 13.27 -16.73
C THR B 509 10.13 12.20 -17.55
N THR B 510 11.45 12.20 -17.38
CA THR B 510 12.38 11.41 -18.13
C THR B 510 13.27 10.68 -17.08
N LEU B 511 12.89 9.47 -16.73
CA LEU B 511 13.50 8.71 -15.67
C LEU B 511 13.32 7.29 -16.02
N PHE B 512 14.15 6.43 -15.43
CA PHE B 512 13.98 4.98 -15.61
C PHE B 512 13.90 4.49 -17.03
N GLU B 513 14.79 4.94 -17.87
CA GLU B 513 14.65 4.53 -19.27
C GLU B 513 13.37 5.05 -20.02
N MET B 514 12.60 6.01 -19.46
CA MET B 514 11.56 6.63 -20.24
C MET B 514 12.24 7.69 -21.10
N LYS B 515 11.95 7.66 -22.38
CA LYS B 515 12.48 8.65 -23.33
C LYS B 515 11.41 9.08 -24.34
N ARG B 516 11.32 10.39 -24.54
CA ARG B 516 10.31 10.95 -25.40
C ARG B 516 10.60 10.57 -26.87
N SER B 517 9.69 9.84 -27.49
CA SER B 517 9.83 9.62 -28.96
C SER B 517 9.33 10.80 -29.80
N LYS B 518 9.72 10.78 -31.09
CA LYS B 518 9.19 11.72 -32.03
C LYS B 518 7.72 11.56 -32.16
N GLU B 519 7.23 10.32 -32.20
CA GLU B 519 5.79 10.10 -32.31
C GLU B 519 5.01 10.75 -31.17
N LEU B 520 5.48 10.57 -29.95
CA LEU B 520 4.86 11.22 -28.75
C LEU B 520 4.90 12.74 -28.85
N LEU B 521 6.04 13.29 -29.24
CA LEU B 521 6.14 14.72 -29.37
C LEU B 521 5.06 15.23 -30.39
N LEU B 522 4.93 14.59 -31.57
CA LEU B 522 4.08 15.08 -32.62
C LEU B 522 2.60 14.88 -32.26
N ARG B 523 2.28 13.75 -31.66
CA ARG B 523 0.93 13.58 -31.18
C ARG B 523 0.54 14.57 -30.10
N TRP B 524 1.50 14.98 -29.29
CA TRP B 524 1.21 15.91 -28.22
C TRP B 524 1.01 17.29 -28.80
N CYS B 525 1.80 17.61 -29.84
CA CYS B 525 1.67 18.89 -30.54
C CYS B 525 0.23 18.98 -31.17
N ASP B 526 -0.29 17.88 -31.75
CA ASP B 526 -1.61 17.80 -32.29
C ASP B 526 -2.71 18.13 -31.23
N PHE B 527 -2.52 17.58 -30.03
CA PHE B 527 -3.42 17.83 -28.88
C PHE B 527 -3.35 19.34 -28.47
N SER B 528 -2.16 19.85 -28.27
CA SER B 528 -2.01 21.22 -27.70
C SER B 528 -2.42 22.32 -28.62
N ALA B 529 -2.38 22.08 -29.94
CA ALA B 529 -2.91 23.02 -30.94
C ALA B 529 -4.46 23.25 -30.82
N PHE B 530 -5.12 22.37 -30.06
CA PHE B 530 -6.54 22.53 -29.69
C PHE B 530 -6.79 22.75 -28.20
N THR B 531 -5.97 23.65 -27.66
CA THR B 531 -5.98 24.11 -26.26
C THR B 531 -5.65 25.60 -26.35
N PRO B 532 -5.80 26.36 -25.23
CA PRO B 532 -5.55 27.80 -25.35
C PRO B 532 -4.11 28.22 -25.34
N MET B 533 -3.17 27.27 -25.21
CA MET B 533 -1.77 27.65 -25.19
C MET B 533 -0.85 26.53 -25.60
N MET B 534 0.12 26.90 -26.45
CA MET B 534 1.12 26.01 -26.94
C MET B 534 2.47 26.38 -26.38
N ARG B 535 3.09 25.43 -25.66
CA ARG B 535 4.38 25.61 -25.03
C ARG B 535 5.08 24.26 -24.85
N THR B 536 6.35 24.25 -25.24
CA THR B 536 7.22 23.07 -25.07
C THR B 536 8.02 23.06 -23.82
N HIS B 537 8.64 21.89 -23.55
CA HIS B 537 9.51 21.72 -22.40
C HIS B 537 10.57 20.72 -22.83
N GLU B 538 11.82 21.00 -22.48
CA GLU B 538 12.90 20.03 -22.82
C GLU B 538 12.82 18.61 -22.13
N GLY B 539 12.08 18.63 -21.00
CA GLY B 539 12.05 17.55 -20.00
C GLY B 539 13.28 17.75 -19.06
N ASN B 540 13.36 16.92 -18.00
CA ASN B 540 14.42 17.00 -17.00
C ASN B 540 15.77 16.50 -17.47
N ARG B 541 15.80 15.62 -18.48
CA ARG B 541 17.07 15.10 -19.12
C ARG B 541 17.01 15.45 -20.59
N PRO B 542 17.33 16.70 -20.88
CA PRO B 542 17.06 17.15 -22.28
C PRO B 542 17.64 16.29 -23.45
N GLY B 543 18.88 15.80 -23.28
CA GLY B 543 19.54 14.98 -24.33
C GLY B 543 18.94 13.59 -24.51
N ASP B 544 18.08 13.15 -23.57
CA ASP B 544 17.36 11.86 -23.75
C ASP B 544 16.08 11.92 -24.63
N ASN B 545 15.55 13.11 -24.87
CA ASN B 545 14.26 13.31 -25.49
C ASN B 545 14.34 13.92 -26.93
N TRP B 546 13.48 13.43 -27.78
CA TRP B 546 13.16 14.04 -29.06
C TRP B 546 12.67 15.47 -28.77
N GLN B 547 13.26 16.46 -29.43
CA GLN B 547 12.85 17.85 -29.29
C GLN B 547 12.27 18.51 -30.54
N PHE B 548 11.73 19.75 -30.38
CA PHE B 548 10.91 20.37 -31.43
C PHE B 548 11.66 20.62 -32.76
N ASP B 549 12.96 20.58 -32.69
CA ASP B 549 13.83 20.80 -33.86
C ASP B 549 14.65 19.58 -34.17
N GLY B 550 14.15 18.40 -33.81
CA GLY B 550 14.95 17.19 -33.95
C GLY B 550 15.28 16.83 -35.42
N ASP B 551 14.44 17.25 -36.37
CA ASP B 551 14.61 16.96 -37.81
C ASP B 551 13.58 17.74 -38.55
N ALA B 552 13.67 17.71 -39.88
CA ALA B 552 12.80 18.54 -40.71
C ALA B 552 11.31 18.11 -40.61
N GLU B 553 11.02 16.83 -40.50
CA GLU B 553 9.65 16.40 -40.32
C GLU B 553 9.04 16.98 -39.04
N THR B 554 9.84 17.03 -37.98
CA THR B 554 9.35 17.53 -36.68
C THR B 554 9.05 19.00 -36.80
N ILE B 555 9.95 19.74 -37.43
CA ILE B 555 9.84 21.21 -37.60
C ILE B 555 8.63 21.57 -38.46
N ALA B 556 8.41 20.87 -39.62
CA ALA B 556 7.32 21.18 -40.49
C ALA B 556 6.02 20.79 -39.80
N HIS B 557 6.05 19.75 -38.96
CA HIS B 557 4.86 19.41 -38.16
C HIS B 557 4.48 20.56 -37.21
N PHE B 558 5.46 21.16 -36.51
CA PHE B 558 5.25 22.33 -35.69
C PHE B 558 4.73 23.48 -36.54
N ALA B 559 5.31 23.67 -37.77
CA ALA B 559 4.80 24.70 -38.68
C ALA B 559 3.30 24.50 -39.00
N ARG B 560 2.89 23.28 -39.35
CA ARG B 560 1.53 22.99 -39.65
C ARG B 560 0.58 23.26 -38.45
N MET B 561 0.93 22.71 -37.30
CA MET B 561 -0.02 22.70 -36.17
C MET B 561 -0.05 24.07 -35.48
N THR B 562 1.05 24.78 -35.49
CA THR B 562 1.05 26.19 -35.05
C THR B 562 0.23 27.06 -35.98
N THR B 563 0.23 26.78 -37.30
CA THR B 563 -0.68 27.46 -38.20
C THR B 563 -2.15 27.17 -37.91
N VAL B 564 -2.45 25.94 -37.59
CA VAL B 564 -3.79 25.55 -37.17
C VAL B 564 -4.20 26.37 -35.96
N PHE B 565 -3.32 26.41 -34.98
CA PHE B 565 -3.59 27.07 -33.69
C PHE B 565 -3.81 28.57 -33.93
N THR B 566 -2.92 29.15 -34.70
CA THR B 566 -3.08 30.62 -34.92
C THR B 566 -4.33 30.95 -35.77
N THR B 567 -4.77 30.06 -36.67
CA THR B 567 -5.98 30.25 -37.42
C THR B 567 -7.22 30.29 -36.50
N LEU B 568 -7.21 29.47 -35.45
CA LEU B 568 -8.24 29.55 -34.41
C LEU B 568 -8.28 30.80 -33.52
N LYS B 569 -7.30 31.66 -33.59
CA LYS B 569 -7.15 32.83 -32.64
C LYS B 569 -8.49 33.56 -32.28
N PRO B 570 -9.30 33.92 -33.31
CA PRO B 570 -10.51 34.68 -32.95
C PRO B 570 -11.55 33.90 -32.22
N TYR B 571 -11.62 32.63 -32.54
CA TYR B 571 -12.47 31.71 -31.87
C TYR B 571 -12.04 31.45 -30.45
N LEU B 572 -10.73 31.22 -30.28
CA LEU B 572 -10.15 31.07 -28.92
C LEU B 572 -10.30 32.29 -28.04
N LYS B 573 -10.06 33.43 -28.62
CA LYS B 573 -10.17 34.67 -27.91
C LYS B 573 -11.63 34.93 -27.42
N GLU B 574 -12.63 34.62 -28.24
CA GLU B 574 -14.02 34.67 -27.80
C GLU B 574 -14.27 33.75 -26.63
N ALA B 575 -13.76 32.49 -26.71
CA ALA B 575 -13.95 31.54 -25.62
C ALA B 575 -13.30 32.02 -24.30
N VAL B 576 -12.10 32.56 -24.41
CA VAL B 576 -11.35 33.12 -23.23
C VAL B 576 -12.09 34.34 -22.62
N ALA B 577 -12.62 35.23 -23.50
CA ALA B 577 -13.59 36.30 -23.05
C ALA B 577 -14.79 35.74 -22.28
N LEU B 578 -15.45 34.73 -22.80
CA LEU B 578 -16.52 34.06 -22.02
C LEU B 578 -16.10 33.46 -20.70
N ASN B 579 -14.90 32.85 -20.66
CA ASN B 579 -14.34 32.37 -19.38
C ASN B 579 -14.15 33.48 -18.35
N ALA B 580 -13.58 34.60 -18.80
CA ALA B 580 -13.36 35.75 -17.92
C ALA B 580 -14.70 36.38 -17.37
N LYS B 581 -15.73 36.36 -18.21
CA LYS B 581 -17.03 37.00 -17.94
C LYS B 581 -17.90 36.18 -17.02
N SER B 582 -17.95 34.88 -17.22
CA SER B 582 -18.94 34.07 -16.60
C SER B 582 -18.48 32.69 -16.21
N GLY B 583 -17.17 32.40 -16.29
CA GLY B 583 -16.67 31.09 -15.78
C GLY B 583 -17.01 29.92 -16.66
N LEU B 584 -17.39 30.18 -17.93
CA LEU B 584 -17.67 29.16 -18.90
C LEU B 584 -16.23 28.73 -19.41
N PRO B 585 -15.78 27.50 -19.05
CA PRO B 585 -14.33 27.17 -19.28
C PRO B 585 -14.01 26.94 -20.75
N VAL B 586 -12.74 27.15 -21.13
CA VAL B 586 -12.36 26.98 -22.54
C VAL B 586 -12.45 25.50 -23.05
N MET B 587 -11.98 24.54 -22.25
CA MET B 587 -12.10 23.12 -22.55
C MET B 587 -13.24 22.62 -21.71
N ARG B 588 -14.26 22.08 -22.36
CA ARG B 588 -15.54 21.81 -21.70
C ARG B 588 -15.89 20.33 -21.72
N PRO B 589 -16.39 19.80 -20.59
CA PRO B 589 -17.01 18.48 -20.59
C PRO B 589 -18.21 18.45 -21.52
N LEU B 590 -18.43 17.35 -22.22
CA LEU B 590 -19.47 17.35 -23.27
C LEU B 590 -20.92 17.63 -22.67
N PHE B 591 -21.12 17.27 -21.41
CA PHE B 591 -22.44 17.42 -20.80
C PHE B 591 -22.75 18.86 -20.55
N LEU B 592 -21.78 19.77 -20.60
CA LEU B 592 -22.17 21.18 -20.52
C LEU B 592 -23.16 21.59 -21.63
N HIS B 593 -23.03 20.97 -22.82
CA HIS B 593 -23.88 21.35 -23.94
C HIS B 593 -24.78 20.27 -24.41
N TYR B 594 -24.62 19.05 -23.91
CA TYR B 594 -25.39 17.91 -24.27
C TYR B 594 -25.89 17.23 -22.98
N GLU B 595 -26.56 18.02 -22.14
CA GLU B 595 -27.02 17.55 -20.79
C GLU B 595 -27.92 16.35 -20.80
N ASP B 596 -28.70 16.17 -21.88
CA ASP B 596 -29.66 15.07 -21.96
C ASP B 596 -29.01 13.78 -22.43
N ASP B 597 -27.71 13.79 -22.75
CA ASP B 597 -27.06 12.59 -23.26
C ASP B 597 -26.30 11.87 -22.13
N ALA B 598 -26.83 10.74 -21.70
CA ALA B 598 -26.32 9.99 -20.56
C ALA B 598 -24.88 9.57 -20.77
N HIS B 599 -24.48 9.28 -22.01
CA HIS B 599 -23.17 8.77 -22.27
C HIS B 599 -22.10 9.84 -22.05
N THR B 600 -22.44 11.10 -22.18
CA THR B 600 -21.42 12.18 -22.05
C THR B 600 -20.87 12.32 -20.58
N TYR B 601 -21.60 11.81 -19.59
CA TYR B 601 -21.22 11.96 -18.18
C TYR B 601 -20.09 11.03 -17.79
N THR B 602 -19.78 9.99 -18.56
CA THR B 602 -18.72 9.05 -18.17
C THR B 602 -17.47 9.17 -19.08
N LEU B 603 -17.47 10.12 -20.00
CA LEU B 603 -16.26 10.37 -20.82
C LEU B 603 -15.18 11.04 -19.94
N LYS B 604 -13.93 10.69 -20.24
CA LYS B 604 -12.72 11.15 -19.53
C LYS B 604 -11.69 11.76 -20.52
N TYR B 605 -11.66 11.29 -21.77
CA TYR B 605 -10.55 11.57 -22.71
C TYR B 605 -10.93 12.38 -23.92
N GLN B 606 -12.09 13.01 -23.88
CA GLN B 606 -12.49 13.96 -24.93
C GLN B 606 -13.20 15.09 -24.31
N TYR B 607 -13.28 16.17 -25.09
CA TYR B 607 -13.72 17.46 -24.64
C TYR B 607 -14.18 18.34 -25.79
N LEU B 608 -14.94 19.38 -25.44
CA LEU B 608 -15.26 20.45 -26.36
C LEU B 608 -14.35 21.64 -26.19
N LEU B 609 -13.85 22.18 -27.31
CA LEU B 609 -13.09 23.40 -27.25
C LEU B 609 -14.02 24.50 -27.70
N GLY B 610 -14.29 25.38 -26.79
CA GLY B 610 -15.50 26.23 -26.88
C GLY B 610 -16.75 25.41 -27.08
N ARG B 611 -17.75 26.05 -27.68
CA ARG B 611 -19.01 25.37 -28.00
C ARG B 611 -18.95 24.39 -29.18
N ASP B 612 -18.16 24.73 -30.22
CA ASP B 612 -18.35 24.16 -31.54
C ASP B 612 -17.32 23.19 -32.03
N ILE B 613 -16.25 22.90 -31.23
CA ILE B 613 -15.24 21.91 -31.68
C ILE B 613 -15.18 20.75 -30.70
N LEU B 614 -15.31 19.53 -31.22
CA LEU B 614 -15.11 18.33 -30.41
C LEU B 614 -13.72 17.77 -30.66
N VAL B 615 -12.98 17.50 -29.59
CA VAL B 615 -11.56 16.97 -29.72
C VAL B 615 -11.45 15.64 -28.96
N ALA B 616 -10.88 14.63 -29.60
CA ALA B 616 -10.61 13.35 -28.90
C ALA B 616 -9.13 12.97 -29.20
N PRO B 617 -8.19 13.46 -28.39
CA PRO B 617 -6.72 13.37 -28.70
C PRO B 617 -6.34 11.93 -28.75
N VAL B 618 -5.54 11.56 -29.75
CA VAL B 618 -4.97 10.18 -29.77
C VAL B 618 -3.93 10.09 -28.64
N HIS B 619 -4.09 9.12 -27.74
CA HIS B 619 -3.28 8.99 -26.55
C HIS B 619 -2.65 7.61 -26.41
N GLU B 620 -2.68 6.76 -27.49
CA GLU B 620 -1.96 5.47 -27.55
C GLU B 620 -0.90 5.50 -28.68
N GLU B 621 0.21 4.81 -28.42
CA GLU B 621 1.28 4.64 -29.39
C GLU B 621 0.79 3.76 -30.60
N GLY B 622 1.30 4.07 -31.80
CA GLY B 622 1.11 3.27 -32.97
C GLY B 622 -0.25 3.19 -33.55
N ARG B 623 -1.09 4.19 -33.35
CA ARG B 623 -2.46 4.13 -33.88
C ARG B 623 -2.51 4.75 -35.30
N SER B 624 -3.29 4.18 -36.21
CA SER B 624 -3.60 4.82 -37.49
C SER B 624 -5.03 5.32 -37.56
N ASP B 625 -5.86 4.91 -36.60
CA ASP B 625 -7.23 5.38 -36.47
C ASP B 625 -7.55 5.59 -34.96
N TRP B 626 -8.77 6.05 -34.68
CA TRP B 626 -9.15 6.41 -33.29
C TRP B 626 -10.68 6.28 -33.17
N THR B 627 -11.14 5.91 -31.99
CA THR B 627 -12.56 5.69 -31.77
C THR B 627 -13.00 6.56 -30.64
N LEU B 628 -14.10 7.28 -30.83
CA LEU B 628 -14.59 8.28 -29.88
C LEU B 628 -16.10 8.36 -29.98
N TYR B 629 -16.71 9.15 -29.12
CA TYR B 629 -18.15 9.38 -29.08
C TYR B 629 -18.58 10.73 -29.60
N LEU B 630 -19.58 10.79 -30.51
CA LEU B 630 -20.16 12.04 -30.91
C LEU B 630 -21.57 12.13 -30.29
N PRO B 631 -21.87 13.21 -29.54
CA PRO B 631 -23.32 13.35 -29.21
C PRO B 631 -24.16 13.77 -30.47
N GLU B 632 -25.49 13.80 -30.31
CA GLU B 632 -26.37 14.01 -31.46
C GLU B 632 -26.23 15.45 -31.95
N ASP B 633 -25.63 15.65 -33.11
CA ASP B 633 -25.48 16.99 -33.64
C ASP B 633 -25.02 16.74 -35.11
N ASN B 634 -24.94 17.79 -35.88
CA ASN B 634 -24.32 17.71 -37.23
C ASN B 634 -22.83 18.04 -37.20
N TRP B 635 -22.03 16.98 -37.14
CA TRP B 635 -20.58 17.11 -37.03
C TRP B 635 -19.92 17.07 -38.40
N VAL B 636 -18.85 17.83 -38.54
CA VAL B 636 -17.98 17.79 -39.72
C VAL B 636 -16.56 17.45 -39.27
N HIS B 637 -16.00 16.36 -39.77
CA HIS B 637 -14.59 16.02 -39.51
C HIS B 637 -13.67 17.11 -40.11
N ALA B 638 -12.77 17.65 -39.29
CA ALA B 638 -12.03 18.89 -39.66
C ALA B 638 -11.12 18.76 -40.91
N TRP B 639 -10.54 17.59 -41.12
CA TRP B 639 -9.51 17.40 -42.17
C TRP B 639 -10.08 16.90 -43.51
N THR B 640 -11.26 16.27 -43.48
CA THR B 640 -11.87 15.63 -44.69
C THR B 640 -13.19 16.27 -45.08
N GLY B 641 -13.83 17.00 -44.15
CA GLY B 641 -15.18 17.44 -44.38
C GLY B 641 -16.27 16.36 -44.30
N GLU B 642 -15.95 15.12 -43.96
CA GLU B 642 -16.96 14.10 -43.83
C GLU B 642 -17.96 14.46 -42.71
N ALA B 643 -19.24 14.23 -42.97
CA ALA B 643 -20.33 14.51 -42.06
C ALA B 643 -20.73 13.29 -41.26
N PHE B 644 -21.03 13.51 -39.98
CA PHE B 644 -21.38 12.42 -39.07
C PHE B 644 -22.49 12.88 -38.15
N ARG B 645 -23.21 11.91 -37.63
CA ARG B 645 -24.29 12.20 -36.72
CA ARG B 645 -24.37 12.03 -36.75
C ARG B 645 -23.92 11.55 -35.35
N GLY B 646 -24.82 11.55 -34.40
CA GLY B 646 -24.52 10.96 -33.10
C GLY B 646 -24.17 9.49 -33.12
N GLY B 647 -23.31 9.09 -32.19
CA GLY B 647 -22.97 7.67 -31.91
C GLY B 647 -21.43 7.58 -31.83
N GLU B 648 -20.97 6.37 -31.58
CA GLU B 648 -19.60 6.05 -31.55
C GLU B 648 -19.09 6.09 -33.00
N VAL B 649 -17.85 6.55 -33.21
CA VAL B 649 -17.30 6.71 -34.58
C VAL B 649 -15.85 6.33 -34.50
N THR B 650 -15.34 5.68 -35.54
CA THR B 650 -13.91 5.43 -35.70
C THR B 650 -13.44 6.15 -36.94
N VAL B 651 -12.36 6.94 -36.88
CA VAL B 651 -11.86 7.70 -38.01
C VAL B 651 -10.37 7.45 -38.20
N ASN B 652 -9.89 7.64 -39.44
CA ASN B 652 -8.46 7.63 -39.65
C ASN B 652 -7.87 8.83 -38.95
N ALA B 653 -6.70 8.65 -38.38
CA ALA B 653 -6.11 9.68 -37.53
C ALA B 653 -4.58 9.61 -37.66
N PRO B 654 -4.08 9.90 -38.86
CA PRO B 654 -2.64 10.01 -38.93
C PRO B 654 -2.21 11.28 -38.14
N ILE B 655 -0.90 11.34 -37.85
CA ILE B 655 -0.30 12.44 -37.14
C ILE B 655 -0.51 13.68 -38.00
N GLY B 656 -0.90 14.76 -37.38
CA GLY B 656 -1.22 15.99 -38.09
C GLY B 656 -2.70 16.10 -38.47
N LYS B 657 -3.46 14.99 -38.35
CA LYS B 657 -4.93 15.03 -38.58
C LYS B 657 -5.62 14.47 -37.35
N PRO B 658 -5.47 15.12 -36.22
CA PRO B 658 -6.11 14.61 -34.98
C PRO B 658 -7.65 14.51 -35.08
N PRO B 659 -8.26 13.61 -34.26
CA PRO B 659 -9.72 13.47 -34.26
C PRO B 659 -10.46 14.65 -33.72
N VAL B 660 -10.71 15.61 -34.62
CA VAL B 660 -11.32 16.90 -34.34
C VAL B 660 -12.55 17.08 -35.26
N PHE B 661 -13.70 17.39 -34.66
CA PHE B 661 -14.96 17.61 -35.39
C PHE B 661 -15.54 18.98 -35.07
N TYR B 662 -16.14 19.65 -36.02
CA TYR B 662 -16.83 20.84 -35.75
C TYR B 662 -18.33 20.83 -36.09
N ARG B 663 -19.08 21.74 -35.47
CA ARG B 663 -20.57 21.81 -35.72
C ARG B 663 -20.83 22.53 -37.05
N ALA B 664 -21.44 21.79 -37.97
CA ALA B 664 -21.85 22.34 -39.28
C ALA B 664 -22.59 23.68 -39.11
N ASP B 665 -23.36 23.83 -38.03
CA ASP B 665 -24.17 25.02 -37.81
C ASP B 665 -23.46 26.15 -37.08
N SER B 666 -22.21 25.99 -36.71
CA SER B 666 -21.53 27.01 -36.01
C SER B 666 -21.44 28.25 -36.86
N GLU B 667 -21.49 29.41 -36.23
CA GLU B 667 -21.26 30.64 -36.97
C GLU B 667 -19.81 30.75 -37.40
N TRP B 668 -18.95 29.91 -36.82
CA TRP B 668 -17.55 29.92 -37.19
C TRP B 668 -17.20 28.90 -38.29
N ALA B 669 -18.20 28.21 -38.86
CA ALA B 669 -17.97 27.12 -39.80
C ALA B 669 -17.04 27.44 -40.95
N ALA B 670 -17.09 28.66 -41.45
CA ALA B 670 -16.22 29.04 -42.55
C ALA B 670 -14.74 29.06 -42.12
N LEU B 671 -14.46 29.56 -40.91
CA LEU B 671 -13.11 29.46 -40.36
C LEU B 671 -12.70 27.99 -40.26
N PHE B 672 -13.56 27.16 -39.68
CA PHE B 672 -13.16 25.79 -39.45
C PHE B 672 -12.95 25.04 -40.76
N ALA B 673 -13.78 25.33 -41.76
CA ALA B 673 -13.57 24.74 -43.07
C ALA B 673 -12.23 25.06 -43.75
N SER B 674 -11.65 26.19 -43.41
CA SER B 674 -10.34 26.58 -43.92
C SER B 674 -9.15 25.78 -43.34
N LEU B 675 -9.33 25.12 -42.21
CA LEU B 675 -8.23 24.41 -41.51
C LEU B 675 -7.54 23.38 -42.35
N LYS B 676 -8.31 22.54 -43.01
CA LYS B 676 -7.76 21.45 -43.79
C LYS B 676 -6.77 21.92 -44.93
N SER B 677 -7.04 23.07 -45.51
CA SER B 677 -6.23 23.59 -46.60
C SER B 677 -4.90 24.18 -46.11
N ILE B 678 -4.69 24.29 -44.79
CA ILE B 678 -3.35 24.51 -44.27
C ILE B 678 -2.50 23.32 -44.64
#